data_2XNV
#
_entry.id   2XNV
#
_cell.length_a   145.140
_cell.length_b   145.140
_cell.length_c   269.760
_cell.angle_alpha   90.00
_cell.angle_beta   90.00
_cell.angle_gamma   90.00
#
_symmetry.space_group_name_H-M   'P 41 21 2'
#
loop_
_entity.id
_entity.type
_entity.pdbx_description
1 polymer 'SOLUBLE ACETYLCHOLINE RECEPTOR'
2 non-polymer 2-(2-(4-PHENYLPIPERIDIN-1-YL)ETHYL)-1H-INDOLE
3 water water
#
_entity_poly.entity_id   1
_entity_poly.type   'polypeptide(L)'
_entity_poly.pdbx_seq_one_letter_code
;MLVSVYLALLVACVGQAHSQANLMRLKSDLFNRSPMYPGPTKDDPLTVTLGFTLQDIVKVDSSTNEVDLVYYEQQRWKLN
SLMWDPNEYGNITDFRTSAADIWTPDITAYSSTRPVQVLSPQIAVVTHDGSVMFIPAQRLSFMCDPTGVDSEEGVTCAVK
FGSWVYSGFEIDLKTDTDQVDLSSYYASSKYEILSATQTRQVQHYSCCPEPYIDVNLVVKFRERRAGNGFFRNLFD
;
_entity_poly.pdbx_strand_id   A,B,C,D,E,F,G,H,I,J
#
loop_
_chem_comp.id
_chem_comp.type
_chem_comp.name
_chem_comp.formula
VU3 non-polymer 2-(2-(4-PHENYLPIPERIDIN-1-YL)ETHYL)-1H-INDOLE 'C21 H24 N2'
#
# COMPACT_ATOMS: atom_id res chain seq x y z
N GLN A 20 -12.11 34.96 58.27
CA GLN A 20 -11.39 33.89 57.58
C GLN A 20 -12.05 32.54 57.87
N ALA A 21 -12.33 32.23 59.14
CA ALA A 21 -12.92 30.97 59.61
C ALA A 21 -14.26 30.67 58.94
N ASN A 22 -15.17 31.68 58.88
CA ASN A 22 -16.48 31.56 58.25
C ASN A 22 -16.38 31.35 56.75
N LEU A 23 -15.42 32.03 56.09
CA LEU A 23 -15.19 31.90 54.65
C LEU A 23 -14.58 30.53 54.34
N MET A 24 -13.64 30.07 55.16
CA MET A 24 -13.02 28.74 55.02
C MET A 24 -14.09 27.65 55.10
N ARG A 25 -15.03 27.82 56.03
CA ARG A 25 -16.17 26.92 56.26
C ARG A 25 -17.13 26.93 55.06
N LEU A 26 -17.45 28.13 54.53
CA LEU A 26 -18.32 28.29 53.37
C LEU A 26 -17.76 27.59 52.15
N LYS A 27 -16.50 27.86 51.81
CA LYS A 27 -15.80 27.26 50.68
C LYS A 27 -15.75 25.73 50.81
N SER A 28 -15.45 25.24 52.01
CA SER A 28 -15.43 23.81 52.30
C SER A 28 -16.83 23.20 52.07
N ASP A 29 -17.89 23.87 52.54
CA ASP A 29 -19.25 23.37 52.35
C ASP A 29 -19.71 23.44 50.90
N LEU A 30 -19.29 24.46 50.14
CA LEU A 30 -19.68 24.59 48.75
C LEU A 30 -18.87 23.70 47.83
N PHE A 31 -17.56 23.52 48.09
CA PHE A 31 -16.69 22.82 47.15
C PHE A 31 -16.26 21.41 47.56
N ASN A 32 -16.21 21.09 48.85
CA ASN A 32 -15.73 19.76 49.25
C ASN A 32 -16.88 18.82 49.57
N ARG A 33 -18.12 19.32 49.57
CA ARG A 33 -19.25 18.47 49.92
C ARG A 33 -19.80 17.77 48.70
N SER A 34 -20.40 18.54 47.80
CA SER A 34 -21.11 18.06 46.61
C SER A 34 -20.18 18.01 45.38
N PRO A 35 -20.47 17.15 44.35
CA PRO A 35 -19.63 17.16 43.14
C PRO A 35 -19.74 18.49 42.42
N MET A 36 -18.77 18.84 41.56
CA MET A 36 -18.86 20.08 40.81
C MET A 36 -20.02 20.02 39.81
N TYR A 37 -20.61 21.20 39.54
CA TYR A 37 -21.68 21.41 38.59
C TYR A 37 -21.25 20.79 37.24
N PRO A 38 -22.07 19.85 36.70
CA PRO A 38 -21.67 19.15 35.47
C PRO A 38 -21.91 19.95 34.17
N GLY A 39 -22.30 21.21 34.29
CA GLY A 39 -22.62 22.06 33.15
C GLY A 39 -24.12 22.01 32.88
N PRO A 40 -24.66 22.91 32.01
CA PRO A 40 -26.10 22.92 31.79
C PRO A 40 -26.58 21.80 30.85
N THR A 41 -27.90 21.59 30.82
CA THR A 41 -28.61 20.64 29.94
C THR A 41 -29.84 21.34 29.39
N LYS A 42 -30.56 20.69 28.45
CA LYS A 42 -31.79 21.23 27.88
C LYS A 42 -32.83 21.43 28.99
N ASP A 43 -32.87 20.52 29.98
CA ASP A 43 -33.81 20.57 31.10
C ASP A 43 -33.42 21.62 32.15
N ASP A 44 -32.10 21.92 32.28
CA ASP A 44 -31.62 22.92 33.23
C ASP A 44 -30.71 23.91 32.50
N PRO A 45 -31.28 24.75 31.60
CA PRO A 45 -30.42 25.68 30.82
C PRO A 45 -29.80 26.76 31.68
N LEU A 46 -28.79 27.41 31.15
CA LEU A 46 -28.08 28.47 31.85
C LEU A 46 -27.97 29.70 30.98
N THR A 47 -28.18 30.87 31.56
CA THR A 47 -28.00 32.13 30.84
C THR A 47 -26.65 32.70 31.24
N VAL A 48 -25.83 33.04 30.25
CA VAL A 48 -24.53 33.67 30.45
C VAL A 48 -24.61 35.07 29.86
N THR A 49 -24.30 36.07 30.66
CA THR A 49 -24.29 37.46 30.22
C THR A 49 -22.86 37.83 29.91
N LEU A 50 -22.65 38.40 28.74
CA LEU A 50 -21.36 38.82 28.22
C LEU A 50 -21.31 40.30 28.03
N GLY A 51 -20.17 40.87 28.31
CA GLY A 51 -19.89 42.28 28.11
C GLY A 51 -18.42 42.48 27.84
N PHE A 52 -18.09 43.36 26.91
CA PHE A 52 -16.70 43.62 26.56
C PHE A 52 -16.29 45.04 26.90
N THR A 53 -15.07 45.18 27.42
CA THR A 53 -14.38 46.43 27.71
C THR A 53 -13.13 46.40 26.85
N LEU A 54 -13.11 47.19 25.76
CA LEU A 54 -11.96 47.27 24.86
C LEU A 54 -10.92 48.26 25.37
N GLN A 55 -9.71 47.74 25.62
CA GLN A 55 -8.57 48.51 26.12
C GLN A 55 -7.70 49.05 25.01
N ASP A 56 -7.37 48.20 24.03
CA ASP A 56 -6.49 48.58 22.94
C ASP A 56 -6.59 47.66 21.75
N ILE A 57 -6.37 48.22 20.55
CA ILE A 57 -6.15 47.52 19.31
C ILE A 57 -4.66 47.61 19.26
N VAL A 58 -4.01 46.53 19.63
CA VAL A 58 -2.57 46.60 19.86
C VAL A 58 -1.75 46.33 18.56
N LYS A 59 -2.28 45.52 17.63
CA LYS A 59 -1.60 45.20 16.39
C LYS A 59 -2.60 44.97 15.28
N VAL A 60 -2.19 45.34 14.08
CA VAL A 60 -2.89 45.15 12.83
C VAL A 60 -1.86 44.53 11.88
N ASP A 61 -2.17 43.40 11.25
CA ASP A 61 -1.24 42.76 10.31
C ASP A 61 -1.94 42.61 8.96
N SER A 62 -1.59 43.49 8.01
CA SER A 62 -2.18 43.51 6.67
C SER A 62 -1.59 42.41 5.76
N SER A 63 -0.51 41.74 6.18
CA SER A 63 0.07 40.67 5.37
C SER A 63 -0.60 39.32 5.64
N THR A 64 -1.21 39.16 6.84
CA THR A 64 -1.87 37.92 7.25
C THR A 64 -3.35 38.12 7.52
N ASN A 65 -3.82 39.38 7.61
CA ASN A 65 -5.19 39.77 7.93
C ASN A 65 -5.56 39.29 9.36
N GLU A 66 -4.75 39.73 10.33
CA GLU A 66 -4.93 39.45 11.74
C GLU A 66 -4.89 40.75 12.50
N VAL A 67 -5.79 40.91 13.46
CA VAL A 67 -5.82 42.09 14.31
C VAL A 67 -5.79 41.58 15.75
N ASP A 68 -4.98 42.26 16.61
CA ASP A 68 -4.83 41.93 18.02
C ASP A 68 -5.55 42.93 18.89
N LEU A 69 -6.46 42.44 19.73
CA LEU A 69 -7.18 43.27 20.68
C LEU A 69 -6.82 42.90 22.07
N VAL A 70 -6.84 43.86 22.97
CA VAL A 70 -6.73 43.63 24.40
C VAL A 70 -8.05 44.12 24.98
N TYR A 71 -8.73 43.26 25.74
CA TYR A 71 -10.03 43.57 26.29
C TYR A 71 -10.28 42.80 27.57
N TYR A 72 -11.30 43.23 28.33
CA TYR A 72 -11.82 42.52 29.50
C TYR A 72 -13.13 41.92 29.07
N GLU A 73 -13.31 40.64 29.34
CA GLU A 73 -14.55 39.98 28.97
C GLU A 73 -15.32 39.69 30.25
N GLN A 74 -16.39 40.44 30.52
CA GLN A 74 -17.21 40.19 31.70
C GLN A 74 -18.16 39.07 31.41
N GLN A 75 -18.14 38.04 32.28
CA GLN A 75 -19.03 36.89 32.21
C GLN A 75 -19.81 36.77 33.50
N ARG A 76 -21.14 36.67 33.38
CA ARG A 76 -22.01 36.49 34.53
C ARG A 76 -22.95 35.34 34.29
N TRP A 77 -23.14 34.49 35.30
CA TRP A 77 -24.10 33.40 35.29
C TRP A 77 -24.50 33.14 36.74
N LYS A 78 -25.51 32.29 36.95
CA LYS A 78 -26.05 32.00 38.27
C LYS A 78 -26.28 30.50 38.43
N LEU A 79 -25.79 29.92 39.53
CA LEU A 79 -25.97 28.50 39.83
C LEU A 79 -26.64 28.30 41.15
N ASN A 80 -27.66 27.44 41.20
CA ASN A 80 -28.34 27.09 42.44
C ASN A 80 -27.37 26.41 43.41
N SER A 81 -26.42 25.61 42.90
CA SER A 81 -25.44 24.88 43.71
C SER A 81 -24.40 25.79 44.37
N LEU A 82 -24.36 27.09 43.98
CA LEU A 82 -23.44 28.07 44.56
C LEU A 82 -24.15 29.02 45.53
N MET A 83 -25.42 28.75 45.82
CA MET A 83 -26.21 29.55 46.75
C MET A 83 -25.92 29.16 48.19
N TRP A 84 -26.01 30.14 49.09
CA TRP A 84 -25.90 29.93 50.53
C TRP A 84 -26.65 31.03 51.26
N ASP A 85 -27.00 30.74 52.50
CA ASP A 85 -27.64 31.69 53.38
C ASP A 85 -26.54 32.43 54.13
N PRO A 86 -26.37 33.77 53.91
CA PRO A 86 -25.33 34.52 54.63
C PRO A 86 -25.40 34.37 56.14
N ASN A 87 -26.62 34.20 56.72
CA ASN A 87 -26.86 34.05 58.15
C ASN A 87 -26.14 32.84 58.75
N GLU A 88 -25.97 31.78 57.95
CA GLU A 88 -25.31 30.53 58.34
C GLU A 88 -23.78 30.65 58.27
N TYR A 89 -23.25 31.77 57.64
CA TYR A 89 -21.81 31.96 57.41
C TYR A 89 -21.31 33.35 57.75
N GLY A 90 -21.55 33.78 58.98
CA GLY A 90 -21.10 35.07 59.51
C GLY A 90 -21.39 36.26 58.63
N ASN A 91 -22.58 36.27 58.00
CA ASN A 91 -23.13 37.31 57.11
C ASN A 91 -22.24 37.58 55.86
N ILE A 92 -21.54 36.53 55.35
CA ILE A 92 -20.74 36.62 54.10
C ILE A 92 -21.75 36.60 52.96
N THR A 93 -21.70 37.64 52.12
CA THR A 93 -22.64 37.79 50.99
C THR A 93 -21.98 37.45 49.66
N ASP A 94 -20.66 37.47 49.63
CA ASP A 94 -19.86 37.15 48.45
C ASP A 94 -18.42 36.84 48.83
N PHE A 95 -17.72 36.13 47.93
CA PHE A 95 -16.32 35.80 48.10
C PHE A 95 -15.63 35.64 46.75
N ARG A 96 -14.31 35.71 46.77
CA ARG A 96 -13.44 35.53 45.64
C ARG A 96 -12.80 34.16 45.69
N THR A 97 -12.79 33.47 44.55
CA THR A 97 -12.18 32.15 44.48
C THR A 97 -11.58 31.95 43.09
N SER A 98 -10.56 31.10 43.00
CA SER A 98 -9.91 30.70 41.75
C SER A 98 -10.97 30.15 40.83
N ALA A 99 -10.98 30.58 39.57
CA ALA A 99 -11.95 30.12 38.57
C ALA A 99 -11.88 28.60 38.35
N ALA A 100 -10.76 27.96 38.75
CA ALA A 100 -10.54 26.52 38.65
C ALA A 100 -11.40 25.73 39.66
N ASP A 101 -11.85 26.39 40.76
CA ASP A 101 -12.68 25.79 41.82
C ASP A 101 -14.15 25.66 41.41
N ILE A 102 -14.54 26.39 40.37
CA ILE A 102 -15.91 26.42 39.88
C ILE A 102 -15.98 26.08 38.39
N TRP A 103 -17.20 25.78 37.94
CA TRP A 103 -17.51 25.56 36.54
C TRP A 103 -17.51 26.95 35.89
N THR A 104 -16.97 27.07 34.68
CA THR A 104 -16.96 28.31 33.91
C THR A 104 -17.47 27.99 32.51
N PRO A 105 -18.21 28.91 31.85
CA PRO A 105 -18.68 28.61 30.49
C PRO A 105 -17.52 28.59 29.47
N ASP A 106 -17.68 27.76 28.42
CA ASP A 106 -16.70 27.56 27.35
C ASP A 106 -16.85 28.62 26.24
N ILE A 107 -17.01 29.90 26.63
CA ILE A 107 -17.15 31.02 25.71
C ILE A 107 -15.84 31.20 24.96
N THR A 108 -15.92 31.16 23.65
CA THR A 108 -14.78 31.25 22.76
C THR A 108 -15.02 32.22 21.64
N ALA A 109 -13.93 32.83 21.16
CA ALA A 109 -13.94 33.61 19.94
C ALA A 109 -14.00 32.60 18.79
N TYR A 110 -14.90 32.80 17.82
CA TYR A 110 -15.09 31.82 16.74
C TYR A 110 -14.13 32.00 15.58
N SER A 111 -13.34 33.09 15.56
CA SER A 111 -12.45 33.35 14.43
C SER A 111 -11.05 33.82 14.91
N SER A 112 -10.60 33.29 16.02
CA SER A 112 -9.24 33.55 16.53
C SER A 112 -8.22 32.83 15.61
N THR A 113 -6.98 33.33 15.60
CA THR A 113 -5.92 32.77 14.77
C THR A 113 -4.78 32.26 15.65
N ARG A 114 -4.83 32.59 16.95
CA ARG A 114 -3.82 32.17 17.92
CA ARG A 114 -3.84 32.19 17.95
C ARG A 114 -4.53 31.84 19.23
N PRO A 115 -3.95 30.96 20.12
CA PRO A 115 -4.60 30.74 21.43
C PRO A 115 -4.70 32.09 22.18
N VAL A 116 -5.83 32.33 22.84
CA VAL A 116 -6.07 33.58 23.57
C VAL A 116 -5.09 33.65 24.76
N GLN A 117 -4.49 34.83 24.99
CA GLN A 117 -3.52 35.03 26.06
C GLN A 117 -4.21 35.74 27.23
N VAL A 118 -4.18 35.12 28.41
CA VAL A 118 -4.81 35.62 29.62
C VAL A 118 -3.84 36.60 30.26
N LEU A 119 -4.32 37.83 30.53
CA LEU A 119 -3.50 38.91 31.09
C LEU A 119 -3.85 39.19 32.54
N SER A 120 -4.81 38.46 33.10
CA SER A 120 -5.24 38.72 34.44
C SER A 120 -5.31 37.45 35.33
N PRO A 121 -5.33 37.62 36.67
CA PRO A 121 -5.56 36.46 37.55
C PRO A 121 -6.89 35.78 37.22
N GLN A 122 -6.96 34.45 37.33
CA GLN A 122 -8.18 33.68 36.99
C GLN A 122 -8.99 33.49 38.26
N ILE A 123 -9.65 34.56 38.69
CA ILE A 123 -10.42 34.58 39.94
C ILE A 123 -11.82 35.07 39.65
N ALA A 124 -12.82 34.43 40.26
CA ALA A 124 -14.22 34.79 40.12
C ALA A 124 -14.79 35.30 41.44
N VAL A 125 -15.89 36.05 41.36
CA VAL A 125 -16.62 36.54 42.53
C VAL A 125 -17.93 35.77 42.58
N VAL A 126 -18.17 35.05 43.70
CA VAL A 126 -19.38 34.27 43.91
C VAL A 126 -20.23 35.01 44.95
N THR A 127 -21.50 35.30 44.62
CA THR A 127 -22.47 35.97 45.50
C THR A 127 -23.44 34.90 46.06
N HIS A 128 -23.96 35.11 47.27
CA HIS A 128 -24.81 34.17 48.00
C HIS A 128 -26.07 33.70 47.25
N ASP A 129 -26.52 34.45 46.23
CA ASP A 129 -27.68 34.09 45.41
C ASP A 129 -27.23 33.12 44.29
N GLY A 130 -25.96 32.75 44.30
CA GLY A 130 -25.40 31.81 43.33
C GLY A 130 -24.83 32.47 42.09
N SER A 131 -24.83 33.82 42.06
CA SER A 131 -24.31 34.63 40.96
C SER A 131 -22.79 34.57 40.93
N VAL A 132 -22.26 34.43 39.72
CA VAL A 132 -20.82 34.37 39.49
C VAL A 132 -20.46 35.48 38.53
N MET A 133 -19.41 36.23 38.86
CA MET A 133 -18.86 37.22 37.97
C MET A 133 -17.40 36.89 37.74
N PHE A 134 -17.06 36.66 36.48
CA PHE A 134 -15.70 36.31 36.08
C PHE A 134 -15.30 37.29 34.96
N ILE A 135 -14.23 38.06 35.19
CA ILE A 135 -13.78 39.07 34.21
C ILE A 135 -12.32 38.83 33.79
N PRO A 136 -12.07 37.87 32.87
CA PRO A 136 -10.70 37.68 32.37
C PRO A 136 -10.27 38.77 31.37
N ALA A 137 -9.05 39.32 31.54
CA ALA A 137 -8.44 40.26 30.60
C ALA A 137 -7.71 39.38 29.59
N GLN A 138 -7.90 39.67 28.31
CA GLN A 138 -7.34 38.81 27.29
C GLN A 138 -6.73 39.55 26.13
N ARG A 139 -5.73 38.93 25.51
CA ARG A 139 -5.19 39.36 24.24
C ARG A 139 -5.65 38.34 23.18
N LEU A 140 -6.36 38.84 22.17
CA LEU A 140 -6.91 38.03 21.09
C LEU A 140 -6.39 38.43 19.71
N SER A 141 -5.92 37.43 18.93
CA SER A 141 -5.59 37.57 17.49
C SER A 141 -6.75 36.96 16.73
N PHE A 142 -7.39 37.75 15.86
CA PHE A 142 -8.54 37.22 15.13
C PHE A 142 -8.48 37.67 13.67
N MET A 143 -9.26 36.98 12.81
CA MET A 143 -9.35 37.23 11.38
C MET A 143 -9.99 38.57 11.11
N CYS A 144 -9.23 39.46 10.48
CA CYS A 144 -9.64 40.79 10.18
C CYS A 144 -8.79 41.39 9.06
N ASP A 145 -9.43 41.77 7.96
CA ASP A 145 -8.81 42.47 6.84
C ASP A 145 -8.76 43.96 7.21
N PRO A 146 -7.56 44.53 7.49
CA PRO A 146 -7.51 45.93 7.91
C PRO A 146 -7.44 46.95 6.76
N THR A 147 -7.72 46.55 5.52
CA THR A 147 -7.68 47.45 4.37
C THR A 147 -8.65 48.63 4.61
N GLY A 148 -8.07 49.83 4.58
CA GLY A 148 -8.78 51.08 4.80
C GLY A 148 -8.64 51.64 6.20
N VAL A 149 -7.79 51.03 7.06
CA VAL A 149 -7.56 51.47 8.44
C VAL A 149 -6.88 52.86 8.44
N ASP A 150 -6.04 53.13 7.43
CA ASP A 150 -5.28 54.37 7.24
C ASP A 150 -6.14 55.46 6.58
N SER A 151 -7.46 55.25 6.46
CA SER A 151 -8.40 56.22 5.89
C SER A 151 -9.27 56.85 6.98
N GLU A 152 -10.01 57.90 6.61
CA GLU A 152 -10.91 58.63 7.52
C GLU A 152 -12.13 57.77 7.89
N GLU A 153 -12.59 56.96 6.93
CA GLU A 153 -13.73 56.05 7.04
C GLU A 153 -13.38 54.88 7.97
N GLY A 154 -12.12 54.50 7.97
CA GLY A 154 -11.61 53.41 8.79
C GLY A 154 -11.98 52.04 8.26
N VAL A 155 -11.95 51.05 9.14
CA VAL A 155 -12.26 49.67 8.77
C VAL A 155 -13.13 49.04 9.87
N THR A 156 -14.01 48.12 9.45
CA THR A 156 -14.86 47.38 10.34
C THR A 156 -14.37 45.96 10.44
N CYS A 157 -14.26 45.47 11.68
CA CYS A 157 -13.91 44.07 11.89
C CYS A 157 -14.81 43.49 12.96
N ALA A 158 -15.12 42.22 12.81
CA ALA A 158 -16.05 41.54 13.69
C ALA A 158 -15.52 40.20 14.13
N VAL A 159 -15.90 39.79 15.34
CA VAL A 159 -15.55 38.49 15.91
C VAL A 159 -16.73 38.04 16.76
N LYS A 160 -17.23 36.82 16.49
CA LYS A 160 -18.33 36.21 17.25
C LYS A 160 -17.78 35.41 18.41
N PHE A 161 -18.50 35.47 19.52
CA PHE A 161 -18.20 34.79 20.78
C PHE A 161 -19.40 34.02 21.17
N GLY A 162 -19.17 32.81 21.63
CA GLY A 162 -20.24 31.95 22.10
C GLY A 162 -19.66 30.68 22.65
N SER A 163 -20.54 29.79 23.08
CA SER A 163 -20.14 28.49 23.57
C SER A 163 -19.62 27.66 22.39
N TRP A 164 -18.58 26.91 22.64
CA TRP A 164 -18.02 26.05 21.63
C TRP A 164 -18.87 24.78 21.46
N VAL A 165 -19.36 24.19 22.57
CA VAL A 165 -20.07 22.89 22.54
C VAL A 165 -21.53 22.93 22.97
N TYR A 166 -21.99 24.03 23.59
CA TYR A 166 -23.40 24.10 24.01
C TYR A 166 -24.21 24.92 23.04
N SER A 167 -25.40 24.42 22.69
CA SER A 167 -26.36 25.15 21.83
C SER A 167 -27.18 26.14 22.71
N GLY A 168 -28.10 26.88 22.09
CA GLY A 168 -28.99 27.80 22.79
C GLY A 168 -29.95 27.12 23.76
N PHE A 169 -30.06 25.78 23.65
CA PHE A 169 -30.91 24.96 24.54
C PHE A 169 -30.25 24.73 25.89
N GLU A 170 -28.88 24.78 25.93
CA GLU A 170 -28.13 24.57 27.16
C GLU A 170 -27.60 25.90 27.68
N ILE A 171 -27.00 26.72 26.80
CA ILE A 171 -26.47 28.04 27.18
C ILE A 171 -27.14 29.13 26.34
N ASP A 172 -27.85 30.03 27.02
CA ASP A 172 -28.39 31.19 26.39
C ASP A 172 -27.40 32.35 26.60
N LEU A 173 -27.03 33.07 25.55
CA LEU A 173 -26.14 34.21 25.72
C LEU A 173 -26.95 35.46 25.80
N LYS A 174 -26.51 36.42 26.61
CA LYS A 174 -27.15 37.73 26.71
C LYS A 174 -26.09 38.82 26.88
N THR A 175 -26.51 40.07 26.64
CA THR A 175 -25.72 41.29 26.83
C THR A 175 -26.56 42.22 27.68
N ASP A 176 -25.93 43.11 28.44
CA ASP A 176 -26.66 44.09 29.25
C ASP A 176 -26.90 45.34 28.43
N THR A 177 -26.04 45.55 27.43
CA THR A 177 -26.00 46.66 26.50
C THR A 177 -25.34 46.20 25.20
N ASP A 178 -25.68 46.85 24.09
CA ASP A 178 -25.12 46.59 22.77
C ASP A 178 -23.87 47.45 22.55
N GLN A 179 -23.57 48.32 23.52
CA GLN A 179 -22.42 49.22 23.47
C GLN A 179 -21.27 48.64 24.23
N VAL A 180 -20.14 48.46 23.55
CA VAL A 180 -18.87 47.99 24.14
C VAL A 180 -18.36 49.12 25.03
N ASP A 181 -17.88 48.77 26.24
CA ASP A 181 -17.34 49.76 27.16
C ASP A 181 -15.99 50.26 26.61
N LEU A 182 -15.94 51.54 26.25
CA LEU A 182 -14.76 52.20 25.70
C LEU A 182 -14.17 53.22 26.68
N SER A 183 -14.65 53.21 27.94
CA SER A 183 -14.19 54.16 28.98
C SER A 183 -12.75 53.86 29.46
N SER A 184 -12.22 52.65 29.17
CA SER A 184 -10.84 52.26 29.55
C SER A 184 -9.97 52.13 28.31
N TYR A 185 -10.44 52.60 27.16
CA TYR A 185 -9.67 52.51 25.92
C TYR A 185 -8.46 53.42 25.99
N TYR A 186 -7.28 52.85 25.69
CA TYR A 186 -5.97 53.52 25.73
C TYR A 186 -6.02 54.78 24.85
N ALA A 187 -5.87 55.94 25.50
CA ALA A 187 -5.95 57.27 24.91
C ALA A 187 -4.84 57.55 23.86
N SER A 188 -3.67 56.91 23.99
CA SER A 188 -2.55 57.12 23.07
C SER A 188 -2.35 55.91 22.16
N SER A 189 -3.44 55.16 21.92
CA SER A 189 -3.44 53.99 21.03
C SER A 189 -3.12 54.41 19.60
N LYS A 190 -2.55 53.49 18.78
CA LYS A 190 -2.27 53.76 17.37
C LYS A 190 -3.58 53.87 16.58
N TYR A 191 -4.64 53.29 17.15
CA TYR A 191 -5.96 53.21 16.55
C TYR A 191 -7.02 53.92 17.38
N GLU A 192 -7.89 54.62 16.70
CA GLU A 192 -9.05 55.36 17.21
C GLU A 192 -10.32 54.52 16.95
N ILE A 193 -11.21 54.39 17.95
CA ILE A 193 -12.45 53.63 17.81
C ILE A 193 -13.55 54.55 17.34
N LEU A 194 -14.14 54.21 16.18
CA LEU A 194 -15.25 54.95 15.59
C LEU A 194 -16.55 54.40 16.18
N SER A 195 -16.64 53.08 16.36
CA SER A 195 -17.77 52.41 17.01
C SER A 195 -17.38 51.02 17.46
N ALA A 196 -18.01 50.55 18.53
CA ALA A 196 -17.79 49.23 19.07
C ALA A 196 -19.09 48.72 19.67
N THR A 197 -19.69 47.72 19.03
CA THR A 197 -20.95 47.14 19.47
C THR A 197 -20.79 45.64 19.78
N GLN A 198 -21.66 45.13 20.69
CA GLN A 198 -21.70 43.71 21.10
C GLN A 198 -23.15 43.26 20.99
N THR A 199 -23.48 42.56 19.90
CA THR A 199 -24.87 42.17 19.62
C THR A 199 -25.12 40.67 19.72
N ARG A 200 -26.14 40.30 20.48
CA ARG A 200 -26.61 38.94 20.61
C ARG A 200 -27.27 38.51 19.27
N GLN A 201 -26.79 37.40 18.70
CA GLN A 201 -27.34 36.88 17.44
C GLN A 201 -27.78 35.44 17.62
N VAL A 202 -28.88 35.08 16.98
CA VAL A 202 -29.44 33.73 17.03
C VAL A 202 -29.40 33.18 15.62
N GLN A 203 -28.92 31.95 15.47
CA GLN A 203 -28.89 31.34 14.14
C GLN A 203 -29.59 29.97 14.21
N HIS A 204 -30.42 29.69 13.21
CA HIS A 204 -31.15 28.44 13.10
C HIS A 204 -30.69 27.69 11.88
N TYR A 205 -30.51 26.38 12.02
CA TYR A 205 -30.09 25.54 10.92
C TYR A 205 -31.20 24.58 10.59
N SER A 206 -31.43 24.35 9.27
CA SER A 206 -32.50 23.48 8.79
C SER A 206 -32.41 22.06 9.36
N CYS A 207 -31.19 21.51 9.51
CA CYS A 207 -30.89 20.17 10.01
C CYS A 207 -31.48 19.91 11.39
N CYS A 208 -31.22 20.86 12.28
CA CYS A 208 -31.23 20.85 13.71
C CYS A 208 -32.29 21.75 14.34
N PRO A 209 -33.02 21.23 15.34
CA PRO A 209 -34.06 22.07 15.99
C PRO A 209 -33.51 23.12 16.95
N GLU A 210 -32.27 22.94 17.43
CA GLU A 210 -31.68 23.80 18.45
C GLU A 210 -31.10 25.12 17.90
N PRO A 211 -31.38 26.26 18.60
CA PRO A 211 -30.82 27.54 18.14
C PRO A 211 -29.37 27.69 18.59
N TYR A 212 -28.60 28.52 17.87
CA TYR A 212 -27.22 28.78 18.20
C TYR A 212 -27.06 30.25 18.50
N ILE A 213 -26.48 30.53 19.69
CA ILE A 213 -26.36 31.93 20.12
C ILE A 213 -24.92 32.36 20.07
N ASP A 214 -24.72 33.60 19.66
CA ASP A 214 -23.41 34.24 19.70
C ASP A 214 -23.60 35.71 20.05
N VAL A 215 -22.49 36.35 20.46
CA VAL A 215 -22.39 37.78 20.69
C VAL A 215 -21.37 38.24 19.68
N ASN A 216 -21.82 39.07 18.72
CA ASN A 216 -20.98 39.60 17.67
C ASN A 216 -20.35 40.91 18.10
N LEU A 217 -19.03 40.90 18.28
CA LEU A 217 -18.25 42.08 18.63
C LEU A 217 -17.81 42.76 17.32
N VAL A 218 -18.44 43.91 17.00
CA VAL A 218 -18.15 44.65 15.77
C VAL A 218 -17.42 45.94 16.15
N VAL A 219 -16.17 46.10 15.68
CA VAL A 219 -15.34 47.26 15.98
C VAL A 219 -14.95 47.99 14.69
N LYS A 220 -15.36 49.27 14.59
CA LYS A 220 -15.02 50.16 13.49
C LYS A 220 -13.89 51.05 14.01
N PHE A 221 -12.75 51.04 13.34
CA PHE A 221 -11.59 51.77 13.81
C PHE A 221 -10.75 52.31 12.66
N ARG A 222 -9.87 53.25 12.98
CA ARG A 222 -8.94 53.86 12.03
C ARG A 222 -7.66 54.26 12.74
N GLU A 223 -6.60 54.57 11.97
CA GLU A 223 -5.33 55.05 12.54
C GLU A 223 -5.55 56.45 13.14
N ARG A 224 -5.04 56.69 14.38
CA ARG A 224 -5.14 57.96 15.13
C ARG A 224 -4.23 58.99 14.50
N GLN B 20 -29.43 18.22 37.02
CA GLN B 20 -28.02 18.23 37.46
C GLN B 20 -27.68 16.91 38.10
N ALA B 21 -28.55 16.45 39.05
CA ALA B 21 -28.41 15.24 39.85
C ALA B 21 -28.24 13.98 38.98
N ASN B 22 -29.09 13.85 37.95
CA ASN B 22 -29.05 12.74 37.01
C ASN B 22 -27.79 12.74 36.17
N LEU B 23 -27.32 13.92 35.74
CA LEU B 23 -26.10 14.04 34.94
C LEU B 23 -24.88 13.76 35.82
N MET B 24 -24.87 14.27 37.06
CA MET B 24 -23.79 14.02 38.02
C MET B 24 -23.64 12.51 38.27
N ARG B 25 -24.79 11.81 38.40
CA ARG B 25 -24.90 10.36 38.59
C ARG B 25 -24.37 9.60 37.35
N LEU B 26 -24.79 10.02 36.14
CA LEU B 26 -24.35 9.42 34.88
C LEU B 26 -22.84 9.49 34.72
N LYS B 27 -22.26 10.68 34.88
CA LYS B 27 -20.83 10.93 34.76
C LYS B 27 -20.05 10.10 35.80
N SER B 28 -20.55 10.03 37.03
CA SER B 28 -19.96 9.22 38.08
C SER B 28 -19.96 7.73 37.68
N ASP B 29 -21.09 7.23 37.15
CA ASP B 29 -21.20 5.84 36.72
C ASP B 29 -20.30 5.53 35.51
N LEU B 30 -20.19 6.47 34.56
CA LEU B 30 -19.37 6.25 33.38
C LEU B 30 -17.88 6.42 33.63
N PHE B 31 -17.48 7.37 34.48
CA PHE B 31 -16.06 7.71 34.65
C PHE B 31 -15.40 7.34 35.97
N ASN B 32 -16.12 7.45 37.09
CA ASN B 32 -15.52 7.19 38.38
C ASN B 32 -15.66 5.71 38.75
N ARG B 33 -16.83 5.12 38.47
CA ARG B 33 -17.14 3.71 38.74
C ARG B 33 -16.68 2.80 37.56
N SER B 34 -15.79 3.31 36.67
CA SER B 34 -15.30 2.54 35.52
C SER B 34 -13.89 2.97 35.08
N PRO B 35 -12.94 2.02 34.83
CA PRO B 35 -11.60 2.42 34.36
C PRO B 35 -11.66 2.96 32.95
N MET B 36 -10.75 3.89 32.61
CA MET B 36 -10.76 4.49 31.29
C MET B 36 -10.43 3.45 30.21
N TYR B 37 -11.04 3.67 29.03
CA TYR B 37 -10.87 2.87 27.84
C TYR B 37 -9.37 2.85 27.51
N PRO B 38 -8.73 1.67 27.40
CA PRO B 38 -7.27 1.64 27.19
C PRO B 38 -6.82 1.86 25.73
N GLY B 39 -7.77 2.21 24.86
CA GLY B 39 -7.50 2.37 23.43
C GLY B 39 -7.81 1.08 22.67
N PRO B 40 -7.87 1.15 21.32
CA PRO B 40 -8.21 -0.08 20.55
C PRO B 40 -7.05 -1.07 20.39
N THR B 41 -7.38 -2.30 19.95
CA THR B 41 -6.44 -3.38 19.66
C THR B 41 -6.83 -4.03 18.33
N LYS B 42 -6.02 -4.98 17.83
CA LYS B 42 -6.29 -5.71 16.60
C LYS B 42 -7.62 -6.48 16.74
N ASP B 43 -7.90 -7.04 17.95
CA ASP B 43 -9.11 -7.80 18.25
C ASP B 43 -10.34 -6.90 18.45
N ASP B 44 -10.14 -5.65 18.92
CA ASP B 44 -11.24 -4.71 19.13
C ASP B 44 -10.90 -3.38 18.43
N PRO B 45 -10.89 -3.37 17.07
CA PRO B 45 -10.53 -2.12 16.36
C PRO B 45 -11.58 -1.01 16.53
N LEU B 46 -11.17 0.22 16.25
CA LEU B 46 -12.04 1.38 16.39
C LEU B 46 -12.06 2.18 15.11
N THR B 47 -13.24 2.61 14.68
CA THR B 47 -13.36 3.48 13.52
C THR B 47 -13.43 4.93 14.01
N VAL B 48 -12.53 5.79 13.48
CA VAL B 48 -12.51 7.21 13.80
C VAL B 48 -12.84 7.93 12.49
N THR B 49 -13.90 8.74 12.51
CA THR B 49 -14.31 9.54 11.37
C THR B 49 -13.73 10.93 11.55
N LEU B 50 -13.06 11.42 10.51
CA LEU B 50 -12.42 12.73 10.43
C LEU B 50 -13.07 13.58 9.40
N GLY B 51 -13.18 14.86 9.72
CA GLY B 51 -13.69 15.86 8.81
C GLY B 51 -13.03 17.19 9.13
N PHE B 52 -12.69 17.95 8.08
CA PHE B 52 -12.05 19.25 8.23
C PHE B 52 -12.92 20.36 7.75
N THR B 53 -12.91 21.46 8.53
CA THR B 53 -13.57 22.71 8.24
C THR B 53 -12.45 23.74 8.19
N LEU B 54 -12.04 24.15 6.97
CA LEU B 54 -10.99 25.16 6.79
C LEU B 54 -11.55 26.59 6.95
N GLN B 55 -11.02 27.31 7.93
CA GLN B 55 -11.43 28.67 8.28
C GLN B 55 -10.59 29.71 7.58
N ASP B 56 -9.27 29.50 7.54
CA ASP B 56 -8.35 30.48 6.99
C ASP B 56 -6.98 29.91 6.76
N ILE B 57 -6.34 30.35 5.68
CA ILE B 57 -4.92 30.17 5.42
C ILE B 57 -4.38 31.48 5.92
N VAL B 58 -3.81 31.47 7.13
CA VAL B 58 -3.41 32.71 7.81
C VAL B 58 -2.07 33.23 7.33
N LYS B 59 -1.09 32.34 7.13
CA LYS B 59 0.25 32.73 6.75
C LYS B 59 0.83 31.77 5.74
N VAL B 60 1.68 32.33 4.89
CA VAL B 60 2.46 31.65 3.89
C VAL B 60 3.89 32.17 4.06
N ASP B 61 4.86 31.27 4.21
CA ASP B 61 6.27 31.67 4.36
C ASP B 61 7.08 31.01 3.23
N SER B 62 7.41 31.81 2.21
CA SER B 62 8.16 31.36 1.03
C SER B 62 9.66 31.21 1.31
N SER B 63 10.15 31.74 2.45
CA SER B 63 11.57 31.64 2.79
C SER B 63 11.87 30.31 3.53
N THR B 64 10.85 29.72 4.19
CA THR B 64 11.01 28.48 4.95
C THR B 64 10.14 27.34 4.42
N ASN B 65 9.19 27.67 3.52
CA ASN B 65 8.22 26.73 2.93
C ASN B 65 7.31 26.16 4.03
N GLU B 66 6.69 27.08 4.77
CA GLU B 66 5.71 26.80 5.81
C GLU B 66 4.42 27.50 5.47
N VAL B 67 3.29 26.86 5.72
CA VAL B 67 1.99 27.48 5.53
C VAL B 67 1.19 27.24 6.82
N ASP B 68 0.47 28.28 7.29
CA ASP B 68 -0.32 28.23 8.52
C ASP B 68 -1.79 28.20 8.20
N LEU B 69 -2.48 27.17 8.69
CA LEU B 69 -3.93 27.02 8.50
C LEU B 69 -4.62 27.10 9.81
N VAL B 70 -5.84 27.61 9.79
CA VAL B 70 -6.76 27.59 10.94
C VAL B 70 -7.94 26.76 10.46
N TYR B 71 -8.25 25.70 11.21
CA TYR B 71 -9.32 24.78 10.86
C TYR B 71 -9.95 24.16 12.08
N TYR B 72 -11.10 23.51 11.89
CA TYR B 72 -11.77 22.69 12.89
C TYR B 72 -11.59 21.30 12.44
N GLU B 73 -11.21 20.42 13.35
CA GLU B 73 -11.04 19.03 13.01
C GLU B 73 -12.13 18.24 13.72
N GLN B 74 -13.15 17.78 12.99
CA GLN B 74 -14.20 16.98 13.61
C GLN B 74 -13.74 15.53 13.73
N GLN B 75 -13.83 14.99 14.94
CA GLN B 75 -13.47 13.61 15.25
C GLN B 75 -14.65 12.90 15.86
N ARG B 76 -15.01 11.74 15.29
CA ARG B 76 -16.11 10.93 15.80
C ARG B 76 -15.66 9.49 15.96
N TRP B 77 -16.08 8.88 17.06
CA TRP B 77 -15.88 7.47 17.34
C TRP B 77 -17.00 7.01 18.29
N LYS B 78 -17.12 5.72 18.52
CA LYS B 78 -18.18 5.14 19.36
C LYS B 78 -17.59 4.09 20.28
N LEU B 79 -17.90 4.19 21.58
CA LEU B 79 -17.43 3.22 22.57
C LEU B 79 -18.58 2.57 23.28
N ASN B 80 -18.55 1.23 23.42
CA ASN B 80 -19.57 0.50 24.17
C ASN B 80 -19.56 0.90 25.64
N SER B 81 -18.36 1.22 26.18
CA SER B 81 -18.17 1.61 27.57
C SER B 81 -18.79 3.00 27.89
N LEU B 82 -19.16 3.77 26.84
CA LEU B 82 -19.76 5.10 27.00
C LEU B 82 -21.28 5.08 26.75
N MET B 83 -21.86 3.88 26.58
CA MET B 83 -23.30 3.71 26.37
C MET B 83 -24.06 3.73 27.69
N TRP B 84 -25.32 4.22 27.63
CA TRP B 84 -26.24 4.23 28.76
C TRP B 84 -27.67 4.28 28.24
N ASP B 85 -28.60 3.86 29.09
CA ASP B 85 -30.02 3.90 28.84
C ASP B 85 -30.54 5.24 29.36
N PRO B 86 -31.00 6.16 28.46
CA PRO B 86 -31.51 7.47 28.93
C PRO B 86 -32.60 7.36 30.00
N ASN B 87 -33.44 6.29 29.96
CA ASN B 87 -34.53 6.03 30.92
C ASN B 87 -34.03 5.90 32.37
N GLU B 88 -32.80 5.40 32.56
CA GLU B 88 -32.16 5.22 33.86
C GLU B 88 -31.52 6.52 34.37
N TYR B 89 -31.41 7.55 33.50
CA TYR B 89 -30.75 8.81 33.84
C TYR B 89 -31.57 10.06 33.43
N GLY B 90 -32.82 10.13 33.88
CA GLY B 90 -33.73 11.26 33.65
C GLY B 90 -33.85 11.73 32.21
N ASN B 91 -33.83 10.78 31.26
CA ASN B 91 -33.94 10.93 29.80
C ASN B 91 -32.80 11.77 29.18
N ILE B 92 -31.58 11.72 29.78
CA ILE B 92 -30.39 12.38 29.24
C ILE B 92 -29.93 11.53 28.04
N THR B 93 -29.86 12.16 26.85
CA THR B 93 -29.50 11.48 25.60
C THR B 93 -28.07 11.81 25.19
N ASP B 94 -27.52 12.90 25.73
CA ASP B 94 -26.15 13.33 25.49
C ASP B 94 -25.71 14.32 26.55
N PHE B 95 -24.39 14.49 26.68
CA PHE B 95 -23.79 15.45 27.59
C PHE B 95 -22.44 15.93 27.06
N ARG B 96 -21.99 17.05 27.59
CA ARG B 96 -20.69 17.64 27.30
C ARG B 96 -19.76 17.37 28.44
N THR B 97 -18.52 16.96 28.13
CA THR B 97 -17.53 16.70 29.15
C THR B 97 -16.15 17.07 28.63
N SER B 98 -15.25 17.43 29.52
CA SER B 98 -13.85 17.72 29.23
C SER B 98 -13.26 16.51 28.50
N ALA B 99 -12.51 16.76 27.41
CA ALA B 99 -11.89 15.71 26.61
C ALA B 99 -10.86 14.92 27.46
N ALA B 100 -10.41 15.50 28.59
CA ALA B 100 -9.48 14.85 29.55
C ALA B 100 -10.15 13.68 30.30
N ASP B 101 -11.50 13.68 30.42
CA ASP B 101 -12.29 12.65 31.12
C ASP B 101 -12.44 11.38 30.31
N ILE B 102 -12.16 11.46 29.02
CA ILE B 102 -12.34 10.35 28.09
C ILE B 102 -11.07 10.09 27.28
N TRP B 103 -11.00 8.91 26.68
CA TRP B 103 -9.96 8.56 25.73
C TRP B 103 -10.25 9.34 24.44
N THR B 104 -9.21 9.83 23.77
CA THR B 104 -9.32 10.55 22.51
C THR B 104 -8.32 9.96 21.54
N PRO B 105 -8.62 9.86 20.23
CA PRO B 105 -7.62 9.32 19.29
C PRO B 105 -6.41 10.27 19.11
N ASP B 106 -5.24 9.69 18.84
CA ASP B 106 -3.97 10.41 18.68
C ASP B 106 -3.78 10.87 17.22
N ILE B 107 -4.82 11.48 16.62
CA ILE B 107 -4.75 11.98 15.24
C ILE B 107 -3.78 13.15 15.23
N THR B 108 -2.81 13.10 14.33
CA THR B 108 -1.76 14.11 14.19
C THR B 108 -1.54 14.43 12.73
N ALA B 109 -1.08 15.67 12.47
CA ALA B 109 -0.59 16.07 11.15
C ALA B 109 0.80 15.43 11.01
N TYR B 110 1.08 14.79 9.90
CA TYR B 110 2.35 14.09 9.70
C TYR B 110 3.48 15.00 9.21
N SER B 111 3.19 16.24 8.78
CA SER B 111 4.21 17.11 8.23
C SER B 111 4.14 18.51 8.80
N SER B 112 3.81 18.60 10.07
CA SER B 112 3.79 19.88 10.82
C SER B 112 5.24 20.31 11.06
N THR B 113 5.45 21.60 11.23
CA THR B 113 6.79 22.13 11.47
C THR B 113 6.85 22.78 12.86
N ARG B 114 5.70 22.99 13.48
CA ARG B 114 5.56 23.61 14.81
C ARG B 114 4.52 22.83 15.60
N PRO B 115 4.54 22.84 16.95
CA PRO B 115 3.45 22.17 17.68
C PRO B 115 2.13 22.85 17.34
N VAL B 116 1.07 22.04 17.12
CA VAL B 116 -0.27 22.54 16.79
C VAL B 116 -0.80 23.37 17.98
N GLN B 117 -1.40 24.54 17.68
CA GLN B 117 -1.98 25.45 18.68
C GLN B 117 -3.49 25.25 18.73
N VAL B 118 -4.01 24.93 19.91
CA VAL B 118 -5.43 24.67 20.16
C VAL B 118 -6.10 26.02 20.38
N LEU B 119 -7.16 26.29 19.62
CA LEU B 119 -7.87 27.57 19.69
C LEU B 119 -9.25 27.43 20.34
N SER B 120 -9.61 26.24 20.77
CA SER B 120 -10.95 26.04 21.31
C SER B 120 -10.93 25.24 22.61
N PRO B 121 -12.03 25.33 23.42
CA PRO B 121 -12.15 24.49 24.63
C PRO B 121 -12.04 23.00 24.28
N GLN B 122 -11.38 22.22 25.15
CA GLN B 122 -11.17 20.78 24.92
C GLN B 122 -12.33 20.02 25.55
N ILE B 123 -13.50 20.06 24.89
CA ILE B 123 -14.74 19.47 25.41
C ILE B 123 -15.36 18.63 24.31
N ALA B 124 -15.83 17.42 24.70
CA ALA B 124 -16.46 16.49 23.77
C ALA B 124 -17.94 16.31 24.09
N VAL B 125 -18.73 15.85 23.10
CA VAL B 125 -20.16 15.55 23.27
C VAL B 125 -20.30 14.05 23.20
N VAL B 126 -20.82 13.45 24.30
CA VAL B 126 -21.03 12.01 24.43
C VAL B 126 -22.53 11.78 24.31
N THR B 127 -22.95 10.87 23.40
CA THR B 127 -24.35 10.48 23.16
C THR B 127 -24.55 9.08 23.77
N HIS B 128 -25.79 8.78 24.22
CA HIS B 128 -26.18 7.55 24.93
C HIS B 128 -25.84 6.25 24.19
N ASP B 129 -25.66 6.31 22.87
CA ASP B 129 -25.29 5.16 22.04
C ASP B 129 -23.76 4.94 22.09
N GLY B 130 -23.05 5.75 22.88
CA GLY B 130 -21.61 5.66 23.07
C GLY B 130 -20.81 6.47 22.08
N SER B 131 -21.51 7.24 21.23
CA SER B 131 -20.92 8.11 20.21
C SER B 131 -20.26 9.31 20.88
N VAL B 132 -19.07 9.65 20.39
CA VAL B 132 -18.31 10.81 20.89
C VAL B 132 -18.02 11.70 19.71
N MET B 133 -18.28 12.99 19.87
CA MET B 133 -17.93 13.98 18.90
C MET B 133 -17.03 15.02 19.56
N PHE B 134 -15.83 15.15 19.03
CA PHE B 134 -14.82 16.07 19.52
C PHE B 134 -14.36 16.97 18.37
N ILE B 135 -14.54 18.29 18.50
CA ILE B 135 -14.20 19.22 17.40
C ILE B 135 -13.18 20.29 17.84
N PRO B 136 -11.87 19.96 17.94
CA PRO B 136 -10.88 20.98 18.29
C PRO B 136 -10.56 21.94 17.13
N ALA B 137 -10.55 23.27 17.41
CA ALA B 137 -10.11 24.28 16.45
C ALA B 137 -8.60 24.38 16.61
N GLN B 138 -7.87 24.40 15.50
CA GLN B 138 -6.42 24.38 15.60
C GLN B 138 -5.75 25.31 14.62
N ARG B 139 -4.55 25.78 14.99
CA ARG B 139 -3.65 26.50 14.10
C ARG B 139 -2.48 25.57 13.84
N LEU B 140 -2.24 25.25 12.58
CA LEU B 140 -1.19 24.33 12.15
C LEU B 140 -0.20 24.97 11.17
N SER B 141 1.10 24.82 11.44
CA SER B 141 2.21 25.15 10.53
C SER B 141 2.65 23.85 9.89
N PHE B 142 2.64 23.76 8.57
CA PHE B 142 3.03 22.50 7.93
C PHE B 142 3.90 22.81 6.70
N MET B 143 4.61 21.79 6.21
CA MET B 143 5.51 21.86 5.05
C MET B 143 4.72 22.12 3.77
N CYS B 144 4.99 23.27 3.12
CA CYS B 144 4.31 23.72 1.92
C CYS B 144 5.12 24.78 1.18
N ASP B 145 5.58 24.46 -0.06
CA ASP B 145 6.27 25.36 -0.98
C ASP B 145 5.20 26.21 -1.67
N PRO B 146 5.06 27.49 -1.28
CA PRO B 146 3.98 28.32 -1.85
C PRO B 146 4.29 29.00 -3.19
N THR B 147 5.33 28.54 -3.92
CA THR B 147 5.74 29.10 -5.21
C THR B 147 4.59 28.98 -6.23
N GLY B 148 4.12 30.14 -6.68
CA GLY B 148 3.01 30.24 -7.60
C GLY B 148 1.70 30.63 -6.94
N VAL B 149 1.71 30.97 -5.62
CA VAL B 149 0.50 31.38 -4.88
C VAL B 149 -0.02 32.73 -5.44
N ASP B 150 0.90 33.59 -5.92
CA ASP B 150 0.60 34.91 -6.48
C ASP B 150 0.15 34.85 -7.96
N SER B 151 -0.10 33.63 -8.49
CA SER B 151 -0.56 33.41 -9.86
C SER B 151 -2.05 33.02 -9.86
N GLU B 152 -2.65 32.98 -11.06
CA GLU B 152 -4.06 32.63 -11.25
C GLU B 152 -4.29 31.14 -11.01
N GLU B 153 -3.29 30.31 -11.35
CA GLU B 153 -3.25 28.85 -11.19
C GLU B 153 -3.17 28.49 -9.70
N GLY B 154 -2.51 29.36 -8.93
CA GLY B 154 -2.32 29.18 -7.50
C GLY B 154 -1.26 28.15 -7.16
N VAL B 155 -1.38 27.50 -5.99
CA VAL B 155 -0.46 26.48 -5.52
C VAL B 155 -1.24 25.39 -4.78
N THR B 156 -0.75 24.15 -4.85
CA THR B 156 -1.34 23.01 -4.17
C THR B 156 -0.43 22.60 -3.04
N CYS B 157 -1.05 22.36 -1.88
CA CYS B 157 -0.31 21.87 -0.73
C CYS B 157 -1.10 20.78 -0.03
N ALA B 158 -0.39 19.83 0.55
CA ALA B 158 -1.02 18.68 1.18
C ALA B 158 -0.40 18.36 2.52
N VAL B 159 -1.22 17.82 3.42
CA VAL B 159 -0.82 17.42 4.75
C VAL B 159 -1.65 16.18 5.12
N LYS B 160 -0.97 15.11 5.53
CA LYS B 160 -1.63 13.87 5.95
C LYS B 160 -1.87 13.91 7.45
N PHE B 161 -3.00 13.36 7.85
CA PHE B 161 -3.45 13.24 9.25
C PHE B 161 -3.75 11.81 9.50
N GLY B 162 -3.39 11.38 10.68
CA GLY B 162 -3.66 10.01 11.07
C GLY B 162 -3.12 9.73 12.44
N SER B 163 -3.44 8.56 12.92
CA SER B 163 -2.96 8.11 14.20
C SER B 163 -1.46 7.99 14.13
N TRP B 164 -0.80 8.47 15.20
CA TRP B 164 0.64 8.43 15.31
C TRP B 164 1.12 7.02 15.65
N VAL B 165 0.45 6.30 16.56
CA VAL B 165 0.92 4.99 17.06
C VAL B 165 0.03 3.80 16.67
N TYR B 166 -1.19 4.02 16.21
CA TYR B 166 -2.07 2.92 15.82
C TYR B 166 -2.11 2.73 14.31
N SER B 167 -1.94 1.49 13.86
CA SER B 167 -2.01 1.10 12.46
C SER B 167 -3.48 0.92 12.10
N GLY B 168 -3.75 0.66 10.83
CA GLY B 168 -5.10 0.40 10.33
C GLY B 168 -5.76 -0.82 10.92
N PHE B 169 -5.00 -1.60 11.73
CA PHE B 169 -5.48 -2.80 12.43
C PHE B 169 -6.18 -2.43 13.71
N GLU B 170 -5.82 -1.30 14.31
CA GLU B 170 -6.37 -0.80 15.58
C GLU B 170 -7.31 0.36 15.35
N ILE B 171 -6.90 1.35 14.52
CA ILE B 171 -7.72 2.50 14.20
C ILE B 171 -7.98 2.51 12.71
N ASP B 172 -9.26 2.39 12.34
CA ASP B 172 -9.72 2.57 10.98
C ASP B 172 -10.15 4.04 10.83
N LEU B 173 -9.43 4.80 10.01
CA LEU B 173 -9.77 6.19 9.76
C LEU B 173 -10.75 6.27 8.62
N LYS B 174 -11.78 7.12 8.74
CA LYS B 174 -12.78 7.31 7.70
C LYS B 174 -13.12 8.78 7.56
N THR B 175 -13.80 9.14 6.46
CA THR B 175 -14.32 10.47 6.14
C THR B 175 -15.76 10.28 5.75
N ASP B 176 -16.60 11.30 5.96
CA ASP B 176 -18.03 11.28 5.58
C ASP B 176 -18.17 11.79 4.16
N THR B 177 -17.19 12.60 3.74
CA THR B 177 -17.10 13.25 2.45
C THR B 177 -15.62 13.51 2.14
N ASP B 178 -15.28 13.61 0.86
CA ASP B 178 -13.95 13.93 0.37
C ASP B 178 -13.81 15.44 0.20
N GLN B 179 -14.90 16.18 0.46
CA GLN B 179 -14.93 17.63 0.35
C GLN B 179 -14.72 18.25 1.70
N VAL B 180 -13.71 19.10 1.80
CA VAL B 180 -13.45 19.87 3.00
C VAL B 180 -14.53 20.93 3.14
N ASP B 181 -15.08 21.11 4.36
CA ASP B 181 -16.11 22.11 4.58
C ASP B 181 -15.48 23.52 4.47
N LEU B 182 -15.89 24.28 3.45
CA LEU B 182 -15.41 25.63 3.17
C LEU B 182 -16.50 26.69 3.44
N SER B 183 -17.63 26.29 4.06
CA SER B 183 -18.75 27.16 4.37
C SER B 183 -18.43 28.20 5.46
N SER B 184 -17.38 27.99 6.25
CA SER B 184 -16.93 28.90 7.32
C SER B 184 -15.59 29.55 6.95
N TYR B 185 -15.15 29.42 5.69
CA TYR B 185 -13.88 30.00 5.25
C TYR B 185 -13.99 31.52 5.24
N TYR B 186 -13.04 32.19 5.90
CA TYR B 186 -12.97 33.64 6.06
C TYR B 186 -13.02 34.31 4.68
N ALA B 187 -14.10 35.08 4.45
CA ALA B 187 -14.39 35.75 3.18
C ALA B 187 -13.36 36.82 2.78
N SER B 188 -12.66 37.43 3.75
CA SER B 188 -11.69 38.48 3.46
C SER B 188 -10.26 37.99 3.71
N SER B 189 -10.06 36.67 3.59
CA SER B 189 -8.75 36.04 3.73
C SER B 189 -7.79 36.55 2.65
N LYS B 190 -6.47 36.54 2.93
CA LYS B 190 -5.45 36.94 1.94
C LYS B 190 -5.42 35.92 0.81
N TYR B 191 -5.90 34.69 1.10
CA TYR B 191 -5.91 33.55 0.19
C TYR B 191 -7.31 33.06 -0.12
N GLU B 192 -7.51 32.75 -1.39
CA GLU B 192 -8.72 32.19 -1.97
C GLU B 192 -8.52 30.68 -2.15
N ILE B 193 -9.51 29.85 -1.77
CA ILE B 193 -9.46 28.39 -1.94
C ILE B 193 -10.04 28.02 -3.28
N LEU B 194 -9.22 27.36 -4.12
CA LEU B 194 -9.62 26.89 -5.43
C LEU B 194 -10.24 25.51 -5.25
N SER B 195 -9.69 24.69 -4.34
CA SER B 195 -10.21 23.37 -3.99
C SER B 195 -9.61 22.89 -2.68
N ALA B 196 -10.38 22.11 -1.92
CA ALA B 196 -9.93 21.53 -0.66
C ALA B 196 -10.60 20.14 -0.52
N THR B 197 -9.78 19.09 -0.56
CA THR B 197 -10.25 17.70 -0.46
C THR B 197 -9.59 17.00 0.73
N GLN B 198 -10.30 16.01 1.33
CA GLN B 198 -9.85 15.19 2.45
C GLN B 198 -10.05 13.73 2.04
N THR B 199 -8.97 13.07 1.64
CA THR B 199 -9.04 11.72 1.11
C THR B 199 -8.36 10.69 2.00
N ARG B 200 -9.12 9.63 2.35
CA ARG B 200 -8.67 8.46 3.08
C ARG B 200 -7.74 7.62 2.19
N GLN B 201 -6.50 7.37 2.67
CA GLN B 201 -5.51 6.56 1.98
C GLN B 201 -5.05 5.45 2.87
N VAL B 202 -4.85 4.27 2.29
CA VAL B 202 -4.32 3.08 2.94
C VAL B 202 -2.98 2.82 2.31
N GLN B 203 -1.96 2.84 3.14
CA GLN B 203 -0.58 2.71 2.74
C GLN B 203 0.08 1.55 3.41
N HIS B 204 1.11 1.08 2.77
CA HIS B 204 1.99 0.06 3.29
C HIS B 204 3.40 0.55 3.13
N TYR B 205 4.19 0.36 4.18
CA TYR B 205 5.59 0.77 4.18
C TYR B 205 6.43 -0.51 4.21
N SER B 206 7.66 -0.45 3.64
CA SER B 206 8.57 -1.60 3.54
C SER B 206 8.92 -2.21 4.90
N CYS B 207 9.08 -1.36 5.95
CA CYS B 207 9.41 -1.68 7.33
C CYS B 207 8.50 -2.74 7.94
N CYS B 208 7.20 -2.45 7.83
CA CYS B 208 6.05 -2.93 8.54
C CYS B 208 5.05 -3.73 7.70
N PRO B 209 4.56 -4.88 8.23
CA PRO B 209 3.57 -5.67 7.48
C PRO B 209 2.13 -5.12 7.54
N GLU B 210 1.82 -4.23 8.50
CA GLU B 210 0.49 -3.72 8.78
C GLU B 210 0.10 -2.53 7.93
N PRO B 211 -1.21 -2.38 7.57
CA PRO B 211 -1.62 -1.20 6.78
C PRO B 211 -1.65 0.07 7.62
N TYR B 212 -1.46 1.21 6.98
CA TYR B 212 -1.51 2.51 7.64
C TYR B 212 -2.55 3.37 6.98
N ILE B 213 -3.37 4.03 7.81
CA ILE B 213 -4.44 4.85 7.26
C ILE B 213 -4.17 6.31 7.60
N ASP B 214 -4.39 7.15 6.62
CA ASP B 214 -4.27 8.59 6.77
C ASP B 214 -5.38 9.26 5.97
N VAL B 215 -5.62 10.52 6.28
CA VAL B 215 -6.56 11.38 5.59
C VAL B 215 -5.69 12.50 5.04
N ASN B 216 -5.59 12.56 3.72
CA ASN B 216 -4.75 13.53 3.02
C ASN B 216 -5.55 14.79 2.70
N LEU B 217 -5.20 15.90 3.39
CA LEU B 217 -5.82 17.20 3.21
C LEU B 217 -5.06 17.93 2.10
N VAL B 218 -5.67 18.03 0.92
CA VAL B 218 -5.07 18.66 -0.25
C VAL B 218 -5.80 19.99 -0.49
N VAL B 219 -5.07 21.12 -0.40
CA VAL B 219 -5.63 22.45 -0.56
C VAL B 219 -4.93 23.19 -1.73
N LYS B 220 -5.74 23.59 -2.73
CA LYS B 220 -5.29 24.40 -3.86
C LYS B 220 -5.77 25.82 -3.56
N PHE B 221 -4.83 26.76 -3.51
CA PHE B 221 -5.15 28.12 -3.15
C PHE B 221 -4.28 29.13 -3.89
N ARG B 222 -4.70 30.39 -3.87
CA ARG B 222 -3.99 31.51 -4.50
C ARG B 222 -4.28 32.79 -3.72
N GLU B 223 -3.52 33.86 -3.98
CA GLU B 223 -3.73 35.16 -3.36
C GLU B 223 -5.05 35.75 -3.90
N ARG B 224 -5.91 36.27 -3.01
CA ARG B 224 -7.20 36.89 -3.34
C ARG B 224 -6.96 38.24 -4.02
N GLN C 20 -10.90 -5.07 25.63
CA GLN C 20 -10.58 -3.92 26.48
C GLN C 20 -10.25 -4.40 27.90
N ALA C 21 -11.07 -5.34 28.42
CA ALA C 21 -10.93 -5.92 29.76
C ALA C 21 -9.54 -6.56 29.99
N ASN C 22 -9.05 -7.33 29.01
CA ASN C 22 -7.75 -7.99 29.05
C ASN C 22 -6.61 -6.98 29.02
N LEU C 23 -6.74 -5.90 28.21
CA LEU C 23 -5.73 -4.84 28.12
C LEU C 23 -5.71 -4.02 29.41
N MET C 24 -6.90 -3.71 29.97
CA MET C 24 -7.04 -2.99 31.23
C MET C 24 -6.33 -3.73 32.36
N ARG C 25 -6.50 -5.07 32.37
CA ARG C 25 -5.90 -6.00 33.31
C ARG C 25 -4.37 -6.04 33.16
N LEU C 26 -3.88 -6.14 31.90
CA LEU C 26 -2.45 -6.17 31.59
C LEU C 26 -1.76 -4.90 32.09
N LYS C 27 -2.29 -3.71 31.74
CA LYS C 27 -1.76 -2.42 32.13
C LYS C 27 -1.74 -2.27 33.65
N SER C 28 -2.81 -2.72 34.32
CA SER C 28 -2.90 -2.71 35.78
C SER C 28 -1.80 -3.59 36.38
N ASP C 29 -1.59 -4.80 35.83
CA ASP C 29 -0.56 -5.71 36.31
C ASP C 29 0.86 -5.18 36.06
N LEU C 30 1.08 -4.52 34.92
CA LEU C 30 2.41 -4.00 34.58
C LEU C 30 2.73 -2.71 35.30
N PHE C 31 1.74 -1.81 35.49
CA PHE C 31 2.01 -0.47 36.01
C PHE C 31 1.54 -0.19 37.43
N ASN C 32 0.53 -0.90 37.95
CA ASN C 32 0.04 -0.59 39.30
C ASN C 32 0.53 -1.58 40.38
N ARG C 33 1.19 -2.69 40.00
CA ARG C 33 1.64 -3.69 40.96
C ARG C 33 3.07 -3.46 41.50
N SER C 34 4.02 -3.15 40.60
CA SER C 34 5.42 -2.94 40.97
C SER C 34 5.83 -1.47 40.77
N PRO C 35 6.85 -0.93 41.51
CA PRO C 35 7.28 0.46 41.25
C PRO C 35 7.87 0.57 39.86
N MET C 36 7.91 1.78 39.30
CA MET C 36 8.45 1.96 37.95
C MET C 36 9.95 1.61 37.90
N TYR C 37 10.40 1.12 36.71
CA TYR C 37 11.79 0.83 36.40
C TYR C 37 12.64 2.05 36.80
N PRO C 38 13.67 1.87 37.67
CA PRO C 38 14.43 3.04 38.15
C PRO C 38 15.53 3.52 37.19
N GLY C 39 15.55 2.97 35.98
CA GLY C 39 16.60 3.27 35.00
C GLY C 39 17.72 2.24 35.09
N PRO C 40 18.65 2.23 34.11
CA PRO C 40 19.74 1.23 34.14
C PRO C 40 20.87 1.56 35.12
N THR C 41 21.73 0.58 35.38
CA THR C 41 22.92 0.69 36.24
C THR C 41 24.07 -0.02 35.55
N LYS C 42 25.31 0.07 36.10
CA LYS C 42 26.47 -0.61 35.54
C LYS C 42 26.25 -2.13 35.56
N ASP C 43 25.57 -2.64 36.60
CA ASP C 43 25.26 -4.06 36.77
C ASP C 43 24.15 -4.54 35.85
N ASP C 44 23.19 -3.64 35.51
CA ASP C 44 22.07 -3.98 34.61
C ASP C 44 22.00 -2.92 33.49
N PRO C 45 22.98 -2.91 32.55
CA PRO C 45 22.95 -1.90 31.49
C PRO C 45 21.80 -2.08 30.52
N LEU C 46 21.50 -1.04 29.76
CA LEU C 46 20.41 -1.05 28.80
C LEU C 46 20.90 -0.58 27.44
N THR C 47 20.46 -1.25 26.39
CA THR C 47 20.80 -0.83 25.04
C THR C 47 19.62 -0.06 24.47
N VAL C 48 19.88 1.15 23.99
CA VAL C 48 18.88 1.97 23.33
C VAL C 48 19.28 2.09 21.84
N THR C 49 18.37 1.70 20.94
CA THR C 49 18.58 1.82 19.49
C THR C 49 17.93 3.11 19.03
N LEU C 50 18.69 3.90 18.29
CA LEU C 50 18.26 5.18 17.75
C LEU C 50 18.26 5.15 16.25
N GLY C 51 17.26 5.79 15.66
CA GLY C 51 17.12 5.95 14.23
C GLY C 51 16.45 7.27 13.92
N PHE C 52 16.93 7.99 12.92
CA PHE C 52 16.36 9.26 12.52
C PHE C 52 15.73 9.17 11.13
N THR C 53 14.56 9.81 11.00
CA THR C 53 13.82 10.02 9.77
C THR C 53 13.76 11.53 9.60
N LEU C 54 14.58 12.09 8.69
CA LEU C 54 14.62 13.53 8.42
C LEU C 54 13.52 13.91 7.44
N GLN C 55 12.63 14.79 7.90
CA GLN C 55 11.49 15.31 7.15
C GLN C 55 11.82 16.59 6.41
N ASP C 56 12.56 17.51 7.07
CA ASP C 56 12.88 18.80 6.48
C ASP C 56 13.88 19.61 7.27
N ILE C 57 14.71 20.40 6.55
CA ILE C 57 15.60 21.46 7.01
C ILE C 57 14.69 22.66 6.83
N VAL C 58 13.98 23.09 7.89
CA VAL C 58 12.95 24.13 7.83
C VAL C 58 13.53 25.55 7.84
N LYS C 59 14.62 25.79 8.58
CA LYS C 59 15.24 27.10 8.71
C LYS C 59 16.75 26.99 8.80
N VAL C 60 17.42 27.98 8.26
CA VAL C 60 18.87 28.15 8.23
C VAL C 60 19.11 29.62 8.59
N ASP C 61 19.72 29.89 9.75
CA ASP C 61 19.95 31.27 10.19
C ASP C 61 21.45 31.56 10.20
N SER C 62 21.91 32.29 9.19
CA SER C 62 23.32 32.61 9.01
C SER C 62 23.79 33.75 9.93
N SER C 63 22.86 34.46 10.58
CA SER C 63 23.22 35.54 11.49
C SER C 63 23.49 35.01 12.92
N THR C 64 22.91 33.85 13.27
CA THR C 64 23.07 33.25 14.59
C THR C 64 23.76 31.88 14.55
N ASN C 65 23.87 31.29 13.35
CA ASN C 65 24.44 29.96 13.08
C ASN C 65 23.59 28.89 13.75
N GLU C 66 22.29 28.89 13.40
CA GLU C 66 21.31 27.93 13.89
C GLU C 66 20.62 27.33 12.69
N VAL C 67 20.39 26.03 12.75
CA VAL C 67 19.67 25.35 11.70
C VAL C 67 18.52 24.59 12.39
N ASP C 68 17.33 24.64 11.77
CA ASP C 68 16.14 23.97 12.31
C ASP C 68 15.81 22.75 11.47
N LEU C 69 15.73 21.59 12.13
CA LEU C 69 15.35 20.34 11.49
C LEU C 69 14.05 19.85 12.02
N VAL C 70 13.28 19.16 11.19
CA VAL C 70 12.08 18.46 11.60
C VAL C 70 12.38 17.00 11.28
N TYR C 71 12.26 16.14 12.28
CA TYR C 71 12.57 14.71 12.11
C TYR C 71 11.75 13.86 13.08
N TYR C 72 11.74 12.55 12.86
CA TYR C 72 11.20 11.55 13.76
C TYR C 72 12.38 10.86 14.36
N GLU C 73 12.39 10.70 15.67
CA GLU C 73 13.47 10.02 16.34
C GLU C 73 12.95 8.69 16.86
N GLN C 74 13.31 7.60 16.22
CA GLN C 74 12.87 6.29 16.67
C GLN C 74 13.77 5.79 17.80
N GLN C 75 13.17 5.45 18.94
CA GLN C 75 13.86 4.93 20.12
C GLN C 75 13.35 3.57 20.47
N ARG C 76 14.25 2.59 20.60
CA ARG C 76 13.90 1.23 20.98
C ARG C 76 14.75 0.76 22.12
N TRP C 77 14.14 0.08 23.09
CA TRP C 77 14.82 -0.56 24.20
C TRP C 77 13.91 -1.72 24.67
N LYS C 78 14.42 -2.56 25.56
CA LYS C 78 13.70 -3.73 26.05
C LYS C 78 13.87 -3.85 27.55
N LEU C 79 12.76 -4.07 28.27
CA LEU C 79 12.77 -4.25 29.72
C LEU C 79 12.15 -5.57 30.10
N ASN C 80 12.80 -6.31 31.01
CA ASN C 80 12.26 -7.56 31.55
C ASN C 80 10.97 -7.30 32.33
N SER C 81 10.88 -6.14 33.02
CA SER C 81 9.74 -5.74 33.82
C SER C 81 8.49 -5.43 32.95
N LEU C 82 8.67 -5.29 31.62
CA LEU C 82 7.56 -5.01 30.70
C LEU C 82 7.13 -6.25 29.91
N MET C 83 7.68 -7.43 30.26
CA MET C 83 7.34 -8.70 29.63
C MET C 83 6.05 -9.28 30.18
N TRP C 84 5.33 -10.01 29.33
CA TRP C 84 4.11 -10.74 29.70
C TRP C 84 3.89 -11.88 28.72
N ASP C 85 3.12 -12.88 29.18
CA ASP C 85 2.71 -14.01 28.38
C ASP C 85 1.39 -13.65 27.71
N PRO C 86 1.35 -13.50 26.36
CA PRO C 86 0.09 -13.16 25.68
C PRO C 86 -1.07 -14.10 26.03
N ASN C 87 -0.78 -15.40 26.28
CA ASN C 87 -1.78 -16.43 26.63
C ASN C 87 -2.57 -16.09 27.90
N GLU C 88 -1.93 -15.38 28.84
CA GLU C 88 -2.52 -14.95 30.12
C GLU C 88 -3.36 -13.67 29.97
N TYR C 89 -3.28 -13.00 28.80
CA TYR C 89 -3.95 -11.73 28.56
C TYR C 89 -4.67 -11.66 27.20
N GLY C 90 -5.53 -12.63 26.93
CA GLY C 90 -6.34 -12.71 25.71
C GLY C 90 -5.60 -12.57 24.39
N ASN C 91 -4.37 -13.11 24.33
CA ASN C 91 -3.45 -13.12 23.19
C ASN C 91 -2.99 -11.70 22.75
N ILE C 92 -2.91 -10.74 23.70
CA ILE C 92 -2.40 -9.38 23.44
C ILE C 92 -0.88 -9.51 23.31
N THR C 93 -0.33 -9.11 22.16
CA THR C 93 1.11 -9.21 21.87
C THR C 93 1.80 -7.86 22.01
N ASP C 94 1.02 -6.77 21.95
CA ASP C 94 1.50 -5.40 22.10
C ASP C 94 0.36 -4.46 22.41
N PHE C 95 0.69 -3.30 22.96
CA PHE C 95 -0.26 -2.24 23.27
C PHE C 95 0.42 -0.86 23.22
N ARG C 96 -0.42 0.17 23.13
CA ARG C 96 0.00 1.57 23.12
C ARG C 96 -0.28 2.18 24.45
N THR C 97 0.66 2.96 24.97
CA THR C 97 0.47 3.63 26.26
C THR C 97 1.23 4.95 26.26
N SER C 98 0.74 5.90 27.05
CA SER C 98 1.37 7.20 27.26
C SER C 98 2.80 7.00 27.72
N ALA C 99 3.72 7.78 27.17
CA ALA C 99 5.14 7.74 27.45
C ALA C 99 5.43 8.05 28.93
N ALA C 100 4.46 8.66 29.63
CA ALA C 100 4.49 9.04 31.06
C ALA C 100 4.30 7.83 31.95
N ASP C 101 3.67 6.74 31.45
CA ASP C 101 3.39 5.51 32.21
C ASP C 101 4.64 4.63 32.34
N ILE C 102 5.64 4.91 31.50
CA ILE C 102 6.86 4.09 31.43
C ILE C 102 8.11 4.95 31.56
N TRP C 103 9.22 4.30 31.85
CA TRP C 103 10.52 4.90 31.86
C TRP C 103 10.91 5.15 30.38
N THR C 104 11.55 6.28 30.09
CA THR C 104 12.02 6.60 28.75
C THR C 104 13.47 7.07 28.87
N PRO C 105 14.35 6.75 27.89
CA PRO C 105 15.74 7.22 28.00
C PRO C 105 15.84 8.74 27.84
N ASP C 106 16.84 9.33 28.51
CA ASP C 106 17.09 10.78 28.49
C ASP C 106 17.98 11.18 27.29
N ILE C 107 17.65 10.66 26.09
CA ILE C 107 18.37 10.98 24.85
C ILE C 107 18.12 12.45 24.51
N THR C 108 19.20 13.20 24.35
CA THR C 108 19.18 14.63 24.08
C THR C 108 20.12 14.97 22.98
N ALA C 109 19.83 16.07 22.28
CA ALA C 109 20.75 16.69 21.34
C ALA C 109 21.76 17.45 22.19
N TYR C 110 23.06 17.31 21.93
CA TYR C 110 24.10 17.93 22.74
C TYR C 110 24.44 19.37 22.35
N SER C 111 23.90 19.87 21.23
CA SER C 111 24.23 21.21 20.75
C SER C 111 22.98 21.96 20.27
N SER C 112 21.86 21.71 20.92
CA SER C 112 20.60 22.44 20.67
C SER C 112 20.75 23.88 21.20
N THR C 113 19.98 24.81 20.61
CA THR C 113 20.07 26.21 21.01
C THR C 113 18.74 26.67 21.60
N ARG C 114 17.69 25.87 21.40
CA ARG C 114 16.31 26.12 21.88
C ARG C 114 15.77 24.84 22.44
N PRO C 115 14.78 24.85 23.36
CA PRO C 115 14.21 23.55 23.81
C PRO C 115 13.55 22.87 22.60
N VAL C 116 13.71 21.54 22.49
CA VAL C 116 13.17 20.76 21.39
C VAL C 116 11.63 20.82 21.46
N GLN C 117 10.98 21.03 20.29
CA GLN C 117 9.52 21.11 20.20
C GLN C 117 8.97 19.80 19.71
N VAL C 118 8.08 19.21 20.50
CA VAL C 118 7.45 17.93 20.23
C VAL C 118 6.26 18.19 19.30
N LEU C 119 6.24 17.46 18.17
CA LEU C 119 5.21 17.61 17.15
C LEU C 119 4.28 16.43 17.11
N SER C 120 4.50 15.43 17.96
CA SER C 120 3.66 14.24 17.93
C SER C 120 3.16 13.81 19.31
N PRO C 121 2.06 13.02 19.40
CA PRO C 121 1.60 12.49 20.70
C PRO C 121 2.72 11.73 21.41
N GLN C 122 2.80 11.85 22.74
CA GLN C 122 3.82 11.19 23.55
C GLN C 122 3.33 9.81 24.00
N ILE C 123 3.32 8.87 23.05
CA ILE C 123 2.79 7.51 23.23
C ILE C 123 3.82 6.51 22.69
N ALA C 124 4.06 5.42 23.44
CA ALA C 124 4.97 4.33 23.06
C ALA C 124 4.21 3.02 22.82
N VAL C 125 4.81 2.10 22.06
CA VAL C 125 4.28 0.78 21.79
C VAL C 125 5.09 -0.19 22.62
N VAL C 126 4.43 -0.98 23.47
CA VAL C 126 5.06 -2.01 24.31
C VAL C 126 4.67 -3.38 23.73
N THR C 127 5.67 -4.24 23.48
CA THR C 127 5.50 -5.60 22.95
C THR C 127 5.74 -6.58 24.13
N HIS C 128 5.08 -7.77 24.09
CA HIS C 128 5.11 -8.81 25.14
C HIS C 128 6.49 -9.29 25.56
N ASP C 129 7.50 -9.12 24.68
CA ASP C 129 8.88 -9.50 24.96
C ASP C 129 9.58 -8.38 25.76
N GLY C 130 8.84 -7.33 26.11
CA GLY C 130 9.34 -6.20 26.89
C GLY C 130 9.92 -5.09 26.06
N SER C 131 9.82 -5.21 24.72
CA SER C 131 10.31 -4.21 23.76
C SER C 131 9.44 -2.97 23.78
N VAL C 132 10.09 -1.80 23.74
CA VAL C 132 9.40 -0.52 23.70
C VAL C 132 9.85 0.21 22.46
N MET C 133 8.90 0.77 21.72
CA MET C 133 9.21 1.62 20.59
C MET C 133 8.52 2.95 20.79
N PHE C 134 9.33 4.00 20.83
CA PHE C 134 8.86 5.36 21.05
C PHE C 134 9.40 6.23 19.92
N ILE C 135 8.50 6.87 19.14
CA ILE C 135 8.93 7.67 17.99
C ILE C 135 8.44 9.12 18.09
N PRO C 136 9.11 9.98 18.89
CA PRO C 136 8.69 11.39 18.93
C PRO C 136 9.13 12.19 17.68
N ALA C 137 8.18 12.96 17.09
CA ALA C 137 8.49 13.87 15.99
C ALA C 137 8.93 15.16 16.67
N GLN C 138 10.03 15.73 16.18
CA GLN C 138 10.56 16.90 16.85
C GLN C 138 11.01 17.98 15.89
N ARG C 139 10.96 19.23 16.37
CA ARG C 139 11.58 20.36 15.73
C ARG C 139 12.77 20.75 16.62
N LEU C 140 13.98 20.70 16.03
CA LEU C 140 15.22 21.02 16.70
C LEU C 140 15.95 22.21 16.09
N SER C 141 16.38 23.17 16.94
CA SER C 141 17.31 24.25 16.60
C SER C 141 18.66 23.86 17.15
N PHE C 142 19.70 23.77 16.30
CA PHE C 142 21.01 23.36 16.79
C PHE C 142 22.09 24.21 16.14
N MET C 143 23.29 24.22 16.76
CA MET C 143 24.46 24.98 16.31
C MET C 143 24.99 24.45 15.00
N CYS C 144 24.96 25.32 13.99
CA CYS C 144 25.35 25.00 12.65
C CYS C 144 25.66 26.26 11.85
N ASP C 145 26.91 26.38 11.35
CA ASP C 145 27.34 27.46 10.46
C ASP C 145 26.92 27.08 9.03
N PRO C 146 25.91 27.77 8.44
CA PRO C 146 25.44 27.38 7.11
C PRO C 146 26.19 28.02 5.94
N THR C 147 27.37 28.62 6.18
CA THR C 147 28.18 29.25 5.13
C THR C 147 28.51 28.19 4.06
N GLY C 148 28.09 28.48 2.84
CA GLY C 148 28.28 27.61 1.69
C GLY C 148 27.05 26.81 1.32
N VAL C 149 25.89 27.06 1.98
CA VAL C 149 24.64 26.34 1.69
C VAL C 149 24.13 26.70 0.26
N ASP C 150 24.39 27.95 -0.18
CA ASP C 150 23.99 28.48 -1.48
C ASP C 150 24.97 28.09 -2.61
N SER C 151 25.89 27.14 -2.33
CA SER C 151 26.86 26.64 -3.30
C SER C 151 26.49 25.21 -3.72
N GLU C 152 27.19 24.70 -4.75
CA GLU C 152 26.97 23.35 -5.29
C GLU C 152 27.51 22.29 -4.32
N GLU C 153 28.59 22.64 -3.60
CA GLU C 153 29.27 21.79 -2.61
C GLU C 153 28.41 21.64 -1.37
N GLY C 154 27.63 22.66 -1.06
CA GLY C 154 26.76 22.68 0.10
C GLY C 154 27.48 22.90 1.41
N VAL C 155 26.82 22.54 2.51
CA VAL C 155 27.36 22.68 3.86
C VAL C 155 27.10 21.41 4.66
N THR C 156 28.03 21.07 5.56
CA THR C 156 27.87 19.92 6.44
C THR C 156 27.58 20.39 7.85
N CYS C 157 26.56 19.79 8.45
CA CYS C 157 26.31 20.08 9.84
C CYS C 157 26.05 18.84 10.61
N ALA C 158 26.45 18.87 11.89
CA ALA C 158 26.37 17.72 12.77
C ALA C 158 25.81 18.08 14.12
N VAL C 159 25.11 17.12 14.72
CA VAL C 159 24.54 17.23 16.06
C VAL C 159 24.60 15.82 16.68
N LYS C 160 25.18 15.74 17.88
CA LYS C 160 25.30 14.50 18.63
C LYS C 160 24.11 14.34 19.56
N PHE C 161 23.64 13.11 19.66
CA PHE C 161 22.54 12.69 20.51
C PHE C 161 23.02 11.61 21.39
N GLY C 162 22.63 11.68 22.63
CA GLY C 162 23.00 10.67 23.60
C GLY C 162 22.34 10.95 24.91
N SER C 163 22.60 10.08 25.89
CA SER C 163 22.10 10.25 27.24
C SER C 163 22.76 11.46 27.87
N TRP C 164 21.98 12.24 28.61
CA TRP C 164 22.50 13.39 29.31
C TRP C 164 23.25 12.97 30.58
N VAL C 165 22.73 11.99 31.35
CA VAL C 165 23.28 11.60 32.65
C VAL C 165 23.86 10.17 32.71
N TYR C 166 23.58 9.31 31.73
CA TYR C 166 24.11 7.94 31.77
C TYR C 166 25.31 7.77 30.86
N SER C 167 26.37 7.10 31.35
CA SER C 167 27.57 6.77 30.57
C SER C 167 27.30 5.47 29.75
N GLY C 168 28.31 5.03 28.98
CA GLY C 168 28.24 3.80 28.19
C GLY C 168 28.18 2.53 29.04
N PHE C 169 28.36 2.67 30.35
CA PHE C 169 28.25 1.58 31.31
C PHE C 169 26.79 1.34 31.70
N GLU C 170 25.93 2.37 31.61
CA GLU C 170 24.50 2.26 31.96
C GLU C 170 23.63 2.20 30.70
N ILE C 171 23.86 3.12 29.74
CA ILE C 171 23.12 3.15 28.49
C ILE C 171 24.08 2.98 27.34
N ASP C 172 23.90 1.87 26.61
CA ASP C 172 24.61 1.57 25.39
C ASP C 172 23.75 2.07 24.23
N LEU C 173 24.25 3.02 23.47
CA LEU C 173 23.51 3.50 22.30
C LEU C 173 23.88 2.72 21.06
N LYS C 174 22.93 2.46 20.14
CA LYS C 174 23.24 1.80 18.86
C LYS C 174 22.30 2.30 17.76
N THR C 175 22.59 1.93 16.52
CA THR C 175 21.82 2.26 15.32
C THR C 175 21.61 0.96 14.53
N ASP C 176 20.54 0.87 13.72
CA ASP C 176 20.30 -0.30 12.91
C ASP C 176 21.01 -0.13 11.56
N THR C 177 21.20 1.13 11.18
CA THR C 177 21.85 1.57 9.94
C THR C 177 22.50 2.93 10.20
N ASP C 178 23.54 3.26 9.43
CA ASP C 178 24.26 4.53 9.49
C ASP C 178 23.62 5.51 8.55
N GLN C 179 22.63 5.05 7.77
CA GLN C 179 21.90 5.88 6.83
C GLN C 179 20.63 6.40 7.45
N VAL C 180 20.50 7.72 7.48
CA VAL C 180 19.29 8.41 7.97
C VAL C 180 18.19 8.13 6.96
N ASP C 181 16.98 7.84 7.44
CA ASP C 181 15.84 7.58 6.56
C ASP C 181 15.41 8.90 5.92
N LEU C 182 15.60 8.99 4.59
CA LEU C 182 15.28 10.17 3.79
C LEU C 182 14.06 9.92 2.89
N SER C 183 13.36 8.79 3.08
CA SER C 183 12.18 8.41 2.28
C SER C 183 10.95 9.29 2.59
N SER C 184 10.96 10.03 3.69
CA SER C 184 9.86 10.93 4.09
C SER C 184 10.31 12.40 4.00
N TYR C 185 11.48 12.66 3.38
CA TYR C 185 12.02 14.01 3.26
C TYR C 185 11.15 14.81 2.30
N TYR C 186 10.75 16.02 2.74
CA TYR C 186 9.89 16.92 1.98
C TYR C 186 10.51 17.20 0.59
N ALA C 187 9.82 16.76 -0.47
CA ALA C 187 10.25 16.83 -1.87
C ALA C 187 10.40 18.28 -2.39
N SER C 188 9.62 19.24 -1.83
CA SER C 188 9.66 20.64 -2.26
C SER C 188 10.35 21.52 -1.19
N SER C 189 11.26 20.93 -0.41
CA SER C 189 12.05 21.62 0.60
C SER C 189 12.95 22.66 -0.04
N LYS C 190 13.30 23.73 0.71
CA LYS C 190 14.22 24.78 0.22
C LYS C 190 15.63 24.20 0.07
N TYR C 191 15.89 23.10 0.81
CA TYR C 191 17.19 22.42 0.86
C TYR C 191 17.12 21.01 0.31
N GLU C 192 18.20 20.64 -0.32
CA GLU C 192 18.42 19.33 -0.90
C GLU C 192 19.45 18.61 -0.03
N ILE C 193 19.21 17.32 0.27
CA ILE C 193 20.12 16.51 1.09
C ILE C 193 21.12 15.83 0.19
N LEU C 194 22.41 16.14 0.40
CA LEU C 194 23.51 15.52 -0.32
C LEU C 194 23.89 14.19 0.36
N SER C 195 23.82 14.15 1.70
CA SER C 195 24.04 12.95 2.52
C SER C 195 23.52 13.18 3.93
N ALA C 196 23.03 12.11 4.57
CA ALA C 196 22.57 12.16 5.95
C ALA C 196 22.90 10.84 6.61
N THR C 197 23.84 10.90 7.59
CA THR C 197 24.30 9.71 8.29
C THR C 197 24.06 9.84 9.80
N GLN C 198 23.89 8.70 10.48
CA GLN C 198 23.68 8.59 11.93
C GLN C 198 24.69 7.56 12.45
N THR C 199 25.80 8.04 13.03
CA THR C 199 26.90 7.17 13.45
C THR C 199 27.07 7.11 14.96
N ARG C 200 27.09 5.88 15.49
CA ARG C 200 27.39 5.58 16.88
C ARG C 200 28.88 5.90 17.12
N GLN C 201 29.16 6.69 18.16
CA GLN C 201 30.54 7.07 18.47
C GLN C 201 30.78 6.86 19.93
N VAL C 202 31.96 6.34 20.29
CA VAL C 202 32.41 6.07 21.65
C VAL C 202 33.50 7.09 21.96
N GLN C 203 33.45 7.67 23.15
CA GLN C 203 34.35 8.72 23.65
C GLN C 203 35.01 8.27 24.92
N HIS C 204 36.33 8.42 24.98
CA HIS C 204 37.13 8.11 26.15
C HIS C 204 37.73 9.39 26.63
N TYR C 205 37.65 9.66 27.94
CA TYR C 205 38.27 10.81 28.55
C TYR C 205 39.31 10.28 29.55
N SER C 206 40.46 10.97 29.68
CA SER C 206 41.57 10.59 30.56
C SER C 206 41.17 10.51 32.04
N CYS C 207 40.28 11.42 32.48
CA CYS C 207 39.74 11.57 33.84
C CYS C 207 39.14 10.27 34.39
N CYS C 208 38.24 9.73 33.56
CA CYS C 208 37.20 8.77 33.81
C CYS C 208 37.39 7.41 33.13
N PRO C 209 37.16 6.30 33.88
CA PRO C 209 37.29 4.97 33.27
C PRO C 209 36.10 4.56 32.38
N GLU C 210 34.94 5.23 32.52
CA GLU C 210 33.72 4.90 31.78
C GLU C 210 33.69 5.52 30.38
N PRO C 211 33.23 4.72 29.35
CA PRO C 211 33.13 5.29 28.01
C PRO C 211 31.83 6.09 27.85
N TYR C 212 31.81 7.00 26.89
CA TYR C 212 30.64 7.83 26.61
C TYR C 212 30.19 7.56 25.17
N ILE C 213 28.90 7.30 24.97
CA ILE C 213 28.34 6.97 23.66
C ILE C 213 27.38 8.05 23.18
N ASP C 214 27.48 8.37 21.90
CA ASP C 214 26.59 9.30 21.23
C ASP C 214 26.31 8.78 19.80
N VAL C 215 25.27 9.32 19.18
CA VAL C 215 24.90 9.06 17.79
C VAL C 215 25.05 10.41 17.11
N ASN C 216 26.01 10.51 16.20
CA ASN C 216 26.31 11.74 15.50
C ASN C 216 25.47 11.81 14.20
N LEU C 217 24.53 12.75 14.16
CA LEU C 217 23.70 13.02 12.99
C LEU C 217 24.42 14.05 12.13
N VAL C 218 24.98 13.61 11.00
CA VAL C 218 25.73 14.45 10.08
C VAL C 218 24.88 14.62 8.80
N VAL C 219 24.51 15.86 8.49
CA VAL C 219 23.70 16.17 7.32
C VAL C 219 24.48 17.15 6.41
N LYS C 220 24.70 16.74 5.15
CA LYS C 220 25.31 17.56 4.11
C LYS C 220 24.17 18.03 3.23
N PHE C 221 24.04 19.35 3.07
CA PHE C 221 22.93 19.91 2.29
C PHE C 221 23.26 21.21 1.59
N ARG C 222 22.42 21.56 0.65
CA ARG C 222 22.54 22.77 -0.13
C ARG C 222 21.17 23.29 -0.51
N GLU C 223 21.09 24.53 -1.01
CA GLU C 223 19.84 25.12 -1.49
C GLU C 223 19.42 24.38 -2.76
N ARG C 224 18.16 23.90 -2.80
CA ARG C 224 17.58 23.19 -3.94
C ARG C 224 17.36 24.16 -5.10
N GLN D 20 17.86 -3.86 39.80
CA GLN D 20 16.69 -2.98 39.78
C GLN D 20 16.07 -2.93 41.17
N ALA D 21 15.89 -4.11 41.80
CA ALA D 21 15.28 -4.29 43.11
C ALA D 21 15.96 -3.45 44.21
N ASN D 22 17.31 -3.45 44.25
CA ASN D 22 18.10 -2.70 45.23
C ASN D 22 17.97 -1.21 45.02
N LEU D 23 17.95 -0.76 43.73
CA LEU D 23 17.80 0.65 43.40
C LEU D 23 16.37 1.13 43.73
N MET D 24 15.36 0.30 43.41
CA MET D 24 13.95 0.59 43.72
C MET D 24 13.78 0.79 45.22
N ARG D 25 14.46 -0.06 46.02
CA ARG D 25 14.46 -0.07 47.48
C ARG D 25 15.14 1.20 48.02
N LEU D 26 16.32 1.57 47.49
CA LEU D 26 17.08 2.78 47.88
C LEU D 26 16.28 4.05 47.65
N LYS D 27 15.67 4.19 46.46
CA LYS D 27 14.86 5.36 46.09
C LYS D 27 13.62 5.45 46.99
N SER D 28 12.96 4.31 47.26
CA SER D 28 11.82 4.25 48.16
C SER D 28 12.24 4.68 49.59
N ASP D 29 13.38 4.17 50.10
CA ASP D 29 13.87 4.55 51.42
C ASP D 29 14.27 6.03 51.50
N LEU D 30 14.89 6.57 50.44
CA LEU D 30 15.32 7.95 50.44
C LEU D 30 14.20 8.94 50.20
N PHE D 31 13.21 8.60 49.34
CA PHE D 31 12.19 9.57 48.93
C PHE D 31 10.78 9.33 49.49
N ASN D 32 10.40 8.10 49.84
CA ASN D 32 9.04 7.85 50.32
C ASN D 32 8.92 7.72 51.84
N ARG D 33 10.04 7.64 52.59
CA ARG D 33 9.99 7.45 54.04
C ARG D 33 9.98 8.78 54.83
N SER D 34 10.89 9.70 54.48
CA SER D 34 11.03 11.00 55.16
C SER D 34 10.52 12.14 54.28
N PRO D 35 10.01 13.28 54.87
CA PRO D 35 9.60 14.41 54.02
C PRO D 35 10.81 14.99 53.30
N MET D 36 10.57 15.72 52.20
CA MET D 36 11.66 16.31 51.44
C MET D 36 12.40 17.37 52.28
N TYR D 37 13.71 17.50 52.00
CA TYR D 37 14.60 18.47 52.58
C TYR D 37 13.95 19.87 52.45
N PRO D 38 13.76 20.60 53.57
CA PRO D 38 13.03 21.88 53.50
C PRO D 38 13.90 23.08 53.06
N GLY D 39 15.14 22.80 52.62
CA GLY D 39 16.08 23.84 52.25
C GLY D 39 16.98 24.19 53.43
N PRO D 40 18.08 24.95 53.20
CA PRO D 40 18.99 25.27 54.31
C PRO D 40 18.49 26.40 55.23
N THR D 41 19.15 26.55 56.40
CA THR D 41 18.90 27.57 57.42
C THR D 41 20.25 28.11 57.90
N LYS D 42 20.25 29.16 58.75
CA LYS D 42 21.49 29.72 59.30
C LYS D 42 22.23 28.67 60.15
N ASP D 43 21.46 27.82 60.86
CA ASP D 43 21.98 26.75 61.71
C ASP D 43 22.47 25.54 60.91
N ASP D 44 21.88 25.28 59.73
CA ASP D 44 22.28 24.17 58.85
C ASP D 44 22.55 24.72 57.44
N PRO D 45 23.63 25.51 57.25
CA PRO D 45 23.88 26.09 55.92
C PRO D 45 24.28 25.03 54.91
N LEU D 46 24.21 25.40 53.63
CA LEU D 46 24.54 24.51 52.54
C LEU D 46 25.51 25.18 51.60
N THR D 47 26.51 24.43 51.16
CA THR D 47 27.46 24.94 50.18
C THR D 47 27.04 24.41 48.83
N VAL D 48 26.90 25.33 47.85
CA VAL D 48 26.54 24.98 46.48
C VAL D 48 27.74 25.39 45.61
N THR D 49 28.29 24.43 44.86
CA THR D 49 29.40 24.67 43.96
C THR D 49 28.82 24.84 42.56
N LEU D 50 29.19 25.94 41.92
CA LEU D 50 28.77 26.32 40.57
C LEU D 50 29.91 26.31 39.60
N GLY D 51 29.62 25.88 38.39
CA GLY D 51 30.58 25.87 37.31
C GLY D 51 29.86 26.05 35.99
N PHE D 52 30.43 26.84 35.07
CA PHE D 52 29.83 27.08 33.75
C PHE D 52 30.69 26.52 32.63
N THR D 53 30.00 25.91 31.66
CA THR D 53 30.56 25.38 30.42
C THR D 53 29.86 26.12 29.32
N LEU D 54 30.53 27.11 28.72
CA LEU D 54 29.96 27.91 27.65
C LEU D 54 30.07 27.22 26.32
N GLN D 55 28.90 26.94 25.71
CA GLN D 55 28.76 26.29 24.43
C GLN D 55 28.72 27.27 23.27
N ASP D 56 27.95 28.34 23.41
CA ASP D 56 27.79 29.29 22.32
C ASP D 56 27.18 30.60 22.74
N ILE D 57 27.65 31.68 22.14
CA ILE D 57 27.00 32.99 22.20
C ILE D 57 26.14 32.92 20.96
N VAL D 58 24.86 32.61 21.15
CA VAL D 58 23.94 32.35 20.04
C VAL D 58 23.44 33.64 19.33
N LYS D 59 23.14 34.69 20.08
CA LYS D 59 22.57 35.93 19.57
C LYS D 59 23.07 37.14 20.33
N VAL D 60 23.18 38.25 19.62
CA VAL D 60 23.55 39.55 20.14
C VAL D 60 22.50 40.52 19.56
N ASP D 61 21.84 41.32 20.42
CA ASP D 61 20.85 42.29 19.93
C ASP D 61 21.27 43.70 20.40
N SER D 62 21.81 44.49 19.47
CA SER D 62 22.30 45.84 19.74
C SER D 62 21.16 46.88 19.84
N SER D 63 19.93 46.51 19.42
CA SER D 63 18.80 47.43 19.49
C SER D 63 18.11 47.36 20.87
N THR D 64 18.27 46.23 21.58
CA THR D 64 17.65 46.02 22.91
C THR D 64 18.67 45.79 24.01
N ASN D 65 19.95 45.57 23.65
CA ASN D 65 21.08 45.27 24.53
C ASN D 65 20.83 43.97 25.30
N GLU D 66 20.60 42.90 24.53
CA GLU D 66 20.39 41.55 25.02
C GLU D 66 21.36 40.63 24.32
N VAL D 67 21.93 39.70 25.07
CA VAL D 67 22.83 38.71 24.49
C VAL D 67 22.31 37.34 24.94
N ASP D 68 22.30 36.36 24.02
CA ASP D 68 21.83 34.99 24.28
C ASP D 68 23.00 34.02 24.36
N LEU D 69 23.11 33.31 25.48
CA LEU D 69 24.15 32.31 25.70
C LEU D 69 23.55 30.96 25.84
N VAL D 70 24.27 29.94 25.38
CA VAL D 70 23.91 28.54 25.60
C VAL D 70 25.07 27.97 26.43
N TYR D 71 24.75 27.42 27.58
CA TYR D 71 25.76 26.90 28.49
C TYR D 71 25.21 25.75 29.32
N TYR D 72 26.10 25.01 29.99
CA TYR D 72 25.78 24.00 30.98
C TYR D 72 26.13 24.61 32.30
N GLU D 73 25.24 24.49 33.27
CA GLU D 73 25.49 25.03 34.59
C GLU D 73 25.64 23.86 35.54
N GLN D 74 26.86 23.55 35.94
CA GLN D 74 27.09 22.46 36.88
C GLN D 74 26.83 22.93 38.30
N GLN D 75 25.95 22.23 39.02
CA GLN D 75 25.58 22.50 40.41
C GLN D 75 25.86 21.29 41.25
N ARG D 76 26.59 21.50 42.35
CA ARG D 76 26.92 20.44 43.30
C ARG D 76 26.60 20.88 44.69
N TRP D 77 26.01 19.97 45.49
CA TRP D 77 25.73 20.20 46.90
C TRP D 77 25.65 18.82 47.54
N LYS D 78 25.60 18.77 48.88
CA LYS D 78 25.63 17.53 49.64
C LYS D 78 24.60 17.59 50.75
N LEU D 79 23.78 16.57 50.85
CA LEU D 79 22.78 16.49 51.92
C LEU D 79 22.98 15.23 52.73
N ASN D 80 22.93 15.35 54.06
CA ASN D 80 23.02 14.21 54.96
C ASN D 80 21.83 13.28 54.75
N SER D 81 20.66 13.84 54.43
CA SER D 81 19.42 13.07 54.20
C SER D 81 19.48 12.21 52.92
N LEU D 82 20.48 12.45 52.04
CA LEU D 82 20.67 11.69 50.80
C LEU D 82 21.79 10.66 50.89
N MET D 83 22.35 10.48 52.08
CA MET D 83 23.40 9.50 52.34
C MET D 83 22.83 8.11 52.52
N TRP D 84 23.63 7.10 52.16
CA TRP D 84 23.31 5.69 52.37
C TRP D 84 24.59 4.87 52.37
N ASP D 85 24.49 3.69 52.99
CA ASP D 85 25.57 2.73 53.04
C ASP D 85 25.43 1.81 51.82
N PRO D 86 26.37 1.86 50.84
CA PRO D 86 26.26 0.98 49.66
C PRO D 86 26.09 -0.51 50.00
N ASN D 87 26.69 -0.98 51.12
CA ASN D 87 26.63 -2.37 51.60
C ASN D 87 25.19 -2.84 51.87
N GLU D 88 24.30 -1.91 52.26
CA GLU D 88 22.89 -2.17 52.56
C GLU D 88 22.03 -2.16 51.29
N TYR D 89 22.59 -1.71 50.15
CA TYR D 89 21.85 -1.58 48.89
C TYR D 89 22.59 -2.15 47.68
N GLY D 90 23.01 -3.42 47.78
CA GLY D 90 23.69 -4.14 46.71
C GLY D 90 24.88 -3.46 46.07
N ASN D 91 25.67 -2.72 46.90
CA ASN D 91 26.88 -1.97 46.56
C ASN D 91 26.62 -0.81 45.55
N ILE D 92 25.40 -0.22 45.57
CA ILE D 92 25.06 0.95 44.74
C ILE D 92 25.77 2.15 45.37
N THR D 93 26.62 2.85 44.59
CA THR D 93 27.39 4.00 45.08
C THR D 93 26.81 5.31 44.59
N ASP D 94 25.98 5.25 43.55
CA ASP D 94 25.30 6.40 42.96
C ASP D 94 24.15 5.97 42.07
N PHE D 95 23.23 6.90 41.82
CA PHE D 95 22.09 6.68 40.93
C PHE D 95 21.64 8.01 40.30
N ARG D 96 20.85 7.90 39.23
CA ARG D 96 20.26 9.02 38.50
C ARG D 96 18.80 9.10 38.84
N THR D 97 18.31 10.31 39.08
CA THR D 97 16.90 10.52 39.41
C THR D 97 16.47 11.89 38.90
N SER D 98 15.16 12.01 38.59
CA SER D 98 14.53 13.25 38.18
C SER D 98 14.82 14.33 39.22
N ALA D 99 15.23 15.53 38.79
CA ALA D 99 15.51 16.65 39.68
C ALA D 99 14.26 17.06 40.50
N ALA D 100 13.06 16.67 40.04
CA ALA D 100 11.80 16.92 40.73
C ALA D 100 11.65 16.09 42.02
N ASP D 101 12.39 14.96 42.14
CA ASP D 101 12.37 14.06 43.32
C ASP D 101 13.17 14.60 44.49
N ILE D 102 14.03 15.58 44.22
CA ILE D 102 14.94 16.16 45.20
C ILE D 102 14.81 17.67 45.26
N TRP D 103 15.31 18.25 46.37
CA TRP D 103 15.41 19.69 46.54
C TRP D 103 16.55 20.16 45.61
N THR D 104 16.39 21.31 44.98
CA THR D 104 17.43 21.89 44.12
C THR D 104 17.59 23.34 44.53
N PRO D 105 18.84 23.90 44.49
CA PRO D 105 19.00 25.33 44.86
C PRO D 105 18.33 26.27 43.85
N ASP D 106 17.86 27.43 44.36
CA ASP D 106 17.16 28.46 43.56
C ASP D 106 18.17 29.42 42.89
N ILE D 107 19.23 28.88 42.28
CA ILE D 107 20.25 29.64 41.57
C ILE D 107 19.63 30.25 40.33
N THR D 108 19.73 31.58 40.20
CA THR D 108 19.14 32.26 39.06
C THR D 108 20.10 33.33 38.58
N ALA D 109 19.98 33.66 37.30
CA ALA D 109 20.70 34.78 36.71
C ALA D 109 20.02 36.06 37.23
N TYR D 110 20.80 37.04 37.68
CA TYR D 110 20.23 38.24 38.28
C TYR D 110 19.86 39.31 37.25
N SER D 111 20.28 39.17 35.99
CA SER D 111 20.01 40.21 34.99
C SER D 111 19.51 39.60 33.66
N SER D 112 18.71 38.54 33.77
CA SER D 112 18.03 37.93 32.62
C SER D 112 16.92 38.88 32.11
N THR D 113 16.57 38.75 30.84
CA THR D 113 15.52 39.59 30.26
C THR D 113 14.35 38.71 29.76
N ARG D 114 14.57 37.39 29.74
CA ARG D 114 13.59 36.38 29.29
C ARG D 114 13.66 35.22 30.26
N PRO D 115 12.59 34.43 30.50
CA PRO D 115 12.75 33.24 31.33
C PRO D 115 13.78 32.30 30.70
N VAL D 116 14.68 31.72 31.53
CA VAL D 116 15.72 30.81 31.07
C VAL D 116 15.06 29.54 30.44
N GLN D 117 15.60 29.08 29.30
CA GLN D 117 15.06 27.91 28.58
C GLN D 117 15.94 26.73 28.86
N VAL D 118 15.36 25.66 29.39
CA VAL D 118 16.05 24.43 29.71
C VAL D 118 16.15 23.59 28.45
N LEU D 119 17.37 23.18 28.10
CA LEU D 119 17.64 22.42 26.88
C LEU D 119 17.98 20.98 27.16
N SER D 120 18.06 20.60 28.41
CA SER D 120 18.44 19.24 28.73
C SER D 120 17.45 18.56 29.70
N PRO D 121 17.45 17.21 29.80
CA PRO D 121 16.59 16.54 30.78
C PRO D 121 16.92 17.01 32.19
N GLN D 122 15.91 17.09 33.05
CA GLN D 122 16.07 17.57 34.43
C GLN D 122 16.33 16.35 35.33
N ILE D 123 17.59 15.83 35.26
CA ILE D 123 17.99 14.63 35.99
C ILE D 123 19.28 14.90 36.73
N ALA D 124 19.36 14.43 37.98
CA ALA D 124 20.52 14.64 38.84
C ALA D 124 21.18 13.29 39.17
N VAL D 125 22.45 13.34 39.58
CA VAL D 125 23.21 12.15 40.01
C VAL D 125 23.40 12.29 41.52
N VAL D 126 22.91 11.29 42.28
CA VAL D 126 23.03 11.25 43.73
C VAL D 126 24.07 10.17 44.07
N THR D 127 25.11 10.54 44.87
CA THR D 127 26.18 9.66 45.33
C THR D 127 25.91 9.32 46.82
N HIS D 128 26.34 8.13 47.26
CA HIS D 128 26.10 7.57 48.61
C HIS D 128 26.54 8.47 49.78
N ASP D 129 27.45 9.40 49.53
CA ASP D 129 27.94 10.35 50.53
C ASP D 129 26.98 11.54 50.65
N GLY D 130 25.87 11.50 49.91
CA GLY D 130 24.86 12.55 49.91
C GLY D 130 25.06 13.64 48.87
N SER D 131 26.11 13.50 48.06
CA SER D 131 26.46 14.45 47.00
C SER D 131 25.47 14.40 45.88
N VAL D 132 25.08 15.57 45.38
CA VAL D 132 24.19 15.73 44.25
C VAL D 132 24.90 16.52 43.18
N MET D 133 24.85 16.04 41.95
CA MET D 133 25.36 16.76 40.80
C MET D 133 24.24 16.93 39.81
N PHE D 134 23.92 18.18 39.52
CA PHE D 134 22.86 18.55 38.61
C PHE D 134 23.43 19.50 37.55
N ILE D 135 23.38 19.10 36.26
CA ILE D 135 23.96 19.89 35.18
C ILE D 135 22.90 20.28 34.13
N PRO D 136 22.06 21.30 34.40
CA PRO D 136 21.10 21.73 33.37
C PRO D 136 21.76 22.56 32.24
N ALA D 137 21.41 22.23 30.96
CA ALA D 137 21.84 23.02 29.80
C ALA D 137 20.80 24.09 29.64
N GLN D 138 21.22 25.32 29.45
CA GLN D 138 20.27 26.42 29.39
C GLN D 138 20.56 27.41 28.31
N ARG D 139 19.50 28.06 27.82
CA ARG D 139 19.59 29.22 26.96
C ARG D 139 19.17 30.42 27.79
N LEU D 140 20.06 31.41 27.91
CA LEU D 140 19.80 32.62 28.68
C LEU D 140 19.91 33.91 27.85
N SER D 141 18.88 34.80 27.96
CA SER D 141 18.89 36.19 27.44
C SER D 141 19.18 37.09 28.61
N PHE D 142 20.25 37.88 28.53
CA PHE D 142 20.60 38.74 29.67
C PHE D 142 21.02 40.11 29.16
N MET D 143 21.02 41.11 30.06
CA MET D 143 21.38 42.49 29.78
C MET D 143 22.85 42.60 29.46
N CYS D 144 23.11 43.05 28.24
CA CYS D 144 24.46 43.19 27.73
C CYS D 144 24.49 44.16 26.56
N ASP D 145 25.27 45.23 26.69
CA ASP D 145 25.51 46.20 25.63
C ASP D 145 26.63 45.63 24.74
N PRO D 146 26.32 45.22 23.49
CA PRO D 146 27.36 44.60 22.65
C PRO D 146 28.18 45.59 21.82
N THR D 147 28.15 46.91 22.15
CA THR D 147 28.90 47.92 21.40
C THR D 147 30.38 47.56 21.46
N GLY D 148 30.98 47.40 20.28
CA GLY D 148 32.38 47.04 20.10
C GLY D 148 32.63 45.57 19.85
N VAL D 149 31.56 44.76 19.67
CA VAL D 149 31.69 43.31 19.41
C VAL D 149 32.36 43.08 18.03
N ASP D 150 32.10 43.99 17.07
CA ASP D 150 32.62 43.97 15.71
C ASP D 150 34.05 44.55 15.60
N SER D 151 34.73 44.75 16.75
CA SER D 151 36.09 45.26 16.82
C SER D 151 37.06 44.15 17.28
N GLU D 152 38.38 44.40 17.20
CA GLU D 152 39.42 43.47 17.62
C GLU D 152 39.46 43.32 19.15
N GLU D 153 39.16 44.42 19.86
CA GLU D 153 39.12 44.52 21.32
C GLU D 153 37.94 43.73 21.88
N GLY D 154 36.87 43.68 21.10
CA GLY D 154 35.66 42.97 21.48
C GLY D 154 34.85 43.70 22.52
N VAL D 155 33.99 42.95 23.24
CA VAL D 155 33.12 43.53 24.25
C VAL D 155 33.09 42.59 25.47
N THR D 156 32.93 43.18 26.66
CA THR D 156 32.81 42.43 27.90
C THR D 156 31.39 42.49 28.40
N CYS D 157 30.86 41.33 28.76
CA CYS D 157 29.55 41.29 29.36
C CYS D 157 29.55 40.38 30.57
N ALA D 158 28.75 40.76 31.57
CA ALA D 158 28.69 40.04 32.83
C ALA D 158 27.26 39.75 33.24
N VAL D 159 27.09 38.62 33.93
CA VAL D 159 25.81 38.21 34.50
C VAL D 159 26.12 37.49 35.83
N LYS D 160 25.47 37.93 36.90
CA LYS D 160 25.63 37.33 38.23
C LYS D 160 24.58 36.24 38.43
N PHE D 161 25.00 35.17 39.08
CA PHE D 161 24.18 34.01 39.42
C PHE D 161 24.24 33.82 40.89
N GLY D 162 23.12 33.53 41.48
CA GLY D 162 23.06 33.28 42.91
C GLY D 162 21.68 32.88 43.33
N SER D 163 21.53 32.63 44.62
CA SER D 163 20.24 32.30 45.18
C SER D 163 19.35 33.52 45.13
N TRP D 164 18.08 33.30 44.82
CA TRP D 164 17.14 34.39 44.77
C TRP D 164 16.70 34.77 46.17
N VAL D 165 16.47 33.81 47.07
CA VAL D 165 15.90 34.05 48.41
C VAL D 165 16.84 33.71 49.57
N TYR D 166 17.92 32.95 49.35
CA TYR D 166 18.83 32.62 50.45
C TYR D 166 20.07 33.51 50.47
N SER D 167 20.45 33.99 51.66
CA SER D 167 21.66 34.78 51.88
C SER D 167 22.86 33.84 52.04
N GLY D 168 24.05 34.41 52.20
CA GLY D 168 25.28 33.66 52.42
C GLY D 168 25.32 32.89 53.74
N PHE D 169 24.32 33.14 54.62
CA PHE D 169 24.15 32.44 55.90
C PHE D 169 23.45 31.09 55.71
N GLU D 170 22.66 30.94 54.62
CA GLU D 170 21.91 29.74 54.31
C GLU D 170 22.57 28.99 53.16
N ILE D 171 22.92 29.71 52.07
CA ILE D 171 23.58 29.12 50.90
C ILE D 171 24.92 29.81 50.67
N ASP D 172 25.98 29.04 50.81
CA ASP D 172 27.32 29.45 50.50
C ASP D 172 27.62 29.01 49.06
N LEU D 173 27.84 29.96 48.18
CA LEU D 173 28.18 29.65 46.80
C LEU D 173 29.68 29.52 46.63
N LYS D 174 30.14 28.54 45.88
CA LYS D 174 31.57 28.34 45.60
C LYS D 174 31.78 27.94 44.13
N THR D 175 33.02 28.01 43.66
CA THR D 175 33.48 27.60 42.33
C THR D 175 34.69 26.68 42.53
N ASP D 176 34.97 25.78 41.61
CA ASP D 176 36.13 24.89 41.69
C ASP D 176 37.33 25.57 41.02
N THR D 177 37.01 26.48 40.09
CA THR D 177 37.94 27.27 39.29
C THR D 177 37.23 28.56 38.87
N ASP D 178 38.03 29.62 38.61
CA ASP D 178 37.55 30.91 38.14
C ASP D 178 37.50 30.93 36.62
N GLN D 179 37.96 29.85 35.98
CA GLN D 179 37.98 29.71 34.55
C GLN D 179 36.78 28.94 34.08
N VAL D 180 35.98 29.58 33.19
CA VAL D 180 34.82 28.96 32.56
C VAL D 180 35.34 27.88 31.60
N ASP D 181 34.68 26.71 31.60
CA ASP D 181 35.05 25.62 30.70
C ASP D 181 34.66 26.01 29.25
N LEU D 182 35.69 26.20 28.40
CA LEU D 182 35.53 26.59 26.99
C LEU D 182 35.87 25.45 26.04
N SER D 183 36.08 24.24 26.57
CA SER D 183 36.46 23.06 25.79
C SER D 183 35.29 22.52 24.92
N SER D 184 34.06 22.94 25.20
CA SER D 184 32.87 22.54 24.43
C SER D 184 32.29 23.71 23.64
N TYR D 185 33.05 24.82 23.55
CA TYR D 185 32.58 26.00 22.84
C TYR D 185 32.53 25.74 21.35
N TYR D 186 31.38 26.05 20.72
CA TYR D 186 31.13 25.85 19.29
C TYR D 186 32.23 26.54 18.45
N ALA D 187 32.99 25.73 17.72
CA ALA D 187 34.14 26.14 16.91
C ALA D 187 33.78 27.05 15.71
N SER D 188 32.54 26.93 15.18
CA SER D 188 32.10 27.74 14.04
C SER D 188 31.07 28.81 14.49
N SER D 189 31.14 29.22 15.78
CA SER D 189 30.30 30.26 16.35
C SER D 189 30.54 31.58 15.64
N LYS D 190 29.52 32.47 15.66
CA LYS D 190 29.64 33.83 15.08
C LYS D 190 30.58 34.66 15.94
N TYR D 191 30.74 34.26 17.22
CA TYR D 191 31.53 34.95 18.21
C TYR D 191 32.68 34.09 18.75
N GLU D 192 33.83 34.73 18.90
CA GLU D 192 35.06 34.19 19.45
C GLU D 192 35.19 34.64 20.92
N ILE D 193 35.57 33.73 21.83
CA ILE D 193 35.75 34.06 23.25
C ILE D 193 37.19 34.48 23.50
N LEU D 194 37.36 35.70 24.01
CA LEU D 194 38.65 36.26 24.35
C LEU D 194 39.00 35.82 25.78
N SER D 195 37.99 35.80 26.67
CA SER D 195 38.13 35.33 28.06
C SER D 195 36.76 35.06 28.65
N ALA D 196 36.70 34.09 29.57
CA ALA D 196 35.47 33.75 30.27
C ALA D 196 35.85 33.29 31.67
N THR D 197 35.43 34.09 32.67
CA THR D 197 35.70 33.81 34.07
C THR D 197 34.39 33.70 34.86
N GLN D 198 34.41 32.93 35.97
CA GLN D 198 33.30 32.73 36.90
C GLN D 198 33.85 33.00 38.32
N THR D 199 33.54 34.17 38.86
CA THR D 199 34.10 34.60 40.15
C THR D 199 33.05 34.72 41.25
N ARG D 200 33.33 34.05 42.37
CA ARG D 200 32.56 34.12 43.60
C ARG D 200 32.75 35.51 44.19
N GLN D 201 31.63 36.20 44.47
CA GLN D 201 31.60 37.54 45.06
C GLN D 201 30.76 37.57 46.30
N VAL D 202 31.24 38.27 47.33
CA VAL D 202 30.53 38.44 48.58
C VAL D 202 30.12 39.91 48.66
N GLN D 203 28.80 40.17 48.80
CA GLN D 203 28.21 41.52 48.89
C GLN D 203 27.65 41.78 50.25
N HIS D 204 27.96 42.98 50.77
CA HIS D 204 27.51 43.48 52.05
C HIS D 204 26.69 44.73 51.82
N TYR D 205 25.43 44.70 52.26
CA TYR D 205 24.53 45.85 52.19
C TYR D 205 24.47 46.43 53.61
N SER D 206 24.43 47.78 53.72
CA SER D 206 24.41 48.55 54.98
C SER D 206 23.24 48.15 55.91
N CYS D 207 22.08 47.81 55.31
CA CYS D 207 20.83 47.39 55.95
C CYS D 207 21.01 46.22 56.90
N CYS D 208 21.62 45.19 56.36
CA CYS D 208 21.66 43.80 56.71
C CYS D 208 23.04 43.27 57.14
N PRO D 209 23.09 42.51 58.26
CA PRO D 209 24.36 41.91 58.68
C PRO D 209 24.79 40.65 57.88
N GLU D 210 23.85 40.02 57.15
CA GLU D 210 24.10 38.79 56.40
C GLU D 210 24.78 39.06 55.05
N PRO D 211 25.79 38.23 54.68
CA PRO D 211 26.44 38.43 53.39
C PRO D 211 25.60 37.84 52.25
N TYR D 212 25.81 38.33 51.04
CA TYR D 212 25.16 37.87 49.85
C TYR D 212 26.22 37.38 48.88
N ILE D 213 26.03 36.18 48.38
CA ILE D 213 27.00 35.54 47.51
C ILE D 213 26.42 35.36 46.11
N ASP D 214 27.25 35.65 45.13
CA ASP D 214 26.92 35.44 43.74
C ASP D 214 28.19 34.92 43.03
N VAL D 215 28.00 34.38 41.82
CA VAL D 215 29.06 33.96 40.94
C VAL D 215 28.90 34.85 39.71
N ASN D 216 29.89 35.72 39.46
CA ASN D 216 29.88 36.67 38.35
C ASN D 216 30.53 36.03 37.12
N LEU D 217 29.69 35.75 36.09
CA LEU D 217 30.12 35.19 34.82
C LEU D 217 30.48 36.38 33.90
N VAL D 218 31.76 36.57 33.64
CA VAL D 218 32.27 37.67 32.84
C VAL D 218 32.86 37.10 31.55
N VAL D 219 32.24 37.43 30.41
CA VAL D 219 32.65 36.92 29.11
C VAL D 219 33.09 38.09 28.20
N LYS D 220 34.34 38.02 27.73
CA LYS D 220 34.91 38.97 26.77
C LYS D 220 34.87 38.25 25.42
N PHE D 221 34.18 38.85 24.45
CA PHE D 221 34.03 38.21 23.14
C PHE D 221 34.03 39.23 22.00
N ARG D 222 34.20 38.73 20.78
CA ARG D 222 34.18 39.53 19.56
C ARG D 222 33.66 38.69 18.39
N GLU D 223 33.33 39.33 17.27
CA GLU D 223 32.88 38.61 16.07
C GLU D 223 34.07 37.85 15.48
N ARG D 224 33.87 36.54 15.15
CA ARG D 224 34.87 35.66 14.54
C ARG D 224 35.14 36.07 13.11
N GLN E 20 17.02 20.98 60.22
CA GLN E 20 16.10 20.55 59.16
C GLN E 20 14.80 20.05 59.80
N ALA E 21 14.93 19.24 60.87
CA ALA E 21 13.82 18.60 61.60
C ALA E 21 12.82 19.63 62.14
N ASN E 22 13.32 20.73 62.74
CA ASN E 22 12.52 21.83 63.28
C ASN E 22 11.79 22.58 62.18
N LEU E 23 12.46 22.82 61.03
CA LEU E 23 11.85 23.51 59.90
C LEU E 23 10.78 22.62 59.24
N MET E 24 11.07 21.32 59.09
CA MET E 24 10.13 20.32 58.54
C MET E 24 8.85 20.30 59.38
N ARG E 25 9.01 20.36 60.71
CA ARG E 25 7.94 20.38 61.71
C ARG E 25 7.12 21.67 61.60
N LEU E 26 7.80 22.83 61.49
CA LEU E 26 7.17 24.15 61.37
C LEU E 26 6.28 24.21 60.13
N LYS E 27 6.83 23.85 58.97
CA LYS E 27 6.13 23.84 57.68
C LYS E 27 4.92 22.89 57.73
N SER E 28 5.11 21.71 58.31
CA SER E 28 4.02 20.74 58.49
C SER E 28 2.89 21.35 59.36
N ASP E 29 3.25 22.02 60.48
CA ASP E 29 2.26 22.66 61.36
C ASP E 29 1.57 23.84 60.68
N LEU E 30 2.29 24.63 59.88
CA LEU E 30 1.70 25.78 59.22
C LEU E 30 0.89 25.42 57.98
N PHE E 31 1.30 24.41 57.21
CA PHE E 31 0.66 24.11 55.93
C PHE E 31 -0.16 22.83 55.86
N ASN E 32 0.10 21.82 56.70
CA ASN E 32 -0.66 20.57 56.62
C ASN E 32 -1.75 20.44 57.72
N ARG E 33 -1.79 21.33 58.73
CA ARG E 33 -2.76 21.22 59.84
C ARG E 33 -4.05 22.07 59.63
N SER E 34 -3.95 23.26 59.01
CA SER E 34 -5.11 24.13 58.79
C SER E 34 -5.34 24.34 57.29
N PRO E 35 -6.59 24.62 56.82
CA PRO E 35 -6.77 24.92 55.38
C PRO E 35 -6.06 26.21 55.02
N MET E 36 -5.72 26.38 53.73
CA MET E 36 -5.03 27.60 53.31
C MET E 36 -5.93 28.82 53.52
N TYR E 37 -5.27 29.97 53.79
CA TYR E 37 -5.90 31.27 53.95
C TYR E 37 -6.83 31.51 52.73
N PRO E 38 -8.13 31.79 52.95
CA PRO E 38 -9.04 31.92 51.79
C PRO E 38 -9.03 33.30 51.13
N GLY E 39 -8.10 34.15 51.50
CA GLY E 39 -8.02 35.51 51.03
C GLY E 39 -8.76 36.47 51.95
N PRO E 40 -8.60 37.81 51.76
CA PRO E 40 -9.26 38.75 52.68
C PRO E 40 -10.77 38.99 52.38
N THR E 41 -11.45 39.63 53.34
CA THR E 41 -12.87 40.02 53.26
C THR E 41 -13.01 41.45 53.79
N LYS E 42 -14.20 42.05 53.68
CA LYS E 42 -14.47 43.39 54.20
C LYS E 42 -14.28 43.40 55.73
N ASP E 43 -14.65 42.31 56.42
CA ASP E 43 -14.53 42.16 57.86
C ASP E 43 -13.09 41.90 58.30
N ASP E 44 -12.26 41.26 57.43
CA ASP E 44 -10.86 40.97 57.75
C ASP E 44 -9.99 41.45 56.58
N PRO E 45 -9.86 42.79 56.40
CA PRO E 45 -9.06 43.29 55.28
C PRO E 45 -7.56 43.00 55.43
N LEU E 46 -6.84 43.08 54.33
CA LEU E 46 -5.41 42.81 54.30
C LEU E 46 -4.68 43.96 53.68
N THR E 47 -3.55 44.33 54.26
CA THR E 47 -2.71 45.37 53.69
C THR E 47 -1.61 44.70 52.89
N VAL E 48 -1.47 45.08 51.62
CA VAL E 48 -0.40 44.58 50.76
C VAL E 48 0.45 45.78 50.41
N THR E 49 1.76 45.70 50.70
CA THR E 49 2.70 46.75 50.39
C THR E 49 3.44 46.36 49.12
N LEU E 50 3.44 47.28 48.16
CA LEU E 50 4.09 47.16 46.87
C LEU E 50 5.27 48.10 46.74
N GLY E 51 6.31 47.60 46.11
CA GLY E 51 7.50 48.37 45.78
C GLY E 51 8.08 47.86 44.49
N PHE E 52 8.56 48.75 43.63
CA PHE E 52 9.18 48.34 42.38
C PHE E 52 10.66 48.71 42.35
N THR E 53 11.46 47.81 41.78
CA THR E 53 12.88 47.94 41.51
C THR E 53 12.99 47.75 40.02
N LEU E 54 13.19 48.85 39.29
CA LEU E 54 13.32 48.82 37.85
C LEU E 54 14.77 48.50 37.46
N GLN E 55 14.92 47.39 36.70
CA GLN E 55 16.19 46.87 36.21
C GLN E 55 16.51 47.37 34.82
N ASP E 56 15.53 47.31 33.93
CA ASP E 56 15.75 47.72 32.56
C ASP E 56 14.46 47.98 31.79
N ILE E 57 14.56 48.90 30.83
CA ILE E 57 13.58 49.14 29.78
C ILE E 57 14.24 48.42 28.63
N VAL E 58 13.76 47.20 28.31
CA VAL E 58 14.43 46.32 27.35
C VAL E 58 13.98 46.61 25.90
N LYS E 59 12.70 46.92 25.71
CA LYS E 59 12.18 47.19 24.38
C LYS E 59 11.14 48.33 24.37
N VAL E 60 11.12 49.04 23.28
CA VAL E 60 10.19 50.09 22.96
C VAL E 60 9.70 49.77 21.54
N ASP E 61 8.37 49.67 21.34
CA ASP E 61 7.81 49.39 20.01
C ASP E 61 6.87 50.54 19.62
N SER E 62 7.35 51.41 18.73
CA SER E 62 6.60 52.58 18.28
C SER E 62 5.51 52.23 17.23
N SER E 63 5.54 51.00 16.68
CA SER E 63 4.53 50.57 15.70
C SER E 63 3.29 50.01 16.40
N THR E 64 3.43 49.50 17.64
CA THR E 64 2.33 48.91 18.41
C THR E 64 2.03 49.67 19.70
N ASN E 65 2.93 50.59 20.09
CA ASN E 65 2.86 51.38 21.33
C ASN E 65 2.90 50.44 22.55
N GLU E 66 3.98 49.64 22.61
CA GLU E 66 4.25 48.72 23.69
C GLU E 66 5.67 48.96 24.17
N VAL E 67 5.87 48.97 25.48
CA VAL E 67 7.18 49.12 26.07
C VAL E 67 7.36 47.90 27.02
N ASP E 68 8.57 47.32 27.03
CA ASP E 68 8.90 46.14 27.83
C ASP E 68 9.83 46.53 28.97
N LEU E 69 9.42 46.22 30.21
CA LEU E 69 10.23 46.49 31.40
C LEU E 69 10.62 45.21 32.09
N VAL E 70 11.81 45.22 32.69
CA VAL E 70 12.26 44.14 33.57
C VAL E 70 12.36 44.79 34.96
N TYR E 71 11.66 44.22 35.92
CA TYR E 71 11.63 44.82 37.24
C TYR E 71 11.44 43.75 38.27
N TYR E 72 11.69 44.08 39.55
CA TYR E 72 11.36 43.26 40.70
C TYR E 72 10.19 43.88 41.34
N GLU E 73 9.19 43.10 41.65
CA GLU E 73 8.00 43.63 42.31
C GLU E 73 7.98 43.09 43.73
N GLN E 74 8.29 43.94 44.71
CA GLN E 74 8.27 43.52 46.11
C GLN E 74 6.86 43.58 46.64
N GLN E 75 6.40 42.45 47.19
CA GLN E 75 5.08 42.32 47.82
C GLN E 75 5.22 41.88 49.24
N ARG E 76 4.58 42.63 50.16
CA ARG E 76 4.59 42.29 51.58
C ARG E 76 3.20 42.33 52.14
N TRP E 77 2.90 41.35 52.99
CA TRP E 77 1.63 41.23 53.70
C TRP E 77 1.89 40.40 54.95
N LYS E 78 0.93 40.37 55.86
CA LYS E 78 1.07 39.69 57.16
C LYS E 78 -0.17 38.88 57.45
N LEU E 79 0.00 37.62 57.84
CA LEU E 79 -1.10 36.75 58.17
C LEU E 79 -0.92 36.18 59.57
N ASN E 80 -1.98 36.23 60.38
CA ASN E 80 -1.98 35.65 61.72
C ASN E 80 -1.79 34.13 61.65
N SER E 81 -2.33 33.48 60.62
CA SER E 81 -2.24 32.05 60.39
C SER E 81 -0.78 31.60 60.06
N LEU E 82 0.12 32.55 59.74
CA LEU E 82 1.52 32.25 59.43
C LEU E 82 2.46 32.58 60.60
N MET E 83 1.91 32.93 61.78
CA MET E 83 2.67 33.25 62.98
C MET E 83 3.08 32.01 63.72
N TRP E 84 4.24 32.08 64.41
CA TRP E 84 4.75 31.01 65.27
C TRP E 84 5.72 31.58 66.29
N ASP E 85 5.90 30.83 67.38
CA ASP E 85 6.84 31.15 68.45
C ASP E 85 8.19 30.50 68.09
N PRO E 86 9.25 31.29 67.77
CA PRO E 86 10.55 30.69 67.44
C PRO E 86 11.08 29.69 68.48
N ASN E 87 10.77 29.94 69.79
CA ASN E 87 11.19 29.09 70.92
C ASN E 87 10.67 27.65 70.79
N GLU E 88 9.50 27.52 70.12
CA GLU E 88 8.82 26.25 69.93
C GLU E 88 9.39 25.49 68.72
N TYR E 89 10.22 26.17 67.87
CA TYR E 89 10.76 25.61 66.63
C TYR E 89 12.26 25.86 66.44
N GLY E 90 13.06 25.49 67.43
CA GLY E 90 14.52 25.61 67.40
C GLY E 90 15.08 26.96 67.04
N ASN E 91 14.40 28.04 67.49
CA ASN E 91 14.72 29.46 67.31
C ASN E 91 14.69 29.91 65.83
N ILE E 92 13.84 29.26 64.99
CA ILE E 92 13.65 29.66 63.58
C ILE E 92 12.80 30.94 63.60
N THR E 93 13.32 32.02 63.01
CA THR E 93 12.63 33.31 62.97
C THR E 93 12.01 33.58 61.59
N ASP E 94 12.48 32.86 60.58
CA ASP E 94 12.00 32.96 59.20
C ASP E 94 12.42 31.74 58.40
N PHE E 95 11.71 31.50 57.28
CA PHE E 95 12.01 30.43 56.35
C PHE E 95 11.57 30.81 54.94
N ARG E 96 12.10 30.09 53.95
CA ARG E 96 11.79 30.23 52.55
C ARG E 96 10.91 29.10 52.13
N THR E 97 9.87 29.40 51.36
CA THR E 97 8.97 28.37 50.86
C THR E 97 8.42 28.78 49.51
N SER E 98 8.13 27.77 48.67
CA SER E 98 7.52 27.96 47.36
C SER E 98 6.24 28.82 47.53
N ALA E 99 6.07 29.83 46.69
CA ALA E 99 4.92 30.73 46.71
C ALA E 99 3.61 29.97 46.48
N ALA E 100 3.69 28.76 45.91
CA ALA E 100 2.55 27.85 45.71
C ALA E 100 1.98 27.31 47.03
N ASP E 101 2.80 27.24 48.11
CA ASP E 101 2.42 26.73 49.45
C ASP E 101 1.61 27.72 50.26
N ILE E 102 1.60 28.98 49.81
CA ILE E 102 0.93 30.08 50.50
C ILE E 102 -0.01 30.83 49.56
N TRP E 103 -0.96 31.57 50.15
CA TRP E 103 -1.82 32.50 49.44
C TRP E 103 -0.94 33.69 49.00
N THR E 104 -1.17 34.22 47.80
CA THR E 104 -0.47 35.37 47.29
C THR E 104 -1.52 36.38 46.77
N PRO E 105 -1.32 37.69 46.92
CA PRO E 105 -2.29 38.65 46.35
C PRO E 105 -2.30 38.64 44.80
N ASP E 106 -3.48 38.91 44.21
CA ASP E 106 -3.70 38.96 42.75
C ASP E 106 -3.33 40.35 42.17
N ILE E 107 -2.17 40.90 42.55
CA ILE E 107 -1.70 42.18 42.04
C ILE E 107 -1.38 42.02 40.56
N THR E 108 -1.99 42.84 39.74
CA THR E 108 -1.83 42.81 38.28
C THR E 108 -1.58 44.17 37.72
N ALA E 109 -0.88 44.23 36.59
CA ALA E 109 -0.75 45.41 35.77
C ALA E 109 -2.09 45.56 35.06
N TYR E 110 -2.67 46.76 35.06
CA TYR E 110 -3.98 46.98 34.47
C TYR E 110 -3.91 47.26 32.98
N SER E 111 -2.70 47.53 32.44
CA SER E 111 -2.59 47.81 31.00
C SER E 111 -1.49 46.97 30.33
N SER E 112 -1.35 45.70 30.69
CA SER E 112 -0.40 44.80 30.03
C SER E 112 -0.95 44.41 28.66
N THR E 113 -0.07 44.02 27.75
CA THR E 113 -0.48 43.64 26.40
C THR E 113 -0.10 42.20 26.13
N ARG E 114 0.71 41.63 27.04
CA ARG E 114 1.17 40.24 26.94
C ARG E 114 1.19 39.64 28.30
N PRO E 115 1.02 38.30 28.47
CA PRO E 115 1.17 37.72 29.82
C PRO E 115 2.56 38.03 30.39
N VAL E 116 2.62 38.34 31.66
CA VAL E 116 3.87 38.69 32.34
C VAL E 116 4.75 37.42 32.41
N GLN E 117 6.03 37.60 32.10
CA GLN E 117 7.05 36.55 32.14
C GLN E 117 7.84 36.63 33.45
N VAL E 118 7.83 35.55 34.20
CA VAL E 118 8.52 35.45 35.48
C VAL E 118 9.96 35.06 35.20
N LEU E 119 10.88 35.83 35.77
CA LEU E 119 12.31 35.60 35.53
C LEU E 119 13.03 35.04 36.73
N SER E 120 12.32 34.85 37.83
CA SER E 120 12.92 34.41 39.08
C SER E 120 12.17 33.22 39.70
N PRO E 121 12.82 32.47 40.61
CA PRO E 121 12.10 31.40 41.34
C PRO E 121 10.93 31.99 42.13
N GLN E 122 9.83 31.23 42.21
CA GLN E 122 8.59 31.64 42.87
C GLN E 122 8.65 31.18 44.31
N ILE E 123 9.45 31.88 45.11
CA ILE E 123 9.71 31.54 46.52
C ILE E 123 9.49 32.78 47.37
N ALA E 124 8.84 32.60 48.52
CA ALA E 124 8.55 33.67 49.47
C ALA E 124 9.31 33.44 50.77
N VAL E 125 9.50 34.52 51.54
CA VAL E 125 10.13 34.47 52.87
C VAL E 125 9.04 34.74 53.87
N VAL E 126 8.83 33.81 54.80
CA VAL E 126 7.84 33.90 55.87
C VAL E 126 8.61 34.14 57.18
N THR E 127 8.23 35.17 57.94
CA THR E 127 8.82 35.55 59.22
C THR E 127 7.81 35.14 60.32
N HIS E 128 8.32 34.84 61.54
CA HIS E 128 7.56 34.33 62.70
C HIS E 128 6.37 35.22 63.13
N ASP E 129 6.40 36.52 62.79
CA ASP E 129 5.33 37.47 63.09
C ASP E 129 4.20 37.35 62.02
N GLY E 130 4.35 36.42 61.08
CA GLY E 130 3.37 36.16 60.03
C GLY E 130 3.57 36.98 58.78
N SER E 131 4.67 37.74 58.72
CA SER E 131 5.04 38.56 57.58
C SER E 131 5.51 37.72 56.43
N VAL E 132 5.07 38.08 55.22
CA VAL E 132 5.46 37.40 53.99
C VAL E 132 6.07 38.42 53.08
N MET E 133 7.22 38.08 52.50
CA MET E 133 7.85 38.89 51.50
C MET E 133 8.08 38.04 50.25
N PHE E 134 7.48 38.48 49.17
CA PHE E 134 7.52 37.83 47.89
C PHE E 134 8.02 38.84 46.86
N ILE E 135 9.17 38.53 46.22
CA ILE E 135 9.77 39.46 45.26
C ILE E 135 9.95 38.78 43.88
N PRO E 136 8.88 38.68 43.06
CA PRO E 136 9.05 38.13 41.72
C PRO E 136 9.71 39.11 40.74
N ALA E 137 10.70 38.61 39.95
CA ALA E 137 11.30 39.38 38.86
C ALA E 137 10.50 39.04 37.61
N GLN E 138 10.07 40.07 36.90
CA GLN E 138 9.22 39.86 35.75
C GLN E 138 9.51 40.73 34.56
N ARG E 139 9.00 40.28 33.41
CA ARG E 139 9.07 41.07 32.19
C ARG E 139 7.65 41.39 31.83
N LEU E 140 7.39 42.69 31.68
CA LEU E 140 6.08 43.28 31.38
C LEU E 140 6.07 44.08 30.10
N SER E 141 5.13 43.75 29.21
CA SER E 141 4.77 44.51 28.02
C SER E 141 3.49 45.28 28.38
N PHE E 142 3.48 46.60 28.25
CA PHE E 142 2.31 47.41 28.59
C PHE E 142 2.10 48.52 27.57
N MET E 143 0.90 49.10 27.57
CA MET E 143 0.48 50.17 26.67
C MET E 143 1.23 51.45 26.95
N CYS E 144 1.98 51.90 25.93
CA CYS E 144 2.84 53.05 26.08
C CYS E 144 3.26 53.60 24.72
N ASP E 145 2.91 54.87 24.46
CA ASP E 145 3.30 55.59 23.27
C ASP E 145 4.71 56.18 23.48
N PRO E 146 5.75 55.63 22.81
CA PRO E 146 7.11 56.12 23.06
C PRO E 146 7.54 57.31 22.18
N THR E 147 6.59 58.02 21.54
CA THR E 147 6.91 59.18 20.71
C THR E 147 7.61 60.23 21.59
N GLY E 148 8.82 60.62 21.18
CA GLY E 148 9.65 61.58 21.87
C GLY E 148 10.72 60.96 22.76
N VAL E 149 10.89 59.62 22.70
CA VAL E 149 11.90 58.90 23.51
C VAL E 149 13.32 59.31 23.05
N ASP E 150 13.47 59.62 21.76
CA ASP E 150 14.73 60.03 21.12
C ASP E 150 15.03 61.52 21.34
N SER E 151 14.22 62.22 22.15
CA SER E 151 14.43 63.62 22.47
C SER E 151 15.06 63.76 23.88
N GLU E 152 15.39 65.01 24.29
CA GLU E 152 16.03 65.33 25.56
C GLU E 152 15.03 65.29 26.71
N GLU E 153 13.80 65.77 26.47
CA GLU E 153 12.73 65.79 27.46
C GLU E 153 12.22 64.36 27.73
N GLY E 154 12.39 63.48 26.74
CA GLY E 154 11.98 62.09 26.80
C GLY E 154 10.49 61.89 26.83
N VAL E 155 10.05 60.65 27.01
CA VAL E 155 8.64 60.34 27.04
C VAL E 155 8.29 59.76 28.44
N THR E 156 7.04 59.89 28.84
CA THR E 156 6.53 59.38 30.09
C THR E 156 5.54 58.31 29.81
N CYS E 157 5.66 57.21 30.52
CA CYS E 157 4.71 56.13 30.42
C CYS E 157 4.31 55.69 31.78
N ALA E 158 3.07 55.27 31.90
CA ALA E 158 2.47 54.88 33.16
C ALA E 158 1.75 53.55 33.06
N VAL E 159 1.76 52.79 34.18
CA VAL E 159 1.07 51.51 34.27
C VAL E 159 0.58 51.36 35.71
N LYS E 160 -0.73 51.09 35.87
CA LYS E 160 -1.36 50.91 37.19
C LYS E 160 -1.32 49.48 37.57
N PHE E 161 -1.06 49.24 38.84
CA PHE E 161 -1.02 47.92 39.46
C PHE E 161 -1.97 47.90 40.61
N GLY E 162 -2.69 46.82 40.74
CA GLY E 162 -3.60 46.65 41.85
C GLY E 162 -4.21 45.30 41.81
N SER E 163 -5.08 45.02 42.77
CA SER E 163 -5.80 43.75 42.80
C SER E 163 -6.78 43.73 41.65
N TRP E 164 -6.90 42.56 41.02
CA TRP E 164 -7.84 42.41 39.95
C TRP E 164 -9.27 42.24 40.47
N VAL E 165 -9.48 41.48 41.56
CA VAL E 165 -10.82 41.15 42.08
C VAL E 165 -11.14 41.73 43.46
N TYR E 166 -10.14 42.23 44.20
CA TYR E 166 -10.42 42.78 45.52
C TYR E 166 -10.44 44.28 45.51
N SER E 167 -11.47 44.85 46.18
CA SER E 167 -11.55 46.30 46.32
C SER E 167 -10.68 46.75 47.53
N GLY E 168 -10.67 48.07 47.79
CA GLY E 168 -9.94 48.68 48.89
C GLY E 168 -10.47 48.30 50.25
N PHE E 169 -11.67 47.67 50.30
CA PHE E 169 -12.33 47.13 51.49
C PHE E 169 -11.72 45.79 51.87
N GLU E 170 -11.16 45.04 50.88
CA GLU E 170 -10.56 43.72 51.12
C GLU E 170 -9.03 43.82 51.09
N ILE E 171 -8.46 44.46 50.05
CA ILE E 171 -7.01 44.64 49.93
C ILE E 171 -6.69 46.12 49.93
N ASP E 172 -6.04 46.57 51.03
CA ASP E 172 -5.56 47.92 51.19
C ASP E 172 -4.12 47.94 50.64
N LEU E 173 -3.97 48.35 49.39
CA LEU E 173 -2.68 48.40 48.71
C LEU E 173 -1.90 49.65 49.15
N LYS E 174 -0.62 49.48 49.53
CA LYS E 174 0.23 50.57 50.04
C LYS E 174 1.62 50.54 49.42
N THR E 175 2.37 51.62 49.62
CA THR E 175 3.78 51.78 49.22
C THR E 175 4.53 52.25 50.46
N ASP E 176 5.83 51.97 50.55
CA ASP E 176 6.66 52.47 51.65
C ASP E 176 7.26 53.78 51.25
N THR E 177 7.41 53.95 49.92
CA THR E 177 7.99 55.12 49.29
C THR E 177 7.32 55.35 47.96
N ASP E 178 7.31 56.61 47.57
CA ASP E 178 6.81 57.19 46.33
C ASP E 178 7.79 56.89 45.19
N GLN E 179 9.06 56.63 45.56
CA GLN E 179 10.17 56.47 44.64
C GLN E 179 10.47 55.02 44.29
N VAL E 180 10.59 54.77 42.99
CA VAL E 180 10.98 53.46 42.44
C VAL E 180 12.47 53.27 42.69
N ASP E 181 12.87 52.08 43.15
CA ASP E 181 14.26 51.78 43.40
C ASP E 181 15.00 51.64 42.04
N LEU E 182 15.93 52.57 41.78
CA LEU E 182 16.71 52.62 40.54
C LEU E 182 18.19 52.24 40.78
N SER E 183 18.52 51.75 41.99
CA SER E 183 19.88 51.37 42.38
C SER E 183 20.39 50.10 41.65
N SER E 184 19.48 49.30 41.06
CA SER E 184 19.85 48.09 40.29
C SER E 184 19.57 48.28 38.78
N TYR E 185 19.30 49.53 38.36
CA TYR E 185 19.00 49.80 36.96
C TYR E 185 20.25 49.58 36.11
N TYR E 186 20.09 48.83 35.00
CA TYR E 186 21.17 48.49 34.07
C TYR E 186 21.85 49.78 33.54
N ALA E 187 23.12 49.95 33.89
CA ALA E 187 23.93 51.12 33.56
C ALA E 187 24.17 51.31 32.06
N SER E 188 24.17 50.23 31.26
CA SER E 188 24.41 50.31 29.82
C SER E 188 23.10 50.07 29.03
N SER E 189 21.95 50.37 29.65
CA SER E 189 20.64 50.26 29.03
C SER E 189 20.53 51.20 27.84
N LYS E 190 19.67 50.88 26.85
CA LYS E 190 19.44 51.75 25.69
C LYS E 190 18.71 53.00 26.13
N TYR E 191 18.02 52.91 27.29
CA TYR E 191 17.20 53.97 27.88
C TYR E 191 17.69 54.42 29.23
N GLU E 192 17.68 55.74 29.41
CA GLU E 192 18.06 56.45 30.62
C GLU E 192 16.78 56.84 31.38
N ILE E 193 16.74 56.63 32.71
CA ILE E 193 15.58 56.98 33.55
C ILE E 193 15.74 58.40 34.06
N LEU E 194 14.78 59.27 33.70
CA LEU E 194 14.74 60.65 34.14
C LEU E 194 14.03 60.70 35.50
N SER E 195 12.99 59.87 35.69
CA SER E 195 12.23 59.73 36.93
C SER E 195 11.40 58.47 36.89
N ALA E 196 11.20 57.87 38.06
CA ALA E 196 10.39 56.68 38.21
C ALA E 196 9.70 56.73 39.56
N THR E 197 8.37 56.95 39.54
CA THR E 197 7.60 57.04 40.76
C THR E 197 6.58 55.90 40.82
N GLN E 198 6.16 55.56 42.05
CA GLN E 198 5.18 54.52 42.33
C GLN E 198 4.16 55.15 43.32
N THR E 199 3.05 55.67 42.81
CA THR E 199 2.09 56.40 43.62
C THR E 199 0.76 55.67 43.83
N ARG E 200 0.39 55.55 45.11
CA ARG E 200 -0.89 54.99 45.54
C ARG E 200 -2.02 55.99 45.21
N GLN E 201 -3.12 55.49 44.61
CA GLN E 201 -4.31 56.28 44.28
C GLN E 201 -5.54 55.56 44.75
N VAL E 202 -6.45 56.30 45.35
CA VAL E 202 -7.75 55.83 45.87
C VAL E 202 -8.81 56.51 45.05
N GLN E 203 -9.72 55.72 44.47
CA GLN E 203 -10.80 56.30 43.68
C GLN E 203 -12.16 55.65 43.95
N HIS E 204 -13.18 56.40 43.62
CA HIS E 204 -14.56 55.98 43.77
C HIS E 204 -15.27 56.17 42.44
N TYR E 205 -16.08 55.18 42.10
CA TYR E 205 -16.87 55.15 40.88
C TYR E 205 -18.34 55.24 41.30
N SER E 206 -19.18 55.82 40.43
CA SER E 206 -20.62 56.05 40.66
C SER E 206 -21.38 54.76 40.99
N CYS E 207 -21.02 53.64 40.29
CA CYS E 207 -21.58 52.31 40.40
C CYS E 207 -21.62 51.77 41.83
N CYS E 208 -20.45 51.81 42.42
CA CYS E 208 -19.97 51.11 43.57
C CYS E 208 -19.63 51.99 44.81
N PRO E 209 -20.06 51.56 46.02
CA PRO E 209 -19.67 52.31 47.24
C PRO E 209 -18.22 52.08 47.72
N GLU E 210 -17.58 50.97 47.29
CA GLU E 210 -16.25 50.58 47.72
C GLU E 210 -15.12 51.35 47.01
N PRO E 211 -14.03 51.70 47.74
CA PRO E 211 -12.91 52.40 47.11
C PRO E 211 -12.03 51.44 46.32
N TYR E 212 -11.35 51.98 45.31
CA TYR E 212 -10.43 51.23 44.48
C TYR E 212 -9.07 51.83 44.60
N ILE E 213 -8.09 50.98 44.93
CA ILE E 213 -6.71 51.34 45.15
C ILE E 213 -5.82 50.73 44.07
N ASP E 214 -4.92 51.56 43.57
CA ASP E 214 -3.91 51.14 42.60
C ASP E 214 -2.61 51.87 42.91
N VAL E 215 -1.51 51.38 42.37
CA VAL E 215 -0.18 51.97 42.47
C VAL E 215 0.18 52.29 41.03
N ASN E 216 0.28 53.58 40.73
CA ASN E 216 0.59 54.06 39.40
C ASN E 216 2.10 54.19 39.23
N LEU E 217 2.69 53.26 38.43
CA LEU E 217 4.10 53.24 38.07
C LEU E 217 4.30 54.18 36.89
N VAL E 218 4.86 55.36 37.15
CA VAL E 218 5.11 56.41 36.15
C VAL E 218 6.61 56.49 35.91
N VAL E 219 7.04 56.20 34.66
CA VAL E 219 8.45 56.22 34.28
C VAL E 219 8.68 57.23 33.15
N LYS E 220 9.52 58.22 33.45
CA LYS E 220 9.90 59.23 32.47
C LYS E 220 11.29 58.80 32.02
N PHE E 221 11.44 58.47 30.73
CA PHE E 221 12.72 57.96 30.22
C PHE E 221 13.02 58.53 28.81
N ARG E 222 14.28 58.34 28.34
CA ARG E 222 14.76 58.77 27.03
C ARG E 222 15.90 57.85 26.57
N GLU E 223 16.27 57.93 25.29
CA GLU E 223 17.39 57.15 24.76
C GLU E 223 18.71 57.68 25.35
N ARG E 224 19.58 56.74 25.80
CA ARG E 224 20.91 57.03 26.37
C ARG E 224 21.88 57.44 25.29
N GLN F 20 -7.18 -25.73 5.94
CA GLN F 20 -7.18 -26.53 4.71
C GLN F 20 -8.28 -27.59 4.77
N ALA F 21 -8.38 -28.29 5.92
CA ALA F 21 -9.34 -29.38 6.14
C ALA F 21 -10.79 -28.93 5.94
N ASN F 22 -11.18 -27.76 6.48
CA ASN F 22 -12.51 -27.17 6.35
C ASN F 22 -12.82 -26.80 4.92
N LEU F 23 -11.82 -26.26 4.17
CA LEU F 23 -12.01 -25.89 2.77
C LEU F 23 -12.13 -27.15 1.89
N MET F 24 -11.30 -28.17 2.16
CA MET F 24 -11.33 -29.45 1.47
C MET F 24 -12.73 -30.10 1.64
N ARG F 25 -13.30 -30.01 2.86
CA ARG F 25 -14.62 -30.52 3.23
C ARG F 25 -15.72 -29.74 2.49
N LEU F 26 -15.62 -28.40 2.47
CA LEU F 26 -16.57 -27.53 1.77
C LEU F 26 -16.65 -27.85 0.28
N LYS F 27 -15.50 -27.90 -0.39
CA LYS F 27 -15.39 -28.19 -1.82
C LYS F 27 -15.96 -29.59 -2.13
N SER F 28 -15.64 -30.56 -1.28
CA SER F 28 -16.18 -31.92 -1.41
C SER F 28 -17.72 -31.91 -1.30
N ASP F 29 -18.26 -31.19 -0.33
CA ASP F 29 -19.71 -31.09 -0.15
C ASP F 29 -20.39 -30.35 -1.30
N LEU F 30 -19.76 -29.29 -1.82
CA LEU F 30 -20.34 -28.52 -2.91
C LEU F 30 -20.21 -29.20 -4.27
N PHE F 31 -19.09 -29.89 -4.54
CA PHE F 31 -18.80 -30.41 -5.88
C PHE F 31 -18.88 -31.93 -6.04
N ASN F 32 -18.69 -32.73 -4.98
CA ASN F 32 -18.70 -34.19 -5.13
C ASN F 32 -20.01 -34.85 -4.67
N ARG F 33 -20.93 -34.11 -4.06
CA ARG F 33 -22.18 -34.69 -3.54
C ARG F 33 -23.33 -34.64 -4.58
N SER F 34 -23.55 -33.48 -5.20
CA SER F 34 -24.65 -33.28 -6.16
C SER F 34 -24.11 -33.10 -7.59
N PRO F 35 -24.91 -33.42 -8.67
CA PRO F 35 -24.43 -33.17 -10.05
C PRO F 35 -24.25 -31.68 -10.27
N MET F 36 -23.43 -31.31 -11.27
CA MET F 36 -23.17 -29.89 -11.52
C MET F 36 -24.46 -29.19 -11.98
N TYR F 37 -24.55 -27.88 -11.66
CA TYR F 37 -25.64 -26.99 -12.06
C TYR F 37 -25.84 -27.16 -13.58
N PRO F 38 -27.08 -27.52 -14.03
CA PRO F 38 -27.27 -27.80 -15.48
C PRO F 38 -27.46 -26.54 -16.33
N GLY F 39 -27.27 -25.37 -15.73
CA GLY F 39 -27.50 -24.10 -16.42
C GLY F 39 -28.92 -23.61 -16.15
N PRO F 40 -29.23 -22.32 -16.48
CA PRO F 40 -30.58 -21.82 -16.17
C PRO F 40 -31.67 -22.29 -17.13
N THR F 41 -32.93 -22.08 -16.73
CA THR F 41 -34.13 -22.40 -17.52
C THR F 41 -35.08 -21.21 -17.42
N LYS F 42 -36.21 -21.24 -18.17
CA LYS F 42 -37.21 -20.18 -18.11
C LYS F 42 -37.80 -20.10 -16.70
N ASP F 43 -37.97 -21.25 -16.03
CA ASP F 43 -38.52 -21.35 -14.68
C ASP F 43 -37.52 -20.92 -13.60
N ASP F 44 -36.21 -21.11 -13.85
CA ASP F 44 -35.16 -20.72 -12.90
C ASP F 44 -34.12 -19.85 -13.64
N PRO F 45 -34.49 -18.61 -14.04
CA PRO F 45 -33.53 -17.77 -14.79
C PRO F 45 -32.35 -17.32 -13.94
N LEU F 46 -31.31 -16.85 -14.62
CA LEU F 46 -30.09 -16.41 -13.96
C LEU F 46 -29.70 -15.03 -14.44
N THR F 47 -29.26 -14.18 -13.53
CA THR F 47 -28.78 -12.86 -13.87
C THR F 47 -27.27 -12.91 -13.88
N VAL F 48 -26.66 -12.48 -14.97
CA VAL F 48 -25.21 -12.42 -15.12
C VAL F 48 -24.85 -10.94 -15.25
N THR F 49 -23.97 -10.45 -14.36
CA THR F 49 -23.51 -9.07 -14.38
C THR F 49 -22.17 -9.06 -15.08
N LEU F 50 -22.06 -8.22 -16.10
CA LEU F 50 -20.86 -8.02 -16.91
C LEU F 50 -20.29 -6.65 -16.70
N GLY F 51 -18.97 -6.59 -16.65
CA GLY F 51 -18.22 -5.35 -16.54
C GLY F 51 -16.91 -5.49 -17.28
N PHE F 52 -16.51 -4.46 -18.03
CA PHE F 52 -15.23 -4.47 -18.75
C PHE F 52 -14.24 -3.45 -18.20
N THR F 53 -12.97 -3.88 -18.13
CA THR F 53 -11.82 -3.08 -17.75
C THR F 53 -10.91 -3.11 -18.97
N LEU F 54 -10.89 -2.04 -19.75
CA LEU F 54 -10.05 -1.96 -20.94
C LEU F 54 -8.60 -1.57 -20.58
N GLN F 55 -7.65 -2.44 -20.95
CA GLN F 55 -6.23 -2.30 -20.70
C GLN F 55 -5.50 -1.65 -21.85
N ASP F 56 -5.82 -2.08 -23.09
CA ASP F 56 -5.15 -1.54 -24.28
C ASP F 56 -5.87 -1.91 -25.55
N ILE F 57 -5.71 -1.05 -26.57
CA ILE F 57 -6.04 -1.30 -27.98
C ILE F 57 -4.70 -1.62 -28.53
N VAL F 58 -4.41 -2.90 -28.64
CA VAL F 58 -3.06 -3.37 -28.96
C VAL F 58 -2.76 -3.28 -30.46
N LYS F 59 -3.77 -3.49 -31.30
CA LYS F 59 -3.58 -3.52 -32.74
C LYS F 59 -4.83 -3.03 -33.44
N VAL F 60 -4.63 -2.31 -34.53
CA VAL F 60 -5.62 -1.79 -35.42
C VAL F 60 -5.16 -2.21 -36.83
N ASP F 61 -5.98 -2.99 -37.57
CA ASP F 61 -5.65 -3.43 -38.92
C ASP F 61 -6.66 -2.83 -39.93
N SER F 62 -6.23 -1.79 -40.64
CA SER F 62 -7.05 -1.08 -41.63
C SER F 62 -7.19 -1.85 -42.96
N SER F 63 -6.39 -2.90 -43.17
CA SER F 63 -6.46 -3.68 -44.41
C SER F 63 -7.51 -4.79 -44.29
N THR F 64 -7.83 -5.24 -43.06
CA THR F 64 -8.78 -6.31 -42.80
C THR F 64 -9.97 -5.86 -41.95
N ASN F 65 -9.87 -4.64 -41.35
CA ASN F 65 -10.87 -4.04 -40.46
C ASN F 65 -11.05 -4.90 -39.21
N GLU F 66 -9.93 -5.13 -38.52
CA GLU F 66 -9.87 -5.87 -37.27
C GLU F 66 -9.18 -5.00 -36.21
N VAL F 67 -9.72 -5.02 -35.00
CA VAL F 67 -9.11 -4.27 -33.90
C VAL F 67 -8.91 -5.29 -32.77
N ASP F 68 -7.73 -5.25 -32.13
CA ASP F 68 -7.38 -6.11 -31.03
C ASP F 68 -7.47 -5.35 -29.72
N LEU F 69 -8.28 -5.88 -28.79
CA LEU F 69 -8.43 -5.31 -27.43
C LEU F 69 -7.84 -6.26 -26.41
N VAL F 70 -7.24 -5.70 -25.37
CA VAL F 70 -6.86 -6.44 -24.20
C VAL F 70 -7.73 -5.85 -23.10
N TYR F 71 -8.49 -6.70 -22.42
CA TYR F 71 -9.40 -6.26 -21.36
C TYR F 71 -9.58 -7.36 -20.33
N TYR F 72 -10.17 -7.01 -19.19
CA TYR F 72 -10.64 -7.92 -18.15
C TYR F 72 -12.12 -7.91 -18.25
N GLU F 73 -12.73 -9.09 -18.25
CA GLU F 73 -14.18 -9.19 -18.34
C GLU F 73 -14.67 -9.72 -17.01
N GLN F 74 -15.23 -8.88 -16.19
CA GLN F 74 -15.76 -9.31 -14.90
C GLN F 74 -17.16 -9.92 -15.10
N GLN F 75 -17.35 -11.14 -14.62
CA GLN F 75 -18.62 -11.86 -14.68
C GLN F 75 -19.05 -12.24 -13.28
N ARG F 76 -20.30 -11.93 -12.94
CA ARG F 76 -20.87 -12.25 -11.64
C ARG F 76 -22.23 -12.85 -11.82
N TRP F 77 -22.49 -13.91 -11.05
CA TRP F 77 -23.78 -14.58 -10.99
C TRP F 77 -23.89 -15.25 -9.61
N LYS F 78 -25.06 -15.74 -9.25
CA LYS F 78 -25.34 -16.31 -7.94
C LYS F 78 -26.13 -17.59 -8.08
N LEU F 79 -25.67 -18.65 -7.41
CA LEU F 79 -26.35 -19.95 -7.44
C LEU F 79 -26.69 -20.39 -6.04
N ASN F 80 -27.93 -20.86 -5.83
CA ASN F 80 -28.35 -21.42 -4.54
C ASN F 80 -27.54 -22.67 -4.22
N SER F 81 -27.17 -23.46 -5.24
CA SER F 81 -26.42 -24.70 -5.08
C SER F 81 -24.97 -24.46 -4.59
N LEU F 82 -24.49 -23.19 -4.67
CA LEU F 82 -23.14 -22.82 -4.22
C LEU F 82 -23.15 -22.11 -2.85
N MET F 83 -24.31 -22.07 -2.18
CA MET F 83 -24.44 -21.47 -0.86
C MET F 83 -24.01 -22.41 0.23
N TRP F 84 -23.51 -21.84 1.33
CA TRP F 84 -23.14 -22.59 2.52
C TRP F 84 -23.15 -21.65 3.71
N ASP F 85 -23.29 -22.24 4.90
CA ASP F 85 -23.23 -21.57 6.17
C ASP F 85 -21.76 -21.54 6.63
N PRO F 86 -21.11 -20.36 6.69
CA PRO F 86 -19.70 -20.29 7.13
C PRO F 86 -19.44 -20.98 8.47
N ASN F 87 -20.44 -20.95 9.41
CA ASN F 87 -20.35 -21.55 10.76
C ASN F 87 -20.09 -23.06 10.72
N GLU F 88 -20.57 -23.74 9.65
CA GLU F 88 -20.41 -25.18 9.47
C GLU F 88 -19.07 -25.52 8.83
N TYR F 89 -18.33 -24.49 8.34
CA TYR F 89 -17.07 -24.70 7.63
C TYR F 89 -15.93 -23.76 8.11
N GLY F 90 -15.67 -23.75 9.42
CA GLY F 90 -14.61 -22.98 10.06
C GLY F 90 -14.55 -21.52 9.71
N ASN F 91 -15.75 -20.88 9.54
CA ASN F 91 -15.98 -19.48 9.19
C ASN F 91 -15.40 -19.06 7.82
N ILE F 92 -15.33 -20.02 6.84
CA ILE F 92 -14.93 -19.73 5.46
C ILE F 92 -16.11 -18.99 4.80
N THR F 93 -15.85 -17.77 4.28
CA THR F 93 -16.87 -16.91 3.66
C THR F 93 -16.73 -16.90 2.15
N ASP F 94 -15.59 -17.31 1.63
CA ASP F 94 -15.32 -17.42 0.21
C ASP F 94 -14.09 -18.30 -0.04
N PHE F 95 -13.96 -18.79 -1.29
CA PHE F 95 -12.82 -19.58 -1.73
C PHE F 95 -12.60 -19.41 -3.23
N ARG F 96 -11.41 -19.78 -3.67
CA ARG F 96 -10.99 -19.76 -5.06
C ARG F 96 -10.98 -21.18 -5.59
N THR F 97 -11.52 -21.37 -6.80
CA THR F 97 -11.55 -22.69 -7.42
C THR F 97 -11.45 -22.52 -8.92
N SER F 98 -10.89 -23.54 -9.57
CA SER F 98 -10.77 -23.65 -11.02
C SER F 98 -12.14 -23.47 -11.62
N ALA F 99 -12.25 -22.60 -12.67
CA ALA F 99 -13.52 -22.35 -13.35
C ALA F 99 -14.12 -23.62 -13.95
N ALA F 100 -13.31 -24.67 -14.15
CA ALA F 100 -13.71 -25.99 -14.65
C ALA F 100 -14.57 -26.77 -13.62
N ASP F 101 -14.47 -26.44 -12.32
CA ASP F 101 -15.22 -27.12 -11.23
C ASP F 101 -16.65 -26.65 -11.13
N ILE F 102 -16.93 -25.50 -11.74
CA ILE F 102 -18.23 -24.85 -11.67
C ILE F 102 -18.81 -24.58 -13.07
N TRP F 103 -20.11 -24.33 -13.11
CA TRP F 103 -20.81 -23.87 -14.31
C TRP F 103 -20.39 -22.41 -14.54
N THR F 104 -20.17 -22.01 -15.79
CA THR F 104 -19.82 -20.63 -16.17
C THR F 104 -20.72 -20.22 -17.32
N PRO F 105 -21.16 -18.96 -17.38
CA PRO F 105 -22.02 -18.56 -18.52
C PRO F 105 -21.25 -18.55 -19.85
N ASP F 106 -21.97 -18.85 -20.94
CA ASP F 106 -21.43 -18.89 -22.32
C ASP F 106 -21.41 -17.50 -22.97
N ILE F 107 -20.92 -16.48 -22.23
CA ILE F 107 -20.82 -15.11 -22.72
C ILE F 107 -19.77 -15.05 -23.81
N THR F 108 -20.14 -14.48 -24.94
CA THR F 108 -19.22 -14.42 -26.06
C THR F 108 -19.37 -13.10 -26.83
N ALA F 109 -18.29 -12.74 -27.56
CA ALA F 109 -18.31 -11.60 -28.47
C ALA F 109 -19.05 -12.07 -29.69
N TYR F 110 -20.00 -11.26 -30.16
CA TYR F 110 -20.82 -11.63 -31.32
C TYR F 110 -20.14 -11.27 -32.64
N SER F 111 -19.04 -10.50 -32.61
CA SER F 111 -18.38 -10.08 -33.85
C SER F 111 -16.84 -10.24 -33.78
N SER F 112 -16.38 -11.30 -33.12
CA SER F 112 -14.97 -11.68 -33.09
C SER F 112 -14.55 -12.23 -34.47
N THR F 113 -13.25 -12.13 -34.78
CA THR F 113 -12.74 -12.60 -36.05
C THR F 113 -11.76 -13.73 -35.85
N ARG F 114 -11.33 -13.92 -34.60
CA ARG F 114 -10.37 -14.93 -34.19
C ARG F 114 -10.82 -15.51 -32.86
N PRO F 115 -10.46 -16.75 -32.49
CA PRO F 115 -10.85 -17.23 -31.16
C PRO F 115 -10.17 -16.35 -30.09
N VAL F 116 -10.91 -16.01 -29.03
CA VAL F 116 -10.42 -15.15 -27.96
C VAL F 116 -9.23 -15.86 -27.26
N GLN F 117 -8.18 -15.08 -26.93
CA GLN F 117 -7.01 -15.57 -26.23
C GLN F 117 -7.09 -15.21 -24.76
N VAL F 118 -7.05 -16.23 -23.91
CA VAL F 118 -7.15 -16.08 -22.45
C VAL F 118 -5.77 -15.76 -21.95
N LEU F 119 -5.67 -14.67 -21.17
CA LEU F 119 -4.38 -14.18 -20.67
C LEU F 119 -4.23 -14.40 -19.20
N SER F 120 -5.27 -14.95 -18.53
CA SER F 120 -5.19 -15.13 -17.09
C SER F 120 -5.56 -16.57 -16.67
N PRO F 121 -5.21 -16.98 -15.43
CA PRO F 121 -5.66 -18.30 -14.93
C PRO F 121 -7.18 -18.36 -14.91
N GLN F 122 -7.75 -19.53 -15.19
CA GLN F 122 -9.20 -19.74 -15.24
C GLN F 122 -9.68 -20.18 -13.86
N ILE F 123 -9.75 -19.22 -12.95
CA ILE F 123 -10.10 -19.42 -11.54
C ILE F 123 -11.19 -18.42 -11.15
N ALA F 124 -12.18 -18.90 -10.39
CA ALA F 124 -13.30 -18.09 -9.92
C ALA F 124 -13.28 -17.97 -8.38
N VAL F 125 -13.95 -16.96 -7.86
CA VAL F 125 -14.12 -16.74 -6.42
C VAL F 125 -15.58 -17.02 -6.10
N VAL F 126 -15.82 -18.00 -5.22
CA VAL F 126 -17.17 -18.38 -4.77
C VAL F 126 -17.33 -17.87 -3.33
N THR F 127 -18.44 -17.14 -3.07
CA THR F 127 -18.80 -16.56 -1.76
C THR F 127 -19.94 -17.39 -1.19
N HIS F 128 -20.00 -17.47 0.16
CA HIS F 128 -20.96 -18.28 0.93
C HIS F 128 -22.43 -18.05 0.55
N ASP F 129 -22.78 -16.88 -0.01
CA ASP F 129 -24.14 -16.53 -0.44
C ASP F 129 -24.44 -17.11 -1.85
N GLY F 130 -23.48 -17.84 -2.40
CA GLY F 130 -23.60 -18.51 -3.68
C GLY F 130 -23.14 -17.66 -4.85
N SER F 131 -22.58 -16.47 -4.56
CA SER F 131 -22.06 -15.53 -5.55
C SER F 131 -20.78 -16.06 -6.14
N VAL F 132 -20.63 -15.91 -7.46
CA VAL F 132 -19.44 -16.29 -8.18
C VAL F 132 -18.92 -15.08 -8.90
N MET F 133 -17.63 -14.82 -8.78
CA MET F 133 -16.95 -13.78 -9.52
C MET F 133 -15.84 -14.41 -10.33
N PHE F 134 -15.93 -14.24 -11.64
CA PHE F 134 -14.98 -14.79 -12.58
C PHE F 134 -14.47 -13.64 -13.47
N ILE F 135 -13.14 -13.38 -13.43
CA ILE F 135 -12.59 -12.25 -14.19
C ILE F 135 -11.51 -12.70 -15.19
N PRO F 136 -11.89 -13.26 -16.35
CA PRO F 136 -10.88 -13.62 -17.33
C PRO F 136 -10.29 -12.40 -18.08
N ALA F 137 -8.95 -12.32 -18.18
CA ALA F 137 -8.26 -11.31 -18.98
C ALA F 137 -8.21 -11.90 -20.39
N GLN F 138 -8.56 -11.09 -21.40
CA GLN F 138 -8.64 -11.63 -22.75
C GLN F 138 -8.08 -10.72 -23.78
N ARG F 139 -7.59 -11.31 -24.88
CA ARG F 139 -7.23 -10.58 -26.09
C ARG F 139 -8.27 -10.93 -27.15
N LEU F 140 -8.95 -9.89 -27.64
CA LEU F 140 -10.02 -10.02 -28.62
C LEU F 140 -9.70 -9.31 -29.93
N SER F 141 -9.88 -10.03 -31.02
CA SER F 141 -9.82 -9.54 -32.40
C SER F 141 -11.28 -9.43 -32.89
N PHE F 142 -11.74 -8.22 -33.20
CA PHE F 142 -13.13 -8.08 -33.61
C PHE F 142 -13.26 -7.15 -34.80
N MET F 143 -14.43 -7.21 -35.45
CA MET F 143 -14.77 -6.41 -36.64
C MET F 143 -14.90 -4.94 -36.31
N CYS F 144 -14.00 -4.16 -36.89
CA CYS F 144 -13.92 -2.74 -36.63
C CYS F 144 -13.20 -2.02 -37.76
N ASP F 145 -13.89 -1.08 -38.42
CA ASP F 145 -13.33 -0.24 -39.45
C ASP F 145 -12.64 0.93 -38.74
N PRO F 146 -11.29 1.00 -38.77
CA PRO F 146 -10.61 2.06 -38.02
C PRO F 146 -10.40 3.36 -38.81
N THR F 147 -11.12 3.57 -39.93
CA THR F 147 -11.02 4.79 -40.73
C THR F 147 -11.33 5.99 -39.86
N GLY F 148 -10.38 6.91 -39.78
CA GLY F 148 -10.47 8.12 -38.98
C GLY F 148 -9.81 8.04 -37.63
N VAL F 149 -9.08 6.95 -37.33
CA VAL F 149 -8.37 6.77 -36.05
C VAL F 149 -7.24 7.82 -35.93
N ASP F 150 -6.63 8.20 -37.05
CA ASP F 150 -5.53 9.15 -37.14
C ASP F 150 -6.03 10.63 -37.14
N SER F 151 -7.32 10.87 -36.85
CA SER F 151 -7.94 12.18 -36.79
C SER F 151 -8.22 12.58 -35.32
N GLU F 152 -8.62 13.83 -35.09
CA GLU F 152 -8.93 14.36 -33.75
C GLU F 152 -10.25 13.78 -33.24
N GLU F 153 -11.19 13.55 -34.17
CA GLU F 153 -12.53 13.01 -33.91
C GLU F 153 -12.43 11.54 -33.52
N GLY F 154 -11.42 10.86 -34.06
CA GLY F 154 -11.18 9.45 -33.79
C GLY F 154 -12.16 8.54 -34.51
N VAL F 155 -12.28 7.32 -33.99
CA VAL F 155 -13.17 6.33 -34.58
C VAL F 155 -13.92 5.60 -33.47
N THR F 156 -15.17 5.20 -33.77
CA THR F 156 -16.01 4.46 -32.87
C THR F 156 -16.12 3.03 -33.34
N CYS F 157 -15.92 2.11 -32.40
CA CYS F 157 -16.11 0.72 -32.69
C CYS F 157 -16.88 0.07 -31.58
N ALA F 158 -17.70 -0.91 -31.96
CA ALA F 158 -18.58 -1.58 -31.03
C ALA F 158 -18.53 -3.07 -31.22
N VAL F 159 -18.75 -3.79 -30.12
CA VAL F 159 -18.82 -5.24 -30.09
C VAL F 159 -19.86 -5.62 -29.01
N LYS F 160 -20.79 -6.50 -29.38
CA LYS F 160 -21.82 -7.00 -28.47
C LYS F 160 -21.33 -8.32 -27.84
N PHE F 161 -21.66 -8.45 -26.57
CA PHE F 161 -21.37 -9.62 -25.75
C PHE F 161 -22.66 -10.10 -25.19
N GLY F 162 -22.82 -11.40 -25.18
CA GLY F 162 -23.99 -12.01 -24.62
C GLY F 162 -23.88 -13.50 -24.68
N SER F 163 -24.92 -14.16 -24.19
CA SER F 163 -24.99 -15.60 -24.23
C SER F 163 -25.14 -16.04 -25.67
N TRP F 164 -24.45 -17.11 -26.03
CA TRP F 164 -24.55 -17.66 -27.37
C TRP F 164 -25.85 -18.46 -27.55
N VAL F 165 -26.27 -19.24 -26.54
CA VAL F 165 -27.43 -20.15 -26.65
C VAL F 165 -28.60 -19.81 -25.73
N TYR F 166 -28.44 -18.95 -24.73
CA TYR F 166 -29.55 -18.63 -23.84
C TYR F 166 -30.20 -17.30 -24.20
N SER F 167 -31.54 -17.26 -24.22
CA SER F 167 -32.32 -16.05 -24.45
C SER F 167 -32.46 -15.26 -23.14
N GLY F 168 -33.18 -14.15 -23.19
CA GLY F 168 -33.44 -13.30 -22.03
C GLY F 168 -34.22 -14.01 -20.94
N PHE F 169 -34.93 -15.07 -21.31
CA PHE F 169 -35.76 -15.88 -20.43
C PHE F 169 -34.93 -16.79 -19.52
N GLU F 170 -33.71 -17.15 -19.95
CA GLU F 170 -32.83 -18.03 -19.17
C GLU F 170 -31.70 -17.22 -18.56
N ILE F 171 -31.03 -16.35 -19.35
CA ILE F 171 -29.96 -15.48 -18.85
C ILE F 171 -30.33 -14.03 -19.05
N ASP F 172 -30.45 -13.32 -17.94
CA ASP F 172 -30.63 -11.88 -17.91
C ASP F 172 -29.25 -11.25 -17.75
N LEU F 173 -28.84 -10.45 -18.71
CA LEU F 173 -27.54 -9.77 -18.63
C LEU F 173 -27.71 -8.43 -17.98
N LYS F 174 -26.78 -8.03 -17.11
CA LYS F 174 -26.79 -6.71 -16.48
C LYS F 174 -25.39 -6.12 -16.40
N THR F 175 -25.31 -4.81 -16.11
CA THR F 175 -24.08 -4.04 -15.86
C THR F 175 -24.28 -3.29 -14.57
N ASP F 176 -23.18 -2.97 -13.85
CA ASP F 176 -23.26 -2.18 -12.62
C ASP F 176 -23.16 -0.71 -12.95
N THR F 177 -22.51 -0.43 -14.08
CA THR F 177 -22.27 0.89 -14.64
C THR F 177 -22.19 0.77 -16.16
N ASP F 178 -22.52 1.85 -16.86
CA ASP F 178 -22.47 1.97 -18.31
C ASP F 178 -21.10 2.47 -18.72
N GLN F 179 -20.27 2.81 -17.75
CA GLN F 179 -18.90 3.28 -17.96
C GLN F 179 -17.93 2.14 -17.84
N VAL F 180 -17.15 1.92 -18.88
CA VAL F 180 -16.08 0.93 -18.91
C VAL F 180 -14.96 1.43 -17.98
N ASP F 181 -14.39 0.54 -17.15
CA ASP F 181 -13.31 0.91 -16.27
C ASP F 181 -12.03 1.18 -17.10
N LEU F 182 -11.57 2.44 -17.10
CA LEU F 182 -10.39 2.88 -17.85
C LEU F 182 -9.23 3.24 -16.91
N SER F 183 -9.36 2.91 -15.60
CA SER F 183 -8.35 3.20 -14.59
C SER F 183 -7.06 2.32 -14.74
N SER F 184 -7.13 1.23 -15.51
CA SER F 184 -5.99 0.34 -15.75
C SER F 184 -5.52 0.44 -17.22
N TYR F 185 -6.02 1.44 -17.96
CA TYR F 185 -5.68 1.58 -19.37
C TYR F 185 -4.22 2.00 -19.51
N TYR F 186 -3.47 1.28 -20.39
CA TYR F 186 -2.06 1.52 -20.65
C TYR F 186 -1.81 2.98 -21.02
N ALA F 187 -1.06 3.70 -20.16
CA ALA F 187 -0.78 5.15 -20.28
C ALA F 187 0.07 5.51 -21.52
N SER F 188 0.90 4.57 -22.02
CA SER F 188 1.75 4.84 -23.18
C SER F 188 1.24 4.10 -24.40
N SER F 189 -0.08 3.81 -24.43
CA SER F 189 -0.75 3.16 -25.56
C SER F 189 -0.63 3.98 -26.83
N LYS F 190 -0.66 3.32 -28.01
CA LYS F 190 -0.63 4.00 -29.30
C LYS F 190 -1.95 4.74 -29.50
N TYR F 191 -2.99 4.31 -28.76
CA TYR F 191 -4.36 4.81 -28.87
C TYR F 191 -4.84 5.38 -27.55
N GLU F 192 -5.51 6.53 -27.67
CA GLU F 192 -6.14 7.29 -26.60
C GLU F 192 -7.65 6.98 -26.62
N ILE F 193 -8.26 6.73 -25.44
CA ILE F 193 -9.69 6.47 -25.34
C ILE F 193 -10.44 7.78 -25.13
N LEU F 194 -11.35 8.07 -26.05
CA LEU F 194 -12.20 9.26 -25.99
C LEU F 194 -13.43 8.94 -25.15
N SER F 195 -13.96 7.72 -25.27
CA SER F 195 -15.09 7.21 -24.50
C SER F 195 -15.18 5.72 -24.62
N ALA F 196 -15.64 5.08 -23.55
CA ALA F 196 -15.83 3.65 -23.52
C ALA F 196 -17.04 3.35 -22.65
N THR F 197 -18.11 2.84 -23.30
CA THR F 197 -19.37 2.51 -22.60
C THR F 197 -19.71 1.02 -22.78
N GLN F 198 -20.44 0.45 -21.80
CA GLN F 198 -20.93 -0.94 -21.80
C GLN F 198 -22.45 -0.89 -21.50
N THR F 199 -23.27 -1.03 -22.52
CA THR F 199 -24.73 -0.88 -22.36
C THR F 199 -25.50 -2.16 -22.61
N ARG F 200 -26.35 -2.50 -21.64
CA ARG F 200 -27.28 -3.60 -21.72
C ARG F 200 -28.38 -3.22 -22.72
N GLN F 201 -28.60 -4.08 -23.74
CA GLN F 201 -29.62 -3.86 -24.75
C GLN F 201 -30.55 -5.06 -24.82
N VAL F 202 -31.82 -4.82 -25.01
CA VAL F 202 -32.84 -5.87 -25.15
C VAL F 202 -33.32 -5.84 -26.59
N GLN F 203 -33.41 -7.00 -27.20
CA GLN F 203 -33.89 -7.14 -28.56
C GLN F 203 -35.05 -8.13 -28.64
N HIS F 204 -36.10 -7.67 -29.28
CA HIS F 204 -37.34 -8.39 -29.56
C HIS F 204 -37.38 -8.70 -31.04
N TYR F 205 -37.76 -9.93 -31.39
CA TYR F 205 -37.96 -10.30 -32.79
C TYR F 205 -39.45 -10.69 -32.95
N SER F 206 -40.05 -10.40 -34.13
CA SER F 206 -41.46 -10.69 -34.44
C SER F 206 -41.80 -12.21 -34.35
N CYS F 207 -40.86 -13.06 -34.81
CA CYS F 207 -40.91 -14.53 -34.83
C CYS F 207 -41.26 -15.14 -33.47
N CYS F 208 -40.45 -14.74 -32.49
CA CYS F 208 -40.18 -15.30 -31.19
C CYS F 208 -40.68 -14.47 -30.01
N PRO F 209 -41.31 -15.11 -29.01
CA PRO F 209 -41.79 -14.36 -27.84
C PRO F 209 -40.69 -13.99 -26.84
N GLU F 210 -39.50 -14.65 -26.94
CA GLU F 210 -38.42 -14.45 -25.99
C GLU F 210 -37.53 -13.26 -26.34
N PRO F 211 -37.17 -12.43 -25.33
CA PRO F 211 -36.24 -11.31 -25.59
C PRO F 211 -34.79 -11.79 -25.66
N TYR F 212 -33.94 -11.02 -26.35
CA TYR F 212 -32.51 -11.30 -26.48
C TYR F 212 -31.74 -10.14 -25.84
N ILE F 213 -30.78 -10.46 -24.97
CA ILE F 213 -30.01 -9.47 -24.22
C ILE F 213 -28.53 -9.55 -24.59
N ASP F 214 -27.93 -8.39 -24.74
CA ASP F 214 -26.51 -8.24 -25.01
C ASP F 214 -26.00 -7.01 -24.26
N VAL F 215 -24.68 -6.91 -24.13
CA VAL F 215 -23.98 -5.77 -23.55
C VAL F 215 -23.14 -5.25 -24.71
N ASN F 216 -23.46 -4.05 -25.16
CA ASN F 216 -22.77 -3.41 -26.27
C ASN F 216 -21.58 -2.57 -25.75
N LEU F 217 -20.36 -3.03 -26.04
CA LEU F 217 -19.13 -2.35 -25.70
C LEU F 217 -18.79 -1.39 -26.84
N VAL F 218 -18.98 -0.08 -26.61
CA VAL F 218 -18.74 0.97 -27.60
C VAL F 218 -17.51 1.75 -27.16
N VAL F 219 -16.43 1.71 -27.97
CA VAL F 219 -15.16 2.39 -27.68
C VAL F 219 -14.84 3.43 -28.79
N LYS F 220 -14.73 4.70 -28.39
CA LYS F 220 -14.34 5.79 -29.26
C LYS F 220 -12.86 6.06 -28.94
N PHE F 221 -12.00 5.97 -29.94
CA PHE F 221 -10.58 6.11 -29.73
C PHE F 221 -9.89 6.80 -30.91
N ARG F 222 -8.67 7.24 -30.69
CA ARG F 222 -7.85 7.89 -31.71
C ARG F 222 -6.38 7.63 -31.41
N GLU F 223 -5.50 7.91 -32.37
CA GLU F 223 -4.05 7.79 -32.18
C GLU F 223 -3.61 8.87 -31.18
N ARG F 224 -2.88 8.49 -30.10
CA ARG F 224 -2.43 9.37 -29.00
C ARG F 224 -1.90 10.76 -29.47
N GLN G 20 -33.93 -26.73 -11.63
CA GLN G 20 -32.61 -27.35 -11.75
C GLN G 20 -32.75 -28.86 -11.61
N ALA G 21 -33.49 -29.32 -10.58
CA ALA G 21 -33.68 -30.73 -10.23
C ALA G 21 -34.28 -31.54 -11.40
N ASN G 22 -35.31 -31.00 -12.08
CA ASN G 22 -35.96 -31.64 -13.22
C ASN G 22 -35.04 -31.71 -14.43
N LEU G 23 -34.24 -30.66 -14.68
CA LEU G 23 -33.29 -30.64 -15.78
C LEU G 23 -32.15 -31.60 -15.51
N MET G 24 -31.64 -31.63 -14.26
CA MET G 24 -30.58 -32.55 -13.84
C MET G 24 -31.01 -33.99 -14.09
N ARG G 25 -32.29 -34.29 -13.79
CA ARG G 25 -32.91 -35.60 -13.93
C ARG G 25 -33.05 -35.98 -15.41
N LEU G 26 -33.51 -35.03 -16.23
CA LEU G 26 -33.65 -35.20 -17.67
C LEU G 26 -32.32 -35.55 -18.34
N LYS G 27 -31.28 -34.75 -18.07
CA LYS G 27 -29.93 -34.93 -18.61
C LYS G 27 -29.35 -36.28 -18.19
N SER G 28 -29.56 -36.65 -16.93
CA SER G 28 -29.12 -37.94 -16.41
C SER G 28 -29.83 -39.10 -17.16
N ASP G 29 -31.15 -38.98 -17.39
CA ASP G 29 -31.90 -39.99 -18.11
C ASP G 29 -31.50 -40.08 -19.60
N LEU G 30 -31.24 -38.95 -20.23
CA LEU G 30 -30.86 -38.93 -21.63
C LEU G 30 -29.40 -39.33 -21.88
N PHE G 31 -28.47 -38.95 -20.99
CA PHE G 31 -27.04 -39.14 -21.24
C PHE G 31 -26.34 -40.19 -20.39
N ASN G 32 -26.84 -40.51 -19.19
CA ASN G 32 -26.12 -41.47 -18.35
C ASN G 32 -26.73 -42.89 -18.36
N ARG G 33 -27.92 -43.07 -18.99
CA ARG G 33 -28.58 -44.39 -18.98
C ARG G 33 -28.16 -45.28 -20.16
N SER G 34 -28.18 -44.74 -21.39
CA SER G 34 -27.85 -45.50 -22.60
C SER G 34 -26.52 -45.02 -23.22
N PRO G 35 -25.79 -45.85 -24.02
CA PRO G 35 -24.56 -45.34 -24.66
C PRO G 35 -24.90 -44.24 -25.65
N MET G 36 -23.93 -43.40 -26.02
CA MET G 36 -24.18 -42.32 -26.95
C MET G 36 -24.62 -42.85 -28.32
N TYR G 37 -25.44 -42.07 -29.04
CA TYR G 37 -25.89 -42.32 -30.42
C TYR G 37 -24.63 -42.63 -31.27
N PRO G 38 -24.56 -43.81 -31.92
CA PRO G 38 -23.31 -44.16 -32.64
C PRO G 38 -23.19 -43.56 -34.03
N GLY G 39 -24.07 -42.63 -34.37
CA GLY G 39 -24.12 -42.03 -35.69
C GLY G 39 -25.12 -42.76 -36.56
N PRO G 40 -25.46 -42.23 -37.76
CA PRO G 40 -26.44 -42.92 -38.62
C PRO G 40 -25.86 -44.10 -39.43
N THR G 41 -26.78 -44.89 -40.03
CA THR G 41 -26.46 -46.02 -40.92
C THR G 41 -27.40 -45.97 -42.13
N LYS G 42 -27.18 -46.84 -43.14
CA LYS G 42 -28.07 -46.91 -44.32
C LYS G 42 -29.51 -47.26 -43.90
N ASP G 43 -29.66 -48.12 -42.88
CA ASP G 43 -30.94 -48.55 -42.35
C ASP G 43 -31.61 -47.48 -41.49
N ASP G 44 -30.82 -46.62 -40.83
CA ASP G 44 -31.36 -45.55 -39.98
C ASP G 44 -30.69 -44.23 -40.38
N PRO G 45 -31.01 -43.70 -41.59
CA PRO G 45 -30.37 -42.45 -42.03
C PRO G 45 -30.80 -41.24 -41.22
N LEU G 46 -30.00 -40.18 -41.31
CA LEU G 46 -30.25 -38.94 -40.61
C LEU G 46 -30.24 -37.75 -41.56
N THR G 47 -31.19 -36.84 -41.41
CA THR G 47 -31.23 -35.64 -42.23
C THR G 47 -30.64 -34.52 -41.39
N VAL G 48 -29.64 -33.83 -41.94
CA VAL G 48 -28.98 -32.68 -41.31
C VAL G 48 -29.31 -31.46 -42.17
N THR G 49 -29.89 -30.43 -41.55
CA THR G 49 -30.23 -29.18 -42.23
C THR G 49 -29.12 -28.18 -41.91
N LEU G 50 -28.56 -27.60 -42.96
CA LEU G 50 -27.50 -26.59 -42.92
C LEU G 50 -27.98 -25.24 -43.40
N GLY G 51 -27.50 -24.22 -42.73
CA GLY G 51 -27.74 -22.83 -43.10
C GLY G 51 -26.54 -22.00 -42.71
N PHE G 52 -26.16 -21.03 -43.55
CA PHE G 52 -25.03 -20.14 -43.29
C PHE G 52 -25.50 -18.72 -43.10
N THR G 53 -24.89 -18.05 -42.13
CA THR G 53 -25.06 -16.63 -41.80
C THR G 53 -23.67 -16.02 -41.94
N LEU G 54 -23.43 -15.32 -43.06
CA LEU G 54 -22.13 -14.68 -43.30
C LEU G 54 -22.02 -13.33 -42.58
N GLN G 55 -21.03 -13.22 -41.69
CA GLN G 55 -20.68 -12.02 -40.91
C GLN G 55 -19.61 -11.18 -41.58
N ASP G 56 -18.62 -11.82 -42.19
CA ASP G 56 -17.52 -11.04 -42.76
C ASP G 56 -16.58 -11.86 -43.62
N ILE G 57 -16.05 -11.21 -44.67
CA ILE G 57 -14.93 -11.63 -45.51
C ILE G 57 -13.81 -10.79 -44.89
N VAL G 58 -13.04 -11.42 -44.01
CA VAL G 58 -12.06 -10.75 -43.16
C VAL G 58 -10.75 -10.46 -43.93
N LYS G 59 -10.26 -11.43 -44.69
CA LYS G 59 -9.02 -11.36 -45.42
C LYS G 59 -9.13 -12.07 -46.76
N VAL G 60 -8.43 -11.53 -47.76
CA VAL G 60 -8.28 -12.02 -49.11
C VAL G 60 -6.76 -12.07 -49.33
N ASP G 61 -6.20 -13.21 -49.79
CA ASP G 61 -4.76 -13.31 -50.05
C ASP G 61 -4.55 -13.71 -51.51
N SER G 62 -4.17 -12.75 -52.34
CA SER G 62 -3.96 -12.94 -53.78
C SER G 62 -2.61 -13.63 -54.08
N SER G 63 -1.70 -13.72 -53.09
CA SER G 63 -0.40 -14.37 -53.30
C SER G 63 -0.48 -15.88 -53.06
N THR G 64 -1.47 -16.35 -52.28
CA THR G 64 -1.67 -17.77 -51.96
C THR G 64 -3.03 -18.31 -52.44
N ASN G 65 -3.95 -17.42 -52.85
CA ASN G 65 -5.32 -17.70 -53.27
C ASN G 65 -6.12 -18.33 -52.12
N GLU G 66 -6.17 -17.61 -51.00
CA GLU G 66 -6.90 -17.98 -49.81
C GLU G 66 -7.81 -16.84 -49.42
N VAL G 67 -9.03 -17.15 -49.03
CA VAL G 67 -9.98 -16.13 -48.57
C VAL G 67 -10.47 -16.58 -47.20
N ASP G 68 -10.58 -15.65 -46.25
CA ASP G 68 -11.02 -15.89 -44.89
C ASP G 68 -12.43 -15.34 -44.67
N LEU G 69 -13.35 -16.22 -44.27
CA LEU G 69 -14.73 -15.89 -43.96
C LEU G 69 -15.00 -16.11 -42.52
N VAL G 70 -15.89 -15.29 -41.97
CA VAL G 70 -16.38 -15.45 -40.63
C VAL G 70 -17.90 -15.63 -40.81
N TYR G 71 -18.44 -16.73 -40.28
CA TYR G 71 -19.86 -17.07 -40.42
C TYR G 71 -20.37 -17.91 -39.26
N TYR G 72 -21.70 -18.03 -39.18
CA TYR G 72 -22.40 -18.95 -38.27
C TYR G 72 -22.92 -20.06 -39.12
N GLU G 73 -22.70 -21.28 -38.70
CA GLU G 73 -23.17 -22.43 -39.45
C GLU G 73 -24.28 -23.08 -38.63
N GLN G 74 -25.54 -22.90 -39.04
CA GLN G 74 -26.64 -23.50 -38.33
C GLN G 74 -26.80 -24.95 -38.76
N GLN G 75 -26.79 -25.87 -37.78
CA GLN G 75 -26.97 -27.32 -38.00
C GLN G 75 -28.15 -27.81 -37.22
N ARG G 76 -29.05 -28.52 -37.88
CA ARG G 76 -30.23 -29.12 -37.26
C ARG G 76 -30.38 -30.55 -37.66
N TRP G 77 -30.71 -31.40 -36.68
CA TRP G 77 -30.99 -32.81 -36.89
C TRP G 77 -31.92 -33.27 -35.75
N LYS G 78 -32.47 -34.47 -35.84
CA LYS G 78 -33.44 -34.98 -34.90
C LYS G 78 -33.11 -36.41 -34.57
N LEU G 79 -33.09 -36.75 -33.28
CA LEU G 79 -32.83 -38.11 -32.82
C LEU G 79 -33.95 -38.60 -31.93
N ASN G 80 -34.45 -39.82 -32.16
CA ASN G 80 -35.46 -40.44 -31.30
C ASN G 80 -34.93 -40.63 -29.89
N SER G 81 -33.61 -40.91 -29.75
CA SER G 81 -32.96 -41.15 -28.46
C SER G 81 -32.91 -39.86 -27.61
N LEU G 82 -33.13 -38.69 -28.22
CA LEU G 82 -33.12 -37.40 -27.51
C LEU G 82 -34.54 -36.86 -27.20
N MET G 83 -35.57 -37.68 -27.45
CA MET G 83 -36.96 -37.35 -27.16
C MET G 83 -37.32 -37.58 -25.71
N TRP G 84 -38.28 -36.79 -25.19
CA TRP G 84 -38.81 -36.91 -23.84
C TRP G 84 -40.17 -36.25 -23.78
N ASP G 85 -40.99 -36.67 -22.81
CA ASP G 85 -42.29 -36.13 -22.50
C ASP G 85 -42.09 -34.99 -21.51
N PRO G 86 -42.35 -33.71 -21.91
CA PRO G 86 -42.17 -32.57 -20.97
C PRO G 86 -42.92 -32.76 -19.64
N ASN G 87 -44.09 -33.43 -19.66
CA ASN G 87 -44.94 -33.68 -18.48
C ASN G 87 -44.22 -34.46 -17.39
N GLU G 88 -43.27 -35.32 -17.78
CA GLU G 88 -42.48 -36.15 -16.88
C GLU G 88 -41.27 -35.40 -16.31
N TYR G 89 -40.98 -34.19 -16.86
CA TYR G 89 -39.81 -33.42 -16.47
C TYR G 89 -40.11 -31.94 -16.21
N GLY G 90 -41.09 -31.67 -15.36
CA GLY G 90 -41.50 -30.33 -14.94
C GLY G 90 -41.78 -29.34 -16.05
N ASN G 91 -42.34 -29.84 -17.18
CA ASN G 91 -42.72 -29.13 -18.40
C ASN G 91 -41.52 -28.50 -19.15
N ILE G 92 -40.32 -29.13 -19.05
CA ILE G 92 -39.13 -28.71 -19.79
C ILE G 92 -39.34 -29.14 -21.25
N THR G 93 -39.30 -28.17 -22.20
CA THR G 93 -39.53 -28.42 -23.62
C THR G 93 -38.22 -28.40 -24.42
N ASP G 94 -37.18 -27.84 -23.83
CA ASP G 94 -35.85 -27.76 -24.41
C ASP G 94 -34.83 -27.43 -23.36
N PHE G 95 -33.55 -27.71 -23.66
CA PHE G 95 -32.43 -27.38 -22.79
C PHE G 95 -31.17 -27.16 -23.61
N ARG G 96 -30.17 -26.53 -22.98
CA ARG G 96 -28.86 -26.26 -23.54
C ARG G 96 -27.87 -27.18 -22.94
N THR G 97 -27.00 -27.77 -23.77
CA THR G 97 -26.00 -28.70 -23.29
C THR G 97 -24.74 -28.58 -24.17
N SER G 98 -23.58 -28.86 -23.56
CA SER G 98 -22.29 -28.92 -24.25
C SER G 98 -22.41 -29.87 -25.44
N ALA G 99 -21.92 -29.45 -26.61
CA ALA G 99 -21.95 -30.26 -27.83
C ALA G 99 -21.16 -31.58 -27.63
N ALA G 100 -20.29 -31.64 -26.62
CA ALA G 100 -19.50 -32.83 -26.28
C ALA G 100 -20.36 -33.95 -25.67
N ASP G 101 -21.54 -33.62 -25.10
CA ASP G 101 -22.48 -34.55 -24.46
C ASP G 101 -23.30 -35.31 -25.49
N ILE G 102 -23.31 -34.82 -26.72
CA ILE G 102 -24.13 -35.38 -27.78
C ILE G 102 -23.30 -35.68 -29.02
N TRP G 103 -23.87 -36.52 -29.89
CA TRP G 103 -23.32 -36.78 -31.20
C TRP G 103 -23.56 -35.51 -32.07
N THR G 104 -22.59 -35.14 -32.88
CA THR G 104 -22.70 -34.00 -33.80
C THR G 104 -22.26 -34.47 -35.18
N PRO G 105 -22.89 -33.99 -36.28
CA PRO G 105 -22.42 -34.42 -37.61
C PRO G 105 -21.00 -33.89 -37.93
N ASP G 106 -20.27 -34.66 -38.74
CA ASP G 106 -18.89 -34.34 -39.18
C ASP G 106 -18.88 -33.43 -40.43
N ILE G 107 -19.71 -32.37 -40.41
CA ILE G 107 -19.79 -31.41 -41.50
C ILE G 107 -18.47 -30.65 -41.60
N THR G 108 -17.88 -30.65 -42.79
CA THR G 108 -16.61 -30.01 -43.04
C THR G 108 -16.64 -29.25 -44.33
N ALA G 109 -15.81 -28.21 -44.43
CA ALA G 109 -15.51 -27.50 -45.66
C ALA G 109 -14.57 -28.42 -46.44
N TYR G 110 -14.84 -28.63 -47.73
CA TYR G 110 -14.05 -29.56 -48.53
C TYR G 110 -12.80 -28.91 -49.14
N SER G 111 -12.64 -27.59 -49.03
CA SER G 111 -11.48 -26.94 -49.66
C SER G 111 -10.84 -25.89 -48.72
N SER G 112 -10.83 -26.20 -47.42
CA SER G 112 -10.15 -25.35 -46.43
C SER G 112 -8.61 -25.48 -46.59
N THR G 113 -7.89 -24.46 -46.14
CA THR G 113 -6.43 -24.45 -46.27
C THR G 113 -5.79 -24.41 -44.89
N ARG G 114 -6.63 -24.17 -43.87
CA ARG G 114 -6.21 -24.08 -42.46
C ARG G 114 -7.26 -24.73 -41.61
N PRO G 115 -6.91 -25.30 -40.43
CA PRO G 115 -7.98 -25.83 -39.54
C PRO G 115 -8.97 -24.71 -39.21
N VAL G 116 -10.27 -25.01 -39.25
CA VAL G 116 -11.33 -24.02 -38.97
C VAL G 116 -11.21 -23.59 -37.49
N GLN G 117 -11.36 -22.27 -37.24
CA GLN G 117 -11.26 -21.71 -35.89
C GLN G 117 -12.65 -21.44 -35.37
N VAL G 118 -12.96 -22.01 -34.22
CA VAL G 118 -14.25 -21.90 -33.55
C VAL G 118 -14.26 -20.61 -32.75
N LEU G 119 -15.28 -19.76 -32.99
CA LEU G 119 -15.38 -18.47 -32.36
C LEU G 119 -16.45 -18.42 -31.29
N SER G 120 -17.19 -19.51 -31.11
CA SER G 120 -18.30 -19.51 -30.19
C SER G 120 -18.28 -20.69 -29.24
N PRO G 121 -19.01 -20.59 -28.10
CA PRO G 121 -19.12 -21.76 -27.19
C PRO G 121 -19.70 -22.96 -27.93
N GLN G 122 -19.22 -24.17 -27.59
CA GLN G 122 -19.69 -25.40 -28.25
C GLN G 122 -20.87 -25.96 -27.45
N ILE G 123 -22.04 -25.34 -27.63
CA ILE G 123 -23.26 -25.67 -26.89
C ILE G 123 -24.40 -25.82 -27.87
N ALA G 124 -25.22 -26.85 -27.68
CA ALA G 124 -26.37 -27.12 -28.55
C ALA G 124 -27.68 -26.95 -27.76
N VAL G 125 -28.81 -26.80 -28.48
CA VAL G 125 -30.13 -26.72 -27.88
C VAL G 125 -30.86 -28.00 -28.30
N VAL G 126 -31.31 -28.79 -27.31
CA VAL G 126 -32.05 -30.02 -27.51
C VAL G 126 -33.52 -29.75 -27.15
N THR G 127 -34.46 -30.10 -28.07
CA THR G 127 -35.91 -29.93 -27.89
C THR G 127 -36.52 -31.30 -27.64
N HIS G 128 -37.65 -31.36 -26.88
CA HIS G 128 -38.30 -32.59 -26.42
C HIS G 128 -38.71 -33.56 -27.54
N ASP G 129 -38.84 -33.07 -28.79
CA ASP G 129 -39.17 -33.87 -29.97
C ASP G 129 -37.86 -34.55 -30.53
N GLY G 130 -36.74 -34.34 -29.85
CA GLY G 130 -35.45 -34.92 -30.22
C GLY G 130 -34.64 -34.06 -31.17
N SER G 131 -35.14 -32.86 -31.49
CA SER G 131 -34.48 -31.89 -32.36
C SER G 131 -33.27 -31.31 -31.67
N VAL G 132 -32.18 -31.13 -32.43
CA VAL G 132 -30.95 -30.52 -31.97
C VAL G 132 -30.63 -29.37 -32.87
N MET G 133 -30.29 -28.22 -32.28
CA MET G 133 -29.82 -27.07 -33.01
C MET G 133 -28.46 -26.69 -32.48
N PHE G 134 -27.48 -26.71 -33.37
CA PHE G 134 -26.10 -26.39 -33.04
C PHE G 134 -25.62 -25.30 -34.02
N ILE G 135 -25.21 -24.13 -33.48
CA ILE G 135 -24.80 -23.01 -34.34
C ILE G 135 -23.36 -22.55 -34.02
N PRO G 136 -22.32 -23.28 -34.51
CA PRO G 136 -20.95 -22.82 -34.29
C PRO G 136 -20.56 -21.62 -35.18
N ALA G 137 -19.91 -20.59 -34.57
CA ALA G 137 -19.35 -19.45 -35.29
C ALA G 137 -17.94 -19.84 -35.65
N GLN G 138 -17.61 -19.65 -36.92
CA GLN G 138 -16.31 -20.11 -37.37
C GLN G 138 -15.59 -19.11 -38.23
N ARG G 139 -14.25 -19.20 -38.18
CA ARG G 139 -13.36 -18.51 -39.11
C ARG G 139 -12.76 -19.58 -40.01
N LEU G 140 -13.01 -19.45 -41.32
CA LEU G 140 -12.53 -20.38 -42.34
C LEU G 140 -11.59 -19.74 -43.40
N SER G 141 -10.44 -20.37 -43.66
CA SER G 141 -9.52 -20.09 -44.77
C SER G 141 -9.78 -21.14 -45.83
N PHE G 142 -10.13 -20.74 -47.04
CA PHE G 142 -10.43 -21.72 -48.08
C PHE G 142 -9.84 -21.26 -49.40
N MET G 143 -9.73 -22.20 -50.35
CA MET G 143 -9.18 -21.98 -51.70
C MET G 143 -10.09 -21.08 -52.51
N CYS G 144 -9.54 -19.93 -52.88
CA CYS G 144 -10.26 -18.93 -53.62
C CYS G 144 -9.32 -17.98 -54.31
N ASP G 145 -9.41 -17.89 -55.65
CA ASP G 145 -8.65 -16.94 -56.44
C ASP G 145 -9.41 -15.58 -56.41
N PRO G 146 -8.87 -14.55 -55.73
CA PRO G 146 -9.63 -13.30 -55.62
C PRO G 146 -9.40 -12.30 -56.77
N THR G 147 -8.82 -12.76 -57.92
CA THR G 147 -8.53 -11.87 -59.05
C THR G 147 -9.86 -11.27 -59.55
N GLY G 148 -9.91 -9.95 -59.54
CA GLY G 148 -11.08 -9.19 -59.94
C GLY G 148 -11.93 -8.67 -58.80
N VAL G 149 -11.47 -8.85 -57.55
CA VAL G 149 -12.19 -8.39 -56.35
C VAL G 149 -12.24 -6.83 -56.33
N ASP G 150 -11.19 -6.19 -56.87
CA ASP G 150 -11.04 -4.74 -56.93
C ASP G 150 -11.78 -4.12 -58.15
N SER G 151 -12.64 -4.89 -58.81
CA SER G 151 -13.44 -4.46 -59.96
C SER G 151 -14.91 -4.33 -59.55
N GLU G 152 -15.74 -3.75 -60.43
CA GLU G 152 -17.17 -3.56 -60.21
C GLU G 152 -17.92 -4.91 -60.28
N GLU G 153 -17.44 -5.81 -61.16
CA GLU G 153 -17.97 -7.15 -61.40
C GLU G 153 -17.72 -8.05 -60.18
N GLY G 154 -16.62 -7.79 -59.50
CA GLY G 154 -16.21 -8.54 -58.33
C GLY G 154 -15.67 -9.91 -58.66
N VAL G 155 -15.71 -10.80 -57.68
CA VAL G 155 -15.18 -12.15 -57.84
C VAL G 155 -16.15 -13.14 -57.16
N THR G 156 -16.23 -14.35 -57.73
CA THR G 156 -17.05 -15.42 -57.20
C THR G 156 -16.14 -16.46 -56.58
N CYS G 157 -16.50 -16.91 -55.38
CA CYS G 157 -15.78 -17.98 -54.74
C CYS G 157 -16.75 -18.96 -54.12
N ALA G 158 -16.38 -20.24 -54.15
CA ALA G 158 -17.24 -21.30 -53.65
C ALA G 158 -16.48 -22.27 -52.76
N VAL G 159 -17.18 -22.81 -51.76
CA VAL G 159 -16.66 -23.81 -50.82
C VAL G 159 -17.79 -24.79 -50.58
N LYS G 160 -17.51 -26.09 -50.72
CA LYS G 160 -18.50 -27.15 -50.46
C LYS G 160 -18.40 -27.61 -49.01
N PHE G 161 -19.54 -27.91 -48.42
CA PHE G 161 -19.66 -28.41 -47.06
C PHE G 161 -20.45 -29.66 -47.09
N GLY G 162 -20.01 -30.63 -46.34
CA GLY G 162 -20.68 -31.90 -46.24
C GLY G 162 -19.99 -32.80 -45.24
N SER G 163 -20.54 -33.98 -45.09
CA SER G 163 -19.97 -34.99 -44.22
C SER G 163 -18.65 -35.46 -44.79
N TRP G 164 -17.68 -35.67 -43.93
CA TRP G 164 -16.38 -36.16 -44.36
C TRP G 164 -16.43 -37.68 -44.63
N VAL G 165 -17.14 -38.45 -43.79
CA VAL G 165 -17.16 -39.92 -43.88
C VAL G 165 -18.53 -40.53 -44.19
N TYR G 166 -19.63 -39.76 -44.09
CA TYR G 166 -20.93 -40.37 -44.39
C TYR G 166 -21.42 -40.00 -45.78
N SER G 167 -21.99 -40.96 -46.51
CA SER G 167 -22.59 -40.75 -47.83
C SER G 167 -24.04 -40.29 -47.64
N GLY G 168 -24.75 -40.02 -48.75
CA GLY G 168 -26.16 -39.60 -48.68
C GLY G 168 -27.11 -40.69 -48.17
N PHE G 169 -26.59 -41.94 -48.08
CA PHE G 169 -27.32 -43.08 -47.55
C PHE G 169 -27.39 -43.03 -46.02
N GLU G 170 -26.41 -42.37 -45.36
CA GLU G 170 -26.34 -42.25 -43.91
C GLU G 170 -26.73 -40.85 -43.48
N ILE G 171 -26.16 -39.80 -44.11
CA ILE G 171 -26.48 -38.41 -43.81
C ILE G 171 -27.01 -37.74 -45.06
N ASP G 172 -28.28 -37.34 -45.00
CA ASP G 172 -28.91 -36.55 -46.02
C ASP G 172 -28.79 -35.07 -45.63
N LEU G 173 -28.12 -34.27 -46.44
CA LEU G 173 -28.00 -32.84 -46.15
C LEU G 173 -29.13 -32.10 -46.76
N LYS G 174 -29.61 -31.08 -46.10
CA LYS G 174 -30.64 -30.23 -46.66
C LYS G 174 -30.38 -28.77 -46.26
N THR G 175 -31.09 -27.85 -46.93
CA THR G 175 -31.09 -26.41 -46.66
C THR G 175 -32.55 -25.98 -46.53
N ASP G 176 -32.83 -24.91 -45.79
CA ASP G 176 -34.19 -24.39 -45.65
C ASP G 176 -34.45 -23.39 -46.75
N THR G 177 -33.36 -22.77 -47.20
CA THR G 177 -33.33 -21.74 -48.22
C THR G 177 -31.98 -21.82 -48.93
N ASP G 178 -31.95 -21.33 -50.18
CA ASP G 178 -30.75 -21.25 -50.99
C ASP G 178 -30.08 -19.92 -50.77
N GLN G 179 -30.70 -19.05 -49.96
CA GLN G 179 -30.18 -17.72 -49.68
C GLN G 179 -29.42 -17.73 -48.38
N VAL G 180 -28.16 -17.29 -48.43
CA VAL G 180 -27.30 -17.16 -47.26
C VAL G 180 -27.82 -15.96 -46.49
N ASP G 181 -27.92 -16.09 -45.16
CA ASP G 181 -28.38 -14.99 -44.32
C ASP G 181 -27.28 -13.89 -44.27
N LEU G 182 -27.58 -12.72 -44.84
CA LEU G 182 -26.66 -11.58 -44.91
C LEU G 182 -27.10 -10.43 -43.99
N SER G 183 -28.14 -10.65 -43.16
CA SER G 183 -28.70 -9.66 -42.25
C SER G 183 -27.74 -9.30 -41.08
N SER G 184 -26.71 -10.13 -40.82
CA SER G 184 -25.71 -9.90 -39.77
C SER G 184 -24.35 -9.53 -40.40
N TYR G 185 -24.32 -9.34 -41.71
CA TYR G 185 -23.09 -9.05 -42.43
C TYR G 185 -22.60 -7.65 -42.05
N TYR G 186 -21.30 -7.58 -41.63
CA TYR G 186 -20.62 -6.37 -41.16
C TYR G 186 -20.72 -5.25 -42.21
N ALA G 187 -21.42 -4.16 -41.83
CA ALA G 187 -21.72 -3.02 -42.68
C ALA G 187 -20.48 -2.23 -43.13
N SER G 188 -19.38 -2.25 -42.33
CA SER G 188 -18.15 -1.52 -42.68
C SER G 188 -17.04 -2.48 -43.08
N SER G 189 -17.42 -3.67 -43.62
CA SER G 189 -16.49 -4.67 -44.13
C SER G 189 -15.69 -4.12 -45.30
N LYS G 190 -14.48 -4.65 -45.52
CA LYS G 190 -13.66 -4.25 -46.66
C LYS G 190 -14.32 -4.72 -47.97
N TYR G 191 -15.17 -5.75 -47.85
CA TYR G 191 -15.84 -6.39 -48.98
C TYR G 191 -17.35 -6.27 -48.90
N GLU G 192 -17.96 -6.00 -50.06
CA GLU G 192 -19.39 -5.90 -50.30
C GLU G 192 -19.87 -7.21 -50.93
N ILE G 193 -20.99 -7.78 -50.44
CA ILE G 193 -21.54 -9.03 -50.98
C ILE G 193 -22.53 -8.69 -52.09
N LEU G 194 -22.25 -9.22 -53.29
CA LEU G 194 -23.08 -9.04 -54.46
C LEU G 194 -24.16 -10.13 -54.44
N SER G 195 -23.80 -11.36 -54.02
CA SER G 195 -24.73 -12.49 -53.85
C SER G 195 -24.09 -13.56 -53.01
N ALA G 196 -24.91 -14.30 -52.26
CA ALA G 196 -24.47 -15.39 -51.43
C ALA G 196 -25.56 -16.45 -51.40
N THR G 197 -25.28 -17.61 -52.00
CA THR G 197 -26.21 -18.73 -52.08
C THR G 197 -25.62 -19.98 -51.42
N GLN G 198 -26.48 -20.88 -50.96
CA GLN G 198 -26.11 -22.15 -50.31
C GLN G 198 -26.93 -23.24 -50.96
N THR G 199 -26.33 -23.98 -51.89
CA THR G 199 -27.10 -24.96 -52.65
C THR G 199 -26.71 -26.41 -52.38
N ARG G 200 -27.71 -27.24 -52.11
CA ARG G 200 -27.56 -28.68 -51.95
C ARG G 200 -27.23 -29.30 -53.33
N GLN G 201 -26.12 -30.05 -53.39
CA GLN G 201 -25.67 -30.73 -54.61
C GLN G 201 -25.49 -32.21 -54.36
N VAL G 202 -25.84 -33.01 -55.35
CA VAL G 202 -25.71 -34.47 -55.29
C VAL G 202 -24.67 -34.95 -56.32
N GLN G 203 -23.98 -36.07 -56.03
CA GLN G 203 -23.05 -36.72 -56.97
C GLN G 203 -23.01 -38.21 -56.77
N HIS G 204 -22.79 -38.91 -57.86
CA HIS G 204 -22.63 -40.37 -57.91
C HIS G 204 -21.33 -40.67 -58.63
N TYR G 205 -20.63 -41.70 -58.15
CA TYR G 205 -19.35 -42.11 -58.74
C TYR G 205 -19.58 -43.40 -59.47
N SER G 206 -18.71 -43.72 -60.45
CA SER G 206 -18.83 -44.93 -61.27
C SER G 206 -18.79 -46.19 -60.43
N CYS G 207 -17.84 -46.26 -59.47
CA CYS G 207 -17.60 -47.37 -58.53
C CYS G 207 -18.83 -47.78 -57.73
N CYS G 208 -19.39 -46.78 -57.10
CA CYS G 208 -20.28 -46.75 -55.98
C CYS G 208 -21.71 -46.29 -56.34
N PRO G 209 -22.75 -46.91 -55.72
CA PRO G 209 -24.15 -46.48 -56.02
C PRO G 209 -24.67 -45.33 -55.14
N GLU G 210 -24.09 -45.13 -53.94
CA GLU G 210 -24.52 -44.12 -52.96
C GLU G 210 -24.29 -42.68 -53.44
N PRO G 211 -25.30 -41.81 -53.24
CA PRO G 211 -25.12 -40.39 -53.62
C PRO G 211 -24.28 -39.66 -52.59
N TYR G 212 -23.55 -38.63 -53.02
CA TYR G 212 -22.77 -37.81 -52.09
C TYR G 212 -23.37 -36.46 -52.10
N ILE G 213 -23.67 -35.97 -50.92
CA ILE G 213 -24.30 -34.67 -50.79
C ILE G 213 -23.33 -33.65 -50.18
N ASP G 214 -23.40 -32.44 -50.71
CA ASP G 214 -22.70 -31.27 -50.20
C ASP G 214 -23.60 -30.04 -50.36
N VAL G 215 -23.32 -29.00 -49.62
CA VAL G 215 -24.00 -27.72 -49.73
C VAL G 215 -22.93 -26.81 -50.29
N ASN G 216 -23.21 -26.21 -51.41
CA ASN G 216 -22.26 -25.35 -52.06
C ASN G 216 -22.52 -23.89 -51.67
N LEU G 217 -21.57 -23.29 -50.92
CA LEU G 217 -21.61 -21.90 -50.51
C LEU G 217 -20.91 -21.08 -51.58
N VAL G 218 -21.70 -20.34 -52.37
CA VAL G 218 -21.18 -19.53 -53.48
C VAL G 218 -21.37 -18.07 -53.11
N VAL G 219 -20.24 -17.32 -52.97
CA VAL G 219 -20.24 -15.91 -52.59
C VAL G 219 -19.60 -15.06 -53.69
N LYS G 220 -20.37 -14.10 -54.21
CA LYS G 220 -19.91 -13.12 -55.18
C LYS G 220 -19.68 -11.84 -54.39
N PHE G 221 -18.45 -11.31 -54.43
CA PHE G 221 -18.10 -10.14 -53.64
C PHE G 221 -17.10 -9.25 -54.34
N ARG G 222 -16.97 -8.02 -53.88
CA ARG G 222 -16.04 -7.02 -54.40
C ARG G 222 -15.60 -6.09 -53.27
N GLU G 223 -14.55 -5.31 -53.52
CA GLU G 223 -14.08 -4.33 -52.53
C GLU G 223 -15.11 -3.20 -52.41
N ARG G 224 -15.47 -2.83 -51.15
CA ARG G 224 -16.41 -1.74 -50.81
C ARG G 224 -15.80 -0.40 -51.10
N GLN H 20 -29.75 -48.31 -34.55
CA GLN H 20 -28.85 -47.72 -33.57
C GLN H 20 -28.40 -48.78 -32.56
N ALA H 21 -29.37 -49.59 -32.06
CA ALA H 21 -29.18 -50.63 -31.05
C ALA H 21 -28.15 -51.68 -31.50
N ASN H 22 -28.23 -52.13 -32.75
CA ASN H 22 -27.30 -53.10 -33.34
C ASN H 22 -25.90 -52.53 -33.48
N LEU H 23 -25.78 -51.25 -33.87
CA LEU H 23 -24.49 -50.59 -34.01
C LEU H 23 -23.88 -50.32 -32.64
N MET H 24 -24.70 -49.93 -31.66
CA MET H 24 -24.26 -49.71 -30.27
C MET H 24 -23.67 -50.99 -29.69
N ARG H 25 -24.31 -52.11 -29.99
CA ARG H 25 -23.95 -53.47 -29.57
C ARG H 25 -22.63 -53.90 -30.24
N LEU H 26 -22.51 -53.66 -31.54
CA LEU H 26 -21.30 -53.97 -32.31
C LEU H 26 -20.09 -53.22 -31.77
N LYS H 27 -20.19 -51.90 -31.60
CA LYS H 27 -19.12 -51.02 -31.10
C LYS H 27 -18.72 -51.44 -29.68
N SER H 28 -19.69 -51.76 -28.84
CA SER H 28 -19.46 -52.25 -27.49
C SER H 28 -18.67 -53.58 -27.53
N ASP H 29 -19.06 -54.52 -28.41
CA ASP H 29 -18.37 -55.80 -28.56
C ASP H 29 -16.95 -55.63 -29.10
N LEU H 30 -16.75 -54.70 -30.05
CA LEU H 30 -15.45 -54.49 -30.64
C LEU H 30 -14.50 -53.69 -29.78
N PHE H 31 -14.99 -52.68 -29.06
CA PHE H 31 -14.14 -51.75 -28.32
C PHE H 31 -14.16 -51.87 -26.79
N ASN H 32 -15.23 -52.37 -26.18
CA ASN H 32 -15.28 -52.43 -24.72
C ASN H 32 -14.97 -53.82 -24.14
N ARG H 33 -14.87 -54.87 -24.96
CA ARG H 33 -14.63 -56.24 -24.48
C ARG H 33 -13.14 -56.60 -24.38
N SER H 34 -12.36 -56.32 -25.42
CA SER H 34 -10.93 -56.67 -25.43
C SER H 34 -10.05 -55.41 -25.40
N PRO H 35 -8.75 -55.48 -24.92
CA PRO H 35 -7.88 -54.29 -24.99
C PRO H 35 -7.65 -53.89 -26.43
N MET H 36 -7.32 -52.61 -26.68
CA MET H 36 -7.07 -52.14 -28.04
C MET H 36 -5.88 -52.88 -28.67
N TYR H 37 -5.92 -53.03 -30.00
CA TYR H 37 -4.86 -53.64 -30.80
C TYR H 37 -3.52 -52.96 -30.41
N PRO H 38 -2.49 -53.73 -29.96
CA PRO H 38 -1.26 -53.09 -29.46
C PRO H 38 -0.28 -52.66 -30.56
N GLY H 39 -0.69 -52.80 -31.81
CA GLY H 39 0.18 -52.49 -32.93
C GLY H 39 0.82 -53.77 -33.45
N PRO H 40 1.43 -53.73 -34.65
CA PRO H 40 2.02 -54.97 -35.19
C PRO H 40 3.39 -55.36 -34.60
N THR H 41 3.82 -56.59 -34.87
CA THR H 41 5.12 -57.15 -34.49
C THR H 41 5.70 -57.90 -35.67
N LYS H 42 6.95 -58.38 -35.56
CA LYS H 42 7.60 -59.14 -36.63
C LYS H 42 6.81 -60.42 -36.91
N ASP H 43 6.27 -61.06 -35.87
CA ASP H 43 5.48 -62.29 -35.97
C ASP H 43 4.07 -62.05 -36.52
N ASP H 44 3.49 -60.85 -36.29
CA ASP H 44 2.16 -60.49 -36.78
C ASP H 44 2.24 -59.16 -37.53
N PRO H 45 2.91 -59.13 -38.72
CA PRO H 45 3.03 -57.84 -39.45
C PRO H 45 1.71 -57.33 -39.97
N LEU H 46 1.68 -56.04 -40.28
CA LEU H 46 0.51 -55.38 -40.79
C LEU H 46 0.81 -54.68 -42.10
N THR H 47 -0.10 -54.80 -43.07
CA THR H 47 0.04 -54.09 -44.34
C THR H 47 -0.73 -52.80 -44.23
N VAL H 48 -0.07 -51.67 -44.51
CA VAL H 48 -0.74 -50.37 -44.53
C VAL H 48 -0.61 -49.86 -45.94
N THR H 49 -1.76 -49.58 -46.57
CA THR H 49 -1.76 -49.06 -47.92
C THR H 49 -1.95 -47.58 -47.83
N LEU H 50 -1.05 -46.86 -48.45
CA LEU H 50 -1.04 -45.40 -48.45
C LEU H 50 -1.23 -44.87 -49.88
N GLY H 51 -1.94 -43.75 -49.98
CA GLY H 51 -2.20 -43.04 -51.23
C GLY H 51 -2.49 -41.58 -50.97
N PHE H 52 -2.11 -40.71 -51.92
CA PHE H 52 -2.33 -39.28 -51.74
C PHE H 52 -3.21 -38.70 -52.82
N THR H 53 -3.99 -37.70 -52.41
CA THR H 53 -4.87 -36.87 -53.24
C THR H 53 -4.43 -35.45 -53.01
N LEU H 54 -3.66 -34.85 -53.95
CA LEU H 54 -3.18 -33.47 -53.81
C LEU H 54 -4.29 -32.51 -54.23
N GLN H 55 -4.62 -31.58 -53.31
CA GLN H 55 -5.66 -30.55 -53.43
C GLN H 55 -5.08 -29.20 -53.82
N ASP H 56 -3.96 -28.83 -53.19
CA ASP H 56 -3.34 -27.54 -53.45
C ASP H 56 -1.95 -27.40 -52.90
N ILE H 57 -1.11 -26.72 -53.66
CA ILE H 57 0.19 -26.17 -53.29
C ILE H 57 -0.21 -24.78 -52.86
N VAL H 58 -0.31 -24.58 -51.55
CA VAL H 58 -0.86 -23.32 -51.08
C VAL H 58 0.17 -22.23 -51.06
N LYS H 59 1.38 -22.58 -50.65
CA LYS H 59 2.44 -21.65 -50.43
C LYS H 59 3.78 -22.23 -50.82
N VAL H 60 4.64 -21.33 -51.27
CA VAL H 60 6.01 -21.57 -51.62
C VAL H 60 6.82 -20.46 -50.91
N ASP H 61 7.85 -20.83 -50.15
CA ASP H 61 8.68 -19.84 -49.46
C ASP H 61 10.13 -20.03 -49.91
N SER H 62 10.60 -19.14 -50.80
CA SER H 62 11.95 -19.20 -51.35
C SER H 62 13.01 -18.66 -50.38
N SER H 63 12.59 -17.99 -49.29
CA SER H 63 13.54 -17.45 -48.33
C SER H 63 13.92 -18.49 -47.27
N THR H 64 13.04 -19.48 -47.05
CA THR H 64 13.26 -20.55 -46.05
C THR H 64 13.32 -21.94 -46.67
N ASN H 65 12.94 -22.07 -47.96
CA ASN H 65 12.86 -23.31 -48.72
C ASN H 65 11.84 -24.25 -48.08
N GLU H 66 10.60 -23.77 -47.95
CA GLU H 66 9.46 -24.50 -47.43
C GLU H 66 8.33 -24.40 -48.42
N VAL H 67 7.63 -25.50 -48.63
CA VAL H 67 6.48 -25.53 -49.53
C VAL H 67 5.34 -26.12 -48.71
N ASP H 68 4.13 -25.56 -48.87
CA ASP H 68 2.93 -26.00 -48.16
C ASP H 68 1.98 -26.71 -49.12
N LEU H 69 1.63 -27.94 -48.77
CA LEU H 69 0.67 -28.74 -49.54
C LEU H 69 -0.57 -28.99 -48.72
N VAL H 70 -1.73 -29.05 -49.38
CA VAL H 70 -3.01 -29.51 -48.84
C VAL H 70 -3.31 -30.81 -49.62
N TYR H 71 -3.47 -31.91 -48.90
CA TYR H 71 -3.73 -33.20 -49.51
C TYR H 71 -4.55 -34.07 -48.58
N TYR H 72 -5.14 -35.09 -49.16
CA TYR H 72 -5.83 -36.15 -48.42
C TYR H 72 -4.90 -37.33 -48.42
N GLU H 73 -4.69 -37.92 -47.28
CA GLU H 73 -3.81 -39.06 -47.17
C GLU H 73 -4.68 -40.29 -46.87
N GLN H 74 -4.86 -41.16 -47.88
CA GLN H 74 -5.66 -42.35 -47.69
C GLN H 74 -4.82 -43.43 -47.05
N GLN H 75 -5.32 -43.97 -45.91
CA GLN H 75 -4.68 -45.06 -45.19
C GLN H 75 -5.62 -46.22 -45.04
N ARG H 76 -5.19 -47.42 -45.48
CA ARG H 76 -5.97 -48.63 -45.34
C ARG H 76 -5.16 -49.71 -44.67
N TRP H 77 -5.80 -50.44 -43.74
CA TRP H 77 -5.21 -51.59 -43.07
C TRP H 77 -6.37 -52.50 -42.64
N LYS H 78 -6.05 -53.72 -42.20
CA LYS H 78 -7.06 -54.73 -41.87
C LYS H 78 -6.67 -55.41 -40.60
N LEU H 79 -7.61 -55.52 -39.65
CA LEU H 79 -7.37 -56.19 -38.37
C LEU H 79 -8.37 -57.28 -38.15
N ASN H 80 -7.90 -58.45 -37.72
CA ASN H 80 -8.79 -59.58 -37.38
C ASN H 80 -9.68 -59.23 -36.20
N SER H 81 -9.18 -58.44 -35.25
CA SER H 81 -9.90 -58.00 -34.06
C SER H 81 -11.06 -57.04 -34.41
N LEU H 82 -11.09 -56.48 -35.64
CA LEU H 82 -12.17 -55.58 -36.07
C LEU H 82 -13.19 -56.25 -36.97
N MET H 83 -13.08 -57.59 -37.12
CA MET H 83 -14.01 -58.38 -37.93
C MET H 83 -15.26 -58.71 -37.17
N TRP H 84 -16.35 -58.85 -37.90
CA TRP H 84 -17.63 -59.28 -37.36
C TRP H 84 -18.48 -59.89 -38.47
N ASP H 85 -19.45 -60.72 -38.05
CA ASP H 85 -20.41 -61.32 -38.92
C ASP H 85 -21.60 -60.39 -39.00
N PRO H 86 -21.87 -59.77 -40.18
CA PRO H 86 -23.03 -58.84 -40.30
C PRO H 86 -24.36 -59.46 -39.83
N ASN H 87 -24.54 -60.79 -40.01
CA ASN H 87 -25.76 -61.54 -39.62
C ASN H 87 -26.06 -61.46 -38.13
N GLU H 88 -25.02 -61.32 -37.30
CA GLU H 88 -25.11 -61.22 -35.84
C GLU H 88 -25.40 -59.79 -35.38
N TYR H 89 -25.33 -58.81 -36.31
CA TYR H 89 -25.49 -57.39 -35.98
C TYR H 89 -26.38 -56.63 -36.96
N GLY H 90 -27.58 -57.15 -37.18
CA GLY H 90 -28.60 -56.51 -38.01
C GLY H 90 -28.19 -56.13 -39.41
N ASN H 91 -27.31 -56.98 -40.01
CA ASN H 91 -26.74 -56.89 -41.35
C ASN H 91 -25.88 -55.61 -41.56
N ILE H 92 -25.24 -55.11 -40.49
CA ILE H 92 -24.30 -53.96 -40.57
C ILE H 92 -23.02 -54.48 -41.24
N THR H 93 -22.62 -53.86 -42.36
CA THR H 93 -21.43 -54.26 -43.11
C THR H 93 -20.23 -53.30 -42.87
N ASP H 94 -20.53 -52.10 -42.38
CA ASP H 94 -19.52 -51.09 -42.06
C ASP H 94 -20.12 -50.03 -41.15
N PHE H 95 -19.25 -49.27 -40.49
CA PHE H 95 -19.60 -48.17 -39.63
C PHE H 95 -18.47 -47.14 -39.58
N ARG H 96 -18.81 -45.95 -39.12
CA ARG H 96 -17.92 -44.81 -38.92
C ARG H 96 -17.66 -44.64 -37.46
N THR H 97 -16.40 -44.44 -37.09
CA THR H 97 -16.05 -44.23 -35.69
C THR H 97 -14.86 -43.28 -35.61
N SER H 98 -14.79 -42.55 -34.50
CA SER H 98 -13.69 -41.65 -34.18
C SER H 98 -12.37 -42.44 -34.29
N ALA H 99 -11.38 -41.88 -35.01
CA ALA H 99 -10.04 -42.47 -35.18
C ALA H 99 -9.33 -42.72 -33.81
N ALA H 100 -9.81 -42.08 -32.73
CA ALA H 100 -9.30 -42.25 -31.37
C ALA H 100 -9.74 -43.59 -30.74
N ASP H 101 -10.85 -44.21 -31.22
CA ASP H 101 -11.39 -45.50 -30.75
C ASP H 101 -10.60 -46.71 -31.23
N ILE H 102 -9.77 -46.48 -32.26
CA ILE H 102 -9.00 -47.52 -32.92
C ILE H 102 -7.51 -47.17 -32.97
N TRP H 103 -6.69 -48.20 -33.18
CA TRP H 103 -5.27 -48.05 -33.43
C TRP H 103 -5.14 -47.44 -34.84
N THR H 104 -4.18 -46.56 -35.04
CA THR H 104 -3.90 -45.95 -36.35
C THR H 104 -2.40 -46.03 -36.58
N PRO H 105 -1.95 -46.25 -37.82
CA PRO H 105 -0.49 -46.29 -38.06
C PRO H 105 0.19 -44.92 -37.86
N ASP H 106 1.47 -44.92 -37.46
CA ASP H 106 2.26 -43.71 -37.22
C ASP H 106 2.96 -43.19 -38.52
N ILE H 107 2.22 -43.13 -39.64
CA ILE H 107 2.77 -42.66 -40.92
C ILE H 107 3.12 -41.17 -40.85
N THR H 108 4.35 -40.81 -41.17
CA THR H 108 4.74 -39.39 -41.08
C THR H 108 5.56 -38.93 -42.25
N ALA H 109 5.50 -37.60 -42.54
CA ALA H 109 6.42 -36.92 -43.42
C ALA H 109 7.79 -36.94 -42.73
N TYR H 110 8.85 -37.28 -43.45
CA TYR H 110 10.20 -37.36 -42.88
C TYR H 110 10.92 -36.02 -42.98
N SER H 111 10.36 -35.05 -43.72
CA SER H 111 11.05 -33.78 -43.91
C SER H 111 10.11 -32.58 -43.74
N SER H 112 9.15 -32.69 -42.82
CA SER H 112 8.26 -31.60 -42.46
C SER H 112 9.05 -30.55 -41.67
N THR H 113 8.59 -29.30 -41.71
CA THR H 113 9.27 -28.21 -41.01
C THR H 113 8.37 -27.64 -39.93
N ARG H 114 7.07 -28.00 -39.96
CA ARG H 114 6.05 -27.54 -39.01
C ARG H 114 5.19 -28.72 -38.63
N PRO H 115 4.55 -28.76 -37.41
CA PRO H 115 3.57 -29.84 -37.14
C PRO H 115 2.47 -29.83 -38.21
N VAL H 116 2.07 -31.01 -38.69
CA VAL H 116 1.05 -31.14 -39.71
C VAL H 116 -0.30 -30.65 -39.14
N GLN H 117 -1.07 -29.91 -39.96
CA GLN H 117 -2.36 -29.37 -39.57
C GLN H 117 -3.46 -30.22 -40.15
N VAL H 118 -4.32 -30.73 -39.28
CA VAL H 118 -5.45 -31.57 -39.64
C VAL H 118 -6.62 -30.64 -40.04
N LEU H 119 -7.15 -30.87 -41.25
CA LEU H 119 -8.22 -30.03 -41.80
C LEU H 119 -9.51 -30.77 -41.84
N SER H 120 -9.53 -32.03 -41.45
CA SER H 120 -10.75 -32.81 -41.51
C SER H 120 -11.07 -33.52 -40.17
N PRO H 121 -12.34 -33.93 -39.94
CA PRO H 121 -12.66 -34.75 -38.76
C PRO H 121 -11.83 -36.04 -38.74
N GLN H 122 -11.43 -36.50 -37.55
CA GLN H 122 -10.59 -37.71 -37.43
C GLN H 122 -11.51 -38.92 -37.23
N ILE H 123 -12.11 -39.37 -38.32
CA ILE H 123 -13.10 -40.46 -38.31
C ILE H 123 -12.70 -41.48 -39.33
N ALA H 124 -12.76 -42.77 -38.94
CA ALA H 124 -12.42 -43.88 -39.83
C ALA H 124 -13.66 -44.71 -40.19
N VAL H 125 -13.57 -45.46 -41.29
CA VAL H 125 -14.64 -46.36 -41.73
C VAL H 125 -14.13 -47.77 -41.50
N VAL H 126 -14.86 -48.55 -40.69
CA VAL H 126 -14.54 -49.94 -40.37
C VAL H 126 -15.53 -50.81 -41.10
N THR H 127 -15.03 -51.80 -41.87
CA THR H 127 -15.82 -52.77 -42.63
C THR H 127 -15.75 -54.11 -41.88
N HIS H 128 -16.81 -54.95 -42.01
CA HIS H 128 -16.98 -56.24 -41.33
C HIS H 128 -15.84 -57.23 -41.53
N ASP H 129 -15.03 -57.07 -42.58
CA ASP H 129 -13.89 -57.92 -42.87
C ASP H 129 -12.66 -57.46 -42.07
N GLY H 130 -12.83 -56.41 -41.26
CA GLY H 130 -11.79 -55.85 -40.41
C GLY H 130 -10.99 -54.75 -41.06
N SER H 131 -11.40 -54.35 -42.28
CA SER H 131 -10.76 -53.28 -43.05
C SER H 131 -11.06 -51.94 -42.44
N VAL H 132 -10.03 -51.09 -42.38
CA VAL H 132 -10.15 -49.73 -41.88
C VAL H 132 -9.68 -48.80 -42.97
N MET H 133 -10.47 -47.76 -43.24
CA MET H 133 -10.10 -46.72 -44.15
C MET H 133 -10.15 -45.39 -43.41
N PHE H 134 -9.01 -44.74 -43.35
CA PHE H 134 -8.83 -43.47 -42.67
C PHE H 134 -8.24 -42.48 -43.66
N ILE H 135 -8.96 -41.38 -43.93
CA ILE H 135 -8.51 -40.40 -44.92
C ILE H 135 -8.43 -39.00 -44.31
N PRO H 136 -7.35 -38.71 -43.53
CA PRO H 136 -7.22 -37.34 -43.00
C PRO H 136 -6.78 -36.32 -44.08
N ALA H 137 -7.45 -35.14 -44.11
CA ALA H 137 -6.99 -34.02 -44.94
C ALA H 137 -5.96 -33.24 -44.11
N GLN H 138 -4.87 -32.84 -44.76
CA GLN H 138 -3.83 -32.14 -44.00
C GLN H 138 -3.11 -31.09 -44.77
N ARG H 139 -2.52 -30.15 -44.00
CA ARG H 139 -1.63 -29.09 -44.48
C ARG H 139 -0.26 -29.40 -43.94
N LEU H 140 0.68 -29.56 -44.87
CA LEU H 140 2.06 -29.93 -44.60
C LEU H 140 3.03 -28.89 -45.13
N SER H 141 3.95 -28.43 -44.26
CA SER H 141 5.10 -27.59 -44.61
C SER H 141 6.30 -28.53 -44.65
N PHE H 142 7.01 -28.58 -45.78
CA PHE H 142 8.12 -29.50 -45.87
C PHE H 142 9.29 -28.82 -46.60
N MET H 143 10.50 -29.40 -46.45
CA MET H 143 11.74 -28.90 -47.06
C MET H 143 11.69 -29.05 -48.56
N CYS H 144 11.76 -27.91 -49.25
CA CYS H 144 11.67 -27.82 -50.69
C CYS H 144 12.23 -26.52 -51.21
N ASP H 145 13.27 -26.60 -52.06
CA ASP H 145 13.88 -25.44 -52.75
C ASP H 145 13.01 -25.13 -53.97
N PRO H 146 12.23 -24.02 -53.98
CA PRO H 146 11.36 -23.75 -55.14
C PRO H 146 12.03 -22.98 -56.29
N THR H 147 13.36 -22.92 -56.34
CA THR H 147 14.06 -22.19 -57.41
C THR H 147 13.72 -22.84 -58.76
N GLY H 148 13.19 -22.03 -59.67
CA GLY H 148 12.76 -22.47 -60.99
C GLY H 148 11.26 -22.69 -61.12
N VAL H 149 10.48 -22.37 -60.06
CA VAL H 149 9.02 -22.55 -60.06
C VAL H 149 8.37 -21.57 -61.08
N ASP H 150 8.98 -20.41 -61.28
CA ASP H 150 8.52 -19.34 -62.19
C ASP H 150 8.97 -19.60 -63.65
N SER H 151 9.49 -20.80 -63.95
CA SER H 151 9.93 -21.20 -65.29
C SER H 151 8.94 -22.21 -65.89
N GLU H 152 9.10 -22.50 -67.20
CA GLU H 152 8.25 -23.45 -67.93
C GLU H 152 8.54 -24.88 -67.47
N GLU H 153 9.81 -25.15 -67.14
CA GLU H 153 10.31 -26.45 -66.69
C GLU H 153 9.77 -26.78 -65.30
N GLY H 154 9.56 -25.74 -64.50
CA GLY H 154 9.07 -25.86 -63.14
C GLY H 154 10.12 -26.33 -62.15
N VAL H 155 9.65 -26.84 -61.00
CA VAL H 155 10.52 -27.30 -59.93
C VAL H 155 9.99 -28.63 -59.41
N THR H 156 10.90 -29.53 -59.03
CA THR H 156 10.54 -30.83 -58.46
C THR H 156 10.80 -30.78 -56.98
N CYS H 157 9.83 -31.24 -56.21
CA CYS H 157 10.04 -31.38 -54.78
C CYS H 157 9.51 -32.73 -54.30
N ALA H 158 10.16 -33.27 -53.30
CA ALA H 158 9.87 -34.59 -52.78
C ALA H 158 9.77 -34.61 -51.26
N VAL H 159 8.83 -35.40 -50.72
CA VAL H 159 8.68 -35.62 -49.27
C VAL H 159 8.41 -37.11 -49.07
N LYS H 160 9.19 -37.75 -48.18
CA LYS H 160 9.05 -39.16 -47.88
C LYS H 160 8.10 -39.37 -46.71
N PHE H 161 7.27 -40.41 -46.82
CA PHE H 161 6.32 -40.80 -45.81
C PHE H 161 6.60 -42.20 -45.45
N GLY H 162 6.43 -42.50 -44.20
CA GLY H 162 6.61 -43.83 -43.67
C GLY H 162 6.32 -43.88 -42.19
N SER H 163 6.42 -45.06 -41.60
CA SER H 163 6.27 -45.24 -40.17
C SER H 163 7.47 -44.63 -39.52
N TRP H 164 7.26 -43.98 -38.39
CA TRP H 164 8.33 -43.37 -37.66
C TRP H 164 9.10 -44.42 -36.87
N VAL H 165 8.40 -45.38 -36.22
CA VAL H 165 9.03 -46.37 -35.32
C VAL H 165 8.98 -47.82 -35.82
N TYR H 166 8.13 -48.15 -36.79
CA TYR H 166 8.04 -49.53 -37.26
C TYR H 166 8.81 -49.74 -38.58
N SER H 167 9.61 -50.82 -38.64
CA SER H 167 10.34 -51.24 -39.83
C SER H 167 9.39 -51.99 -40.77
N GLY H 168 9.88 -52.40 -41.94
CA GLY H 168 9.11 -53.19 -42.89
C GLY H 168 8.68 -54.55 -42.37
N PHE H 169 9.28 -55.00 -41.26
CA PHE H 169 8.97 -56.27 -40.59
C PHE H 169 7.70 -56.20 -39.79
N GLU H 170 7.34 -54.99 -39.33
CA GLU H 170 6.14 -54.75 -38.54
C GLU H 170 5.05 -54.10 -39.40
N ILE H 171 5.39 -53.04 -40.12
CA ILE H 171 4.47 -52.34 -41.03
C ILE H 171 5.01 -52.43 -42.44
N ASP H 172 4.30 -53.25 -43.21
CA ASP H 172 4.52 -53.44 -44.63
C ASP H 172 3.74 -52.32 -45.34
N LEU H 173 4.42 -51.19 -45.55
CA LEU H 173 3.84 -50.00 -46.20
C LEU H 173 3.74 -50.21 -47.72
N LYS H 174 2.54 -50.03 -48.30
CA LYS H 174 2.29 -50.24 -49.73
C LYS H 174 1.51 -49.11 -50.33
N THR H 175 1.45 -49.09 -51.66
CA THR H 175 0.63 -48.18 -52.46
C THR H 175 -0.21 -49.03 -53.40
N ASP H 176 -1.29 -48.47 -53.93
CA ASP H 176 -2.13 -49.16 -54.92
C ASP H 176 -1.68 -48.78 -56.30
N THR H 177 -1.19 -47.54 -56.42
CA THR H 177 -0.67 -46.91 -57.63
C THR H 177 0.46 -45.95 -57.26
N ASP H 178 1.32 -45.69 -58.23
CA ASP H 178 2.42 -44.74 -58.12
C ASP H 178 1.95 -43.33 -58.54
N GLN H 179 0.70 -43.22 -59.02
CA GLN H 179 0.14 -41.96 -59.45
C GLN H 179 -0.67 -41.31 -58.33
N VAL H 180 -0.30 -40.08 -58.02
CA VAL H 180 -1.02 -39.24 -57.05
C VAL H 180 -2.33 -38.81 -57.71
N ASP H 181 -3.44 -38.90 -56.97
CA ASP H 181 -4.74 -38.50 -57.46
C ASP H 181 -4.77 -36.96 -57.57
N LEU H 182 -4.87 -36.45 -58.82
CA LEU H 182 -4.91 -35.02 -59.14
C LEU H 182 -6.29 -34.58 -59.61
N SER H 183 -7.31 -35.47 -59.49
CA SER H 183 -8.69 -35.20 -59.95
C SER H 183 -9.41 -34.16 -59.06
N SER H 184 -8.90 -33.89 -57.85
CA SER H 184 -9.48 -32.91 -56.93
C SER H 184 -8.59 -31.67 -56.78
N TYR H 185 -7.54 -31.56 -57.61
CA TYR H 185 -6.59 -30.46 -57.53
C TYR H 185 -7.28 -29.15 -57.89
N TYR H 186 -7.11 -28.13 -57.02
CA TYR H 186 -7.69 -26.78 -57.15
C TYR H 186 -7.31 -26.18 -58.51
N ALA H 187 -8.34 -25.97 -59.35
CA ALA H 187 -8.20 -25.47 -60.73
C ALA H 187 -7.64 -24.05 -60.82
N SER H 188 -7.84 -23.21 -59.79
CA SER H 188 -7.34 -21.82 -59.83
C SER H 188 -6.15 -21.64 -58.86
N SER H 189 -5.42 -22.72 -58.63
CA SER H 189 -4.23 -22.71 -57.79
C SER H 189 -3.16 -21.79 -58.40
N LYS H 190 -2.27 -21.22 -57.58
CA LYS H 190 -1.17 -20.38 -58.06
C LYS H 190 -0.17 -21.25 -58.81
N TYR H 191 -0.22 -22.57 -58.52
CA TYR H 191 0.70 -23.58 -59.06
C TYR H 191 -0.01 -24.66 -59.83
N GLU H 192 0.58 -25.01 -60.96
CA GLU H 192 0.14 -26.04 -61.90
C GLU H 192 0.99 -27.29 -61.66
N ILE H 193 0.35 -28.47 -61.64
CA ILE H 193 1.06 -29.74 -61.44
C ILE H 193 1.47 -30.32 -62.77
N LEU H 194 2.76 -30.52 -62.96
CA LEU H 194 3.33 -31.12 -64.17
C LEU H 194 3.32 -32.64 -63.99
N SER H 195 3.58 -33.14 -62.76
CA SER H 195 3.54 -34.57 -62.42
C SER H 195 3.52 -34.74 -60.91
N ALA H 196 2.88 -35.81 -60.45
CA ALA H 196 2.82 -36.14 -59.04
C ALA H 196 2.78 -37.65 -58.90
N THR H 197 3.87 -38.20 -58.31
CA THR H 197 4.01 -39.64 -58.12
C THR H 197 4.21 -39.98 -56.65
N GLN H 198 3.79 -41.20 -56.27
CA GLN H 198 3.94 -41.74 -54.94
C GLN H 198 4.65 -43.08 -55.10
N THR H 199 6.01 -43.06 -55.02
CA THR H 199 6.82 -44.27 -55.22
C THR H 199 7.27 -44.82 -53.92
N ARG H 200 6.92 -46.07 -53.72
CA ARG H 200 7.29 -46.90 -52.60
C ARG H 200 8.76 -47.38 -52.73
N GLN H 201 9.51 -47.48 -51.62
CA GLN H 201 10.89 -47.97 -51.64
C GLN H 201 11.14 -48.87 -50.43
N VAL H 202 11.77 -50.01 -50.66
CA VAL H 202 12.18 -51.01 -49.69
C VAL H 202 13.72 -51.02 -49.67
N GLN H 203 14.32 -50.68 -48.51
CA GLN H 203 15.78 -50.61 -48.31
C GLN H 203 16.28 -51.42 -47.13
N HIS H 204 17.48 -51.97 -47.27
CA HIS H 204 18.18 -52.66 -46.19
C HIS H 204 19.50 -51.98 -45.99
N TYR H 205 19.82 -51.70 -44.76
CA TYR H 205 21.10 -51.10 -44.37
C TYR H 205 21.99 -52.21 -43.84
N SER H 206 23.32 -52.04 -43.95
CA SER H 206 24.32 -53.05 -43.53
C SER H 206 24.19 -53.43 -42.02
N CYS H 207 23.88 -52.43 -41.16
CA CYS H 207 23.70 -52.55 -39.71
C CYS H 207 22.70 -53.65 -39.29
N CYS H 208 21.53 -53.53 -39.88
CA CYS H 208 20.24 -54.07 -39.54
C CYS H 208 19.67 -55.08 -40.55
N PRO H 209 19.10 -56.20 -40.08
CA PRO H 209 18.50 -57.16 -41.02
C PRO H 209 17.14 -56.74 -41.59
N GLU H 210 16.45 -55.80 -40.91
CA GLU H 210 15.10 -55.40 -41.27
C GLU H 210 15.03 -54.35 -42.39
N PRO H 211 14.05 -54.51 -43.32
CA PRO H 211 13.87 -53.51 -44.38
C PRO H 211 13.16 -52.28 -43.85
N TYR H 212 13.46 -51.14 -44.47
CA TYR H 212 12.79 -49.88 -44.20
C TYR H 212 12.09 -49.51 -45.47
N ILE H 213 10.82 -49.19 -45.31
CA ILE H 213 9.89 -48.86 -46.38
C ILE H 213 9.40 -47.40 -46.26
N ASP H 214 9.41 -46.69 -47.37
CA ASP H 214 8.83 -45.35 -47.38
C ASP H 214 8.20 -45.10 -48.75
N VAL H 215 7.32 -44.07 -48.82
CA VAL H 215 6.66 -43.61 -50.02
C VAL H 215 7.16 -42.16 -50.27
N ASN H 216 7.85 -41.95 -51.40
CA ASN H 216 8.37 -40.66 -51.83
C ASN H 216 7.33 -39.97 -52.70
N LEU H 217 6.72 -38.92 -52.11
CA LEU H 217 5.76 -38.07 -52.77
C LEU H 217 6.59 -37.05 -53.53
N VAL H 218 6.64 -37.23 -54.83
CA VAL H 218 7.41 -36.42 -55.74
C VAL H 218 6.43 -35.60 -56.58
N VAL H 219 6.53 -34.26 -56.49
CA VAL H 219 5.64 -33.33 -57.18
C VAL H 219 6.46 -32.34 -58.02
N LYS H 220 6.21 -32.34 -59.33
CA LYS H 220 6.81 -31.40 -60.28
C LYS H 220 5.74 -30.35 -60.55
N PHE H 221 6.07 -29.09 -60.31
CA PHE H 221 5.09 -28.02 -60.43
C PHE H 221 5.73 -26.72 -60.89
N ARG H 222 4.91 -25.79 -61.35
CA ARG H 222 5.32 -24.47 -61.82
C ARG H 222 4.20 -23.47 -61.56
N GLU H 223 4.51 -22.17 -61.68
CA GLU H 223 3.50 -21.11 -61.52
C GLU H 223 2.52 -21.18 -62.70
N ARG H 224 1.20 -21.12 -62.39
CA ARG H 224 0.11 -21.11 -63.39
C ARG H 224 0.06 -19.77 -64.10
N GLN I 20 -0.50 -60.67 -31.38
CA GLN I 20 -1.15 -59.56 -30.71
C GLN I 20 -1.40 -59.91 -29.27
N ALA I 21 -1.87 -61.15 -29.01
CA ALA I 21 -2.22 -61.65 -27.67
C ALA I 21 -1.04 -61.60 -26.71
N ASN I 22 0.16 -62.01 -27.18
CA ASN I 22 1.39 -62.01 -26.39
C ASN I 22 1.84 -60.60 -26.08
N LEU I 23 1.72 -59.67 -27.06
CA LEU I 23 2.09 -58.27 -26.87
C LEU I 23 1.09 -57.58 -25.93
N MET I 24 -0.21 -57.86 -26.07
CA MET I 24 -1.25 -57.32 -25.20
C MET I 24 -0.98 -57.72 -23.75
N ARG I 25 -0.56 -58.97 -23.56
CA ARG I 25 -0.22 -59.56 -22.26
C ARG I 25 1.02 -58.88 -21.67
N LEU I 26 2.07 -58.68 -22.49
CA LEU I 26 3.32 -58.03 -22.10
C LEU I 26 3.09 -56.60 -21.63
N LYS I 27 2.38 -55.80 -22.44
CA LYS I 27 2.03 -54.41 -22.12
C LYS I 27 1.22 -54.32 -20.84
N SER I 28 0.25 -55.22 -20.67
CA SER I 28 -0.58 -55.30 -19.47
C SER I 28 0.30 -55.59 -18.24
N ASP I 29 1.24 -56.55 -18.36
CA ASP I 29 2.14 -56.89 -17.26
C ASP I 29 3.11 -55.75 -16.92
N LEU I 30 3.61 -55.05 -17.93
CA LEU I 30 4.55 -53.95 -17.73
C LEU I 30 3.88 -52.67 -17.25
N PHE I 31 2.68 -52.35 -17.75
CA PHE I 31 2.06 -51.05 -17.48
C PHE I 31 0.84 -51.05 -16.56
N ASN I 32 0.10 -52.17 -16.45
CA ASN I 32 -1.11 -52.16 -15.61
C ASN I 32 -0.92 -52.83 -14.24
N ARG I 33 0.22 -53.47 -13.97
CA ARG I 33 0.46 -54.16 -12.71
C ARG I 33 1.11 -53.26 -11.64
N SER I 34 2.17 -52.53 -11.99
CA SER I 34 2.91 -51.69 -11.05
C SER I 34 2.71 -50.20 -11.36
N PRO I 35 2.86 -49.26 -10.36
CA PRO I 35 2.75 -47.82 -10.69
C PRO I 35 3.86 -47.42 -11.64
N MET I 36 3.68 -46.33 -12.40
CA MET I 36 4.72 -45.91 -13.36
C MET I 36 6.03 -45.56 -12.62
N TYR I 37 7.17 -45.76 -13.30
CA TYR I 37 8.51 -45.41 -12.83
C TYR I 37 8.46 -43.95 -12.35
N PRO I 38 8.81 -43.67 -11.07
CA PRO I 38 8.66 -42.29 -10.55
C PRO I 38 9.79 -41.34 -10.95
N GLY I 39 10.68 -41.79 -11.82
CA GLY I 39 11.86 -41.03 -12.21
C GLY I 39 13.06 -41.41 -11.36
N PRO I 40 14.29 -40.97 -11.74
CA PRO I 40 15.47 -41.38 -10.95
C PRO I 40 15.66 -40.59 -9.64
N THR I 41 16.52 -41.13 -8.76
CA THR I 41 16.92 -40.52 -7.48
C THR I 41 18.44 -40.62 -7.35
N LYS I 42 19.03 -40.01 -6.32
CA LYS I 42 20.46 -40.07 -6.09
C LYS I 42 20.91 -41.52 -5.85
N ASP I 43 20.07 -42.32 -5.18
CA ASP I 43 20.32 -43.73 -4.89
C ASP I 43 20.12 -44.64 -6.10
N ASP I 44 19.24 -44.25 -7.03
CA ASP I 44 18.97 -45.03 -8.24
C ASP I 44 19.11 -44.11 -9.47
N PRO I 45 20.34 -43.65 -9.79
CA PRO I 45 20.50 -42.72 -10.93
C PRO I 45 20.21 -43.38 -12.27
N LEU I 46 20.00 -42.55 -13.28
CA LEU I 46 19.71 -42.98 -14.62
C LEU I 46 20.63 -42.32 -15.61
N THR I 47 21.16 -43.10 -16.55
CA THR I 47 21.95 -42.54 -17.63
C THR I 47 21.06 -42.36 -18.84
N VAL I 48 21.09 -41.16 -19.43
CA VAL I 48 20.34 -40.83 -20.63
C VAL I 48 21.38 -40.46 -21.67
N THR I 49 21.38 -41.17 -22.79
CA THR I 49 22.27 -40.87 -23.89
C THR I 49 21.48 -40.05 -24.88
N LEU I 50 22.08 -38.93 -25.31
CA LEU I 50 21.53 -37.99 -26.26
C LEU I 50 22.35 -37.94 -27.51
N GLY I 51 21.68 -37.85 -28.65
CA GLY I 51 22.29 -37.71 -29.95
C GLY I 51 21.41 -36.88 -30.84
N PHE I 52 22.01 -36.01 -31.66
CA PHE I 52 21.28 -35.14 -32.58
C PHE I 52 21.57 -35.49 -34.04
N THR I 53 20.51 -35.44 -34.86
CA THR I 53 20.52 -35.59 -36.30
C THR I 53 19.94 -34.30 -36.83
N LEU I 54 20.79 -33.40 -37.33
CA LEU I 54 20.35 -32.12 -37.88
C LEU I 54 19.86 -32.28 -39.32
N GLN I 55 18.59 -31.91 -39.56
CA GLN I 55 17.95 -32.01 -40.87
C GLN I 55 18.01 -30.73 -41.65
N ASP I 56 17.77 -29.61 -41.00
CA ASP I 56 17.76 -28.33 -41.68
C ASP I 56 17.82 -27.18 -40.71
N ILE I 57 18.48 -26.09 -41.15
CA ILE I 57 18.49 -24.76 -40.54
C ILE I 57 17.44 -24.10 -41.41
N VAL I 58 16.21 -24.04 -40.91
CA VAL I 58 15.08 -23.55 -41.69
C VAL I 58 15.00 -22.04 -41.76
N LYS I 59 15.42 -21.32 -40.73
CA LYS I 59 15.28 -19.87 -40.69
C LYS I 59 16.31 -19.25 -39.80
N VAL I 60 16.71 -18.06 -40.16
CA VAL I 60 17.62 -17.20 -39.46
C VAL I 60 16.93 -15.84 -39.38
N ASP I 61 16.83 -15.25 -38.18
CA ASP I 61 16.21 -13.91 -38.02
C ASP I 61 17.24 -12.98 -37.36
N SER I 62 17.83 -12.10 -38.18
CA SER I 62 18.86 -11.16 -37.74
C SER I 62 18.27 -9.95 -37.00
N SER I 63 16.94 -9.75 -37.05
CA SER I 63 16.30 -8.63 -36.34
C SER I 63 15.97 -9.00 -34.86
N THR I 64 15.81 -10.29 -34.58
CA THR I 64 15.48 -10.78 -33.23
C THR I 64 16.57 -11.70 -32.65
N ASN I 65 17.52 -12.15 -33.50
CA ASN I 65 18.60 -13.08 -33.14
C ASN I 65 18.03 -14.42 -32.71
N GLU I 66 17.24 -15.01 -33.61
CA GLU I 66 16.62 -16.33 -33.45
C GLU I 66 16.96 -17.15 -34.65
N VAL I 67 17.29 -18.42 -34.42
CA VAL I 67 17.56 -19.36 -35.51
C VAL I 67 16.63 -20.58 -35.29
N ASP I 68 16.02 -21.12 -36.37
CA ASP I 68 15.14 -22.28 -36.27
C ASP I 68 15.83 -23.50 -36.87
N LEU I 69 15.90 -24.58 -36.08
CA LEU I 69 16.49 -25.84 -36.53
C LEU I 69 15.44 -26.88 -36.59
N VAL I 70 15.58 -27.85 -37.51
CA VAL I 70 14.76 -29.05 -37.56
C VAL I 70 15.75 -30.19 -37.34
N TYR I 71 15.47 -31.03 -36.37
CA TYR I 71 16.39 -32.11 -36.01
C TYR I 71 15.64 -33.27 -35.37
N TYR I 72 16.31 -34.43 -35.27
CA TYR I 72 15.84 -35.59 -34.53
C TYR I 72 16.69 -35.63 -33.31
N GLU I 73 16.06 -35.83 -32.16
CA GLU I 73 16.78 -35.94 -30.92
C GLU I 73 16.66 -37.37 -30.44
N GLN I 74 17.73 -38.15 -30.56
CA GLN I 74 17.70 -39.54 -30.09
C GLN I 74 17.96 -39.58 -28.59
N GLN I 75 17.04 -40.22 -27.85
CA GLN I 75 17.13 -40.42 -26.41
C GLN I 75 17.08 -41.89 -26.08
N ARG I 76 18.08 -42.40 -25.38
CA ARG I 76 18.16 -43.78 -24.93
C ARG I 76 18.37 -43.80 -23.44
N TRP I 77 17.71 -44.72 -22.74
CA TRP I 77 17.84 -44.99 -21.30
C TRP I 77 17.37 -46.42 -21.07
N LYS I 78 17.59 -46.95 -19.87
CA LYS I 78 17.31 -48.35 -19.55
C LYS I 78 16.68 -48.45 -18.18
N LEU I 79 15.56 -49.17 -18.09
CA LEU I 79 14.87 -49.36 -16.81
C LEU I 79 14.71 -50.83 -16.51
N ASN I 80 15.01 -51.23 -15.27
CA ASN I 80 14.81 -52.61 -14.81
C ASN I 80 13.34 -52.97 -14.85
N SER I 81 12.46 -51.98 -14.56
CA SER I 81 11.00 -52.19 -14.55
C SER I 81 10.43 -52.47 -15.96
N LEU I 82 11.21 -52.21 -17.02
CA LEU I 82 10.79 -52.45 -18.40
C LEU I 82 11.41 -53.73 -18.99
N MET I 83 12.07 -54.53 -18.15
CA MET I 83 12.67 -55.80 -18.56
C MET I 83 11.65 -56.92 -18.58
N TRP I 84 11.86 -57.90 -19.47
CA TRP I 84 11.06 -59.10 -19.58
C TRP I 84 11.86 -60.19 -20.27
N ASP I 85 11.45 -61.43 -20.03
CA ASP I 85 12.02 -62.62 -20.65
C ASP I 85 11.23 -62.88 -21.94
N PRO I 86 11.85 -62.73 -23.13
CA PRO I 86 11.12 -62.98 -24.39
C PRO I 86 10.44 -64.35 -24.45
N ASN I 87 11.04 -65.39 -23.82
CA ASN I 87 10.52 -66.78 -23.77
C ASN I 87 9.12 -66.87 -23.14
N GLU I 88 8.82 -65.96 -22.21
CA GLU I 88 7.53 -65.90 -21.51
C GLU I 88 6.47 -65.12 -22.32
N TYR I 89 6.89 -64.45 -23.42
CA TYR I 89 6.00 -63.61 -24.23
C TYR I 89 6.14 -63.85 -25.73
N GLY I 90 6.03 -65.10 -26.15
CA GLY I 90 6.09 -65.51 -27.56
C GLY I 90 7.28 -65.01 -28.35
N ASN I 91 8.44 -64.93 -27.70
CA ASN I 91 9.75 -64.48 -28.21
C ASN I 91 9.76 -63.01 -28.66
N ILE I 92 8.91 -62.15 -28.04
CA ILE I 92 8.90 -60.70 -28.32
C ILE I 92 10.18 -60.13 -27.67
N THR I 93 11.03 -59.48 -28.47
CA THR I 93 12.30 -58.91 -27.99
C THR I 93 12.21 -57.39 -27.85
N ASP I 94 11.24 -56.79 -28.50
CA ASP I 94 10.98 -55.35 -28.46
C ASP I 94 9.58 -55.06 -28.96
N PHE I 95 9.06 -53.88 -28.58
CA PHE I 95 7.77 -53.39 -29.00
C PHE I 95 7.77 -51.87 -29.05
N ARG I 96 6.78 -51.32 -29.74
CA ARG I 96 6.53 -49.90 -29.87
C ARG I 96 5.36 -49.51 -29.02
N THR I 97 5.48 -48.38 -28.30
CA THR I 97 4.39 -47.92 -27.46
C THR I 97 4.42 -46.40 -27.41
N SER I 98 3.26 -45.79 -27.21
CA SER I 98 3.08 -44.35 -27.03
C SER I 98 4.01 -43.89 -25.90
N ALA I 99 4.72 -42.77 -26.10
CA ALA I 99 5.64 -42.25 -25.10
C ALA I 99 4.90 -41.84 -23.81
N ALA I 100 3.57 -41.65 -23.90
CA ALA I 100 2.72 -41.33 -22.76
C ALA I 100 2.55 -42.51 -21.78
N ASP I 101 2.78 -43.77 -22.24
CA ASP I 101 2.67 -44.99 -21.44
C ASP I 101 3.85 -45.22 -20.53
N ILE I 102 4.95 -44.52 -20.80
CA ILE I 102 6.21 -44.66 -20.10
C ILE I 102 6.72 -43.32 -19.58
N TRP I 103 7.65 -43.39 -18.64
CA TRP I 103 8.36 -42.23 -18.14
C TRP I 103 9.36 -41.82 -19.25
N THR I 104 9.53 -40.53 -19.46
CA THR I 104 10.49 -39.98 -20.43
C THR I 104 11.31 -38.91 -19.73
N PRO I 105 12.62 -38.76 -20.05
CA PRO I 105 13.40 -37.69 -19.41
C PRO I 105 12.96 -36.28 -19.86
N ASP I 106 13.06 -35.31 -18.95
CA ASP I 106 12.68 -33.91 -19.17
C ASP I 106 13.81 -33.10 -19.85
N ILE I 107 14.41 -33.65 -20.91
CA ILE I 107 15.49 -33.01 -21.67
C ILE I 107 14.90 -31.81 -22.39
N THR I 108 15.49 -30.63 -22.16
CA THR I 108 15.03 -29.36 -22.73
C THR I 108 16.16 -28.56 -23.30
N ALA I 109 15.86 -27.72 -24.30
CA ALA I 109 16.78 -26.72 -24.81
C ALA I 109 16.77 -25.60 -23.77
N TYR I 110 17.94 -25.09 -23.37
CA TYR I 110 18.03 -24.09 -22.31
C TYR I 110 17.91 -22.67 -22.82
N SER I 111 17.92 -22.47 -24.15
CA SER I 111 17.89 -21.12 -24.71
C SER I 111 16.90 -21.00 -25.88
N SER I 112 15.80 -21.72 -25.80
CA SER I 112 14.72 -21.63 -26.77
C SER I 112 13.99 -20.29 -26.60
N THR I 113 13.34 -19.82 -27.68
CA THR I 113 12.62 -18.53 -27.64
C THR I 113 11.14 -18.75 -27.92
N ARG I 114 10.79 -19.97 -28.31
CA ARG I 114 9.44 -20.41 -28.64
C ARG I 114 9.24 -21.81 -28.10
N PRO I 115 8.00 -22.26 -27.77
CA PRO I 115 7.82 -23.68 -27.42
C PRO I 115 8.25 -24.57 -28.60
N VAL I 116 8.94 -25.66 -28.29
CA VAL I 116 9.43 -26.61 -29.30
C VAL I 116 8.21 -27.29 -29.99
N GLN I 117 8.28 -27.43 -31.32
CA GLN I 117 7.21 -28.03 -32.11
C GLN I 117 7.60 -29.45 -32.46
N VAL I 118 6.77 -30.42 -32.08
CA VAL I 118 7.01 -31.84 -32.32
C VAL I 118 6.52 -32.16 -33.72
N LEU I 119 7.39 -32.78 -34.52
CA LEU I 119 7.07 -33.06 -35.92
C LEU I 119 6.88 -34.54 -36.16
N SER I 120 6.99 -35.35 -35.13
CA SER I 120 6.88 -36.80 -35.31
C SER I 120 5.95 -37.44 -34.28
N PRO I 121 5.42 -38.66 -34.58
CA PRO I 121 4.61 -39.38 -33.57
C PRO I 121 5.42 -39.58 -32.28
N GLN I 122 4.75 -39.49 -31.13
CA GLN I 122 5.35 -39.62 -29.80
C GLN I 122 5.30 -41.09 -29.39
N ILE I 123 6.17 -41.91 -30.02
CA ILE I 123 6.20 -43.36 -29.82
C ILE I 123 7.62 -43.78 -29.51
N ALA I 124 7.79 -44.65 -28.54
CA ALA I 124 9.11 -45.17 -28.15
C ALA I 124 9.24 -46.69 -28.48
N VAL I 125 10.46 -47.19 -28.57
CA VAL I 125 10.76 -48.60 -28.77
C VAL I 125 11.33 -49.11 -27.46
N VAL I 126 10.68 -50.11 -26.87
CA VAL I 126 11.11 -50.75 -25.63
C VAL I 126 11.67 -52.12 -25.98
N THR I 127 12.90 -52.44 -25.51
CA THR I 127 13.60 -53.71 -25.74
C THR I 127 13.56 -54.49 -24.45
N HIS I 128 13.57 -55.85 -24.53
CA HIS I 128 13.42 -56.79 -23.40
C HIS I 128 14.46 -56.60 -22.27
N ASP I 129 15.60 -55.96 -22.56
CA ASP I 129 16.64 -55.67 -21.58
C ASP I 129 16.29 -54.38 -20.81
N GLY I 130 15.14 -53.78 -21.10
CA GLY I 130 14.64 -52.58 -20.44
C GLY I 130 15.08 -51.30 -21.10
N SER I 131 15.75 -51.39 -22.27
CA SER I 131 16.21 -50.27 -23.06
C SER I 131 15.04 -49.58 -23.73
N VAL I 132 15.09 -48.25 -23.74
CA VAL I 132 14.08 -47.41 -24.39
C VAL I 132 14.78 -46.51 -25.38
N MET I 133 14.25 -46.43 -26.58
CA MET I 133 14.73 -45.51 -27.58
C MET I 133 13.57 -44.65 -28.03
N PHE I 134 13.72 -43.35 -27.83
CA PHE I 134 12.72 -42.36 -28.15
C PHE I 134 13.39 -41.30 -29.05
N ILE I 135 12.89 -41.14 -30.28
CA ILE I 135 13.49 -40.20 -31.22
C ILE I 135 12.48 -39.15 -31.71
N PRO I 136 12.17 -38.11 -30.90
CA PRO I 136 11.27 -37.05 -31.39
C PRO I 136 11.94 -36.09 -32.40
N ALA I 137 11.24 -35.83 -33.52
CA ALA I 137 11.67 -34.84 -34.52
C ALA I 137 11.11 -33.51 -34.02
N GLN I 138 11.94 -32.48 -34.01
CA GLN I 138 11.50 -31.22 -33.47
C GLN I 138 11.91 -30.04 -34.30
N ARG I 139 11.13 -28.97 -34.20
CA ARG I 139 11.47 -27.66 -34.73
C ARG I 139 11.70 -26.77 -33.51
N LEU I 140 12.93 -26.22 -33.42
CA LEU I 140 13.37 -25.36 -32.33
C LEU I 140 13.78 -23.97 -32.77
N SER I 141 13.21 -22.91 -32.12
CA SER I 141 13.66 -21.51 -32.23
C SER I 141 14.55 -21.25 -31.00
N PHE I 142 15.79 -20.81 -31.22
CA PHE I 142 16.68 -20.58 -30.08
C PHE I 142 17.51 -19.30 -30.33
N MET I 143 18.07 -18.74 -29.24
CA MET I 143 18.90 -17.55 -29.23
C MET I 143 20.18 -17.77 -30.00
N CYS I 144 20.35 -16.97 -31.07
CA CYS I 144 21.51 -17.07 -31.94
C CYS I 144 21.66 -15.81 -32.76
N ASP I 145 22.80 -15.11 -32.62
CA ASP I 145 23.15 -13.94 -33.42
C ASP I 145 23.73 -14.46 -34.76
N PRO I 146 23.01 -14.32 -35.89
CA PRO I 146 23.50 -14.87 -37.16
C PRO I 146 24.45 -13.95 -37.94
N THR I 147 24.96 -12.86 -37.33
CA THR I 147 25.85 -11.92 -38.00
C THR I 147 27.10 -12.69 -38.50
N GLY I 148 27.33 -12.58 -39.81
CA GLY I 148 28.43 -13.24 -40.51
C GLY I 148 28.03 -14.53 -41.22
N VAL I 149 26.71 -14.87 -41.25
CA VAL I 149 26.21 -16.08 -41.91
C VAL I 149 26.43 -15.98 -43.44
N ASP I 150 26.37 -14.74 -43.99
CA ASP I 150 26.54 -14.45 -45.39
C ASP I 150 28.03 -14.37 -45.81
N SER I 151 28.95 -14.76 -44.92
CA SER I 151 30.39 -14.78 -45.19
C SER I 151 30.89 -16.22 -45.38
N GLU I 152 32.16 -16.38 -45.84
CA GLU I 152 32.79 -17.68 -46.07
C GLU I 152 33.08 -18.38 -44.75
N GLU I 153 33.42 -17.58 -43.72
CA GLU I 153 33.75 -18.02 -42.36
C GLU I 153 32.49 -18.55 -41.65
N GLY I 154 31.35 -17.97 -42.01
CA GLY I 154 30.06 -18.33 -41.44
C GLY I 154 29.85 -17.82 -40.03
N VAL I 155 28.95 -18.47 -39.30
CA VAL I 155 28.62 -18.08 -37.94
C VAL I 155 28.46 -19.33 -37.08
N THR I 156 28.79 -19.19 -35.80
CA THR I 156 28.67 -20.28 -34.84
C THR I 156 27.54 -19.97 -33.88
N CYS I 157 26.70 -20.95 -33.66
CA CYS I 157 25.62 -20.84 -32.72
C CYS I 157 25.51 -22.11 -31.86
N ALA I 158 25.14 -21.91 -30.62
CA ALA I 158 25.10 -23.00 -29.65
C ALA I 158 23.81 -22.98 -28.84
N VAL I 159 23.37 -24.16 -28.44
CA VAL I 159 22.19 -24.38 -27.60
C VAL I 159 22.48 -25.58 -26.70
N LYS I 160 22.32 -25.40 -25.39
CA LYS I 160 22.50 -26.45 -24.38
C LYS I 160 21.20 -27.17 -24.16
N PHE I 161 21.30 -28.48 -24.00
CA PHE I 161 20.21 -29.39 -23.72
C PHE I 161 20.55 -30.12 -22.46
N GLY I 162 19.56 -30.30 -21.62
CA GLY I 162 19.75 -31.04 -20.40
C GLY I 162 18.42 -31.15 -19.70
N SER I 163 18.46 -31.82 -18.55
CA SER I 163 17.30 -31.97 -17.71
C SER I 163 16.94 -30.61 -17.14
N TRP I 164 15.66 -30.34 -17.07
CA TRP I 164 15.18 -29.10 -16.50
C TRP I 164 15.24 -29.15 -14.97
N VAL I 165 14.89 -30.29 -14.33
CA VAL I 165 14.79 -30.41 -12.88
C VAL I 165 15.76 -31.39 -12.25
N TYR I 166 16.39 -32.30 -13.02
CA TYR I 166 17.30 -33.29 -12.43
C TYR I 166 18.75 -32.90 -12.57
N SER I 167 19.53 -33.18 -11.52
CA SER I 167 20.97 -32.96 -11.48
C SER I 167 21.70 -34.21 -12.03
N GLY I 168 23.03 -34.16 -12.13
CA GLY I 168 23.86 -35.27 -12.57
C GLY I 168 23.78 -36.46 -11.62
N PHE I 169 23.33 -36.19 -10.36
CA PHE I 169 23.13 -37.18 -9.30
C PHE I 169 21.97 -38.09 -9.61
N GLU I 170 20.98 -37.60 -10.41
CA GLU I 170 19.77 -38.35 -10.78
C GLU I 170 19.80 -38.73 -12.27
N ILE I 171 20.03 -37.75 -13.16
CA ILE I 171 20.14 -38.03 -14.58
C ILE I 171 21.57 -37.71 -15.06
N ASP I 172 22.32 -38.75 -15.39
CA ASP I 172 23.63 -38.65 -16.00
C ASP I 172 23.43 -38.55 -17.52
N LEU I 173 23.73 -37.40 -18.11
CA LEU I 173 23.63 -37.22 -19.56
C LEU I 173 24.89 -37.70 -20.21
N LYS I 174 24.79 -38.39 -21.32
CA LYS I 174 25.94 -38.87 -22.10
C LYS I 174 25.65 -38.75 -23.59
N THR I 175 26.70 -38.82 -24.41
CA THR I 175 26.65 -38.84 -25.86
C THR I 175 27.38 -40.09 -26.32
N ASP I 176 27.04 -40.61 -27.49
CA ASP I 176 27.72 -41.78 -28.06
C ASP I 176 28.90 -41.29 -28.91
N THR I 177 28.80 -40.05 -29.39
CA THR I 177 29.74 -39.33 -30.25
C THR I 177 29.56 -37.83 -30.04
N ASP I 178 30.61 -37.05 -30.29
CA ASP I 178 30.61 -35.60 -30.20
C ASP I 178 30.23 -35.01 -31.54
N GLN I 179 30.08 -35.86 -32.55
CA GLN I 179 29.72 -35.46 -33.92
C GLN I 179 28.23 -35.60 -34.13
N VAL I 180 27.60 -34.49 -34.50
CA VAL I 180 26.18 -34.44 -34.85
C VAL I 180 26.02 -35.18 -36.18
N ASP I 181 24.97 -36.00 -36.29
CA ASP I 181 24.71 -36.74 -37.51
C ASP I 181 24.18 -35.76 -38.59
N LEU I 182 24.96 -35.58 -39.65
CA LEU I 182 24.64 -34.66 -40.76
C LEU I 182 24.31 -35.42 -42.05
N SER I 183 24.15 -36.77 -41.95
CA SER I 183 23.85 -37.63 -43.10
C SER I 183 22.41 -37.45 -43.63
N SER I 184 21.54 -36.81 -42.85
CA SER I 184 20.15 -36.54 -43.26
C SER I 184 19.91 -35.04 -43.45
N TYR I 185 21.00 -34.25 -43.49
CA TYR I 185 20.85 -32.80 -43.63
C TYR I 185 20.38 -32.47 -45.05
N TYR I 186 19.32 -31.63 -45.13
CA TYR I 186 18.70 -31.21 -46.38
C TYR I 186 19.75 -30.61 -47.33
N ALA I 187 19.96 -31.28 -48.48
CA ALA I 187 20.96 -30.94 -49.49
C ALA I 187 20.72 -29.60 -50.19
N SER I 188 19.46 -29.14 -50.26
CA SER I 188 19.15 -27.87 -50.93
C SER I 188 18.75 -26.80 -49.91
N SER I 189 19.25 -26.93 -48.67
CA SER I 189 19.04 -25.97 -47.58
C SER I 189 19.64 -24.62 -47.96
N LYS I 190 19.10 -23.53 -47.41
CA LYS I 190 19.64 -22.18 -47.63
C LYS I 190 21.00 -22.06 -46.95
N TYR I 191 21.24 -22.94 -45.93
CA TYR I 191 22.45 -22.93 -45.11
C TYR I 191 23.24 -24.23 -45.22
N GLU I 192 24.55 -24.08 -45.32
CA GLU I 192 25.55 -25.13 -45.37
C GLU I 192 26.17 -25.29 -43.98
N ILE I 193 26.33 -26.54 -43.50
CA ILE I 193 26.93 -26.81 -42.18
C ILE I 193 28.42 -27.00 -42.33
N LEU I 194 29.19 -26.16 -41.62
CA LEU I 194 30.65 -26.20 -41.62
C LEU I 194 31.09 -27.21 -40.57
N SER I 195 30.40 -27.22 -39.41
CA SER I 195 30.62 -28.20 -38.33
C SER I 195 29.43 -28.23 -37.41
N ALA I 196 29.19 -29.39 -36.80
CA ALA I 196 28.12 -29.59 -35.85
C ALA I 196 28.59 -30.59 -34.82
N THR I 197 28.77 -30.14 -33.58
CA THR I 197 29.20 -30.98 -32.47
C THR I 197 28.18 -30.99 -31.34
N GLN I 198 28.17 -32.07 -30.54
CA GLN I 198 27.30 -32.27 -29.37
C GLN I 198 28.22 -32.71 -28.21
N THR I 199 28.53 -31.78 -27.31
CA THR I 199 29.46 -32.05 -26.22
C THR I 199 28.83 -32.03 -24.83
N ARG I 200 29.08 -33.13 -24.07
CA ARG I 200 28.68 -33.27 -22.68
C ARG I 200 29.51 -32.32 -21.83
N GLN I 201 28.85 -31.49 -21.03
CA GLN I 201 29.49 -30.53 -20.12
C GLN I 201 28.97 -30.67 -18.70
N VAL I 202 29.87 -30.61 -17.73
CA VAL I 202 29.51 -30.69 -16.31
C VAL I 202 29.71 -29.31 -15.72
N GLN I 203 28.67 -28.79 -15.09
CA GLN I 203 28.66 -27.46 -14.46
C GLN I 203 28.26 -27.61 -13.01
N HIS I 204 28.69 -26.64 -12.20
CA HIS I 204 28.39 -26.50 -10.78
C HIS I 204 27.89 -25.10 -10.53
N TYR I 205 26.87 -24.98 -9.69
CA TYR I 205 26.25 -23.71 -9.34
C TYR I 205 26.51 -23.43 -7.86
N SER I 206 26.60 -22.14 -7.48
CA SER I 206 26.88 -21.67 -6.11
C SER I 206 25.83 -22.18 -5.09
N CYS I 207 24.54 -22.24 -5.51
CA CYS I 207 23.37 -22.68 -4.75
C CYS I 207 23.54 -24.08 -4.13
N CYS I 208 23.91 -25.00 -5.00
CA CYS I 208 23.82 -26.43 -4.94
C CYS I 208 25.16 -27.18 -4.97
N PRO I 209 25.34 -28.22 -4.11
CA PRO I 209 26.59 -29.02 -4.17
C PRO I 209 26.65 -30.04 -5.34
N GLU I 210 25.48 -30.44 -5.86
CA GLU I 210 25.32 -31.44 -6.92
C GLU I 210 25.80 -30.93 -8.31
N PRO I 211 26.40 -31.81 -9.14
CA PRO I 211 26.79 -31.37 -10.49
C PRO I 211 25.63 -31.35 -11.45
N TYR I 212 25.70 -30.47 -12.47
CA TYR I 212 24.66 -30.40 -13.48
C TYR I 212 25.26 -30.70 -14.85
N ILE I 213 24.57 -31.49 -15.62
CA ILE I 213 25.04 -31.94 -16.91
C ILE I 213 24.17 -31.38 -18.03
N ASP I 214 24.81 -30.97 -19.12
CA ASP I 214 24.16 -30.53 -20.34
C ASP I 214 24.96 -31.05 -21.53
N VAL I 215 24.34 -31.03 -22.70
CA VAL I 215 24.93 -31.41 -23.98
C VAL I 215 24.82 -30.14 -24.80
N ASN I 216 25.97 -29.56 -25.13
CA ASN I 216 26.07 -28.33 -25.88
C ASN I 216 26.13 -28.63 -27.38
N LEU I 217 25.07 -28.23 -28.10
CA LEU I 217 24.95 -28.39 -29.54
C LEU I 217 25.51 -27.14 -30.18
N VAL I 218 26.70 -27.26 -30.79
CA VAL I 218 27.42 -26.14 -31.41
C VAL I 218 27.42 -26.35 -32.93
N VAL I 219 26.78 -25.43 -33.67
CA VAL I 219 26.64 -25.52 -35.12
C VAL I 219 27.30 -24.29 -35.78
N LYS I 220 28.29 -24.55 -36.65
CA LYS I 220 28.96 -23.54 -37.46
C LYS I 220 28.36 -23.66 -38.86
N PHE I 221 27.77 -22.58 -39.35
CA PHE I 221 27.07 -22.62 -40.63
C PHE I 221 27.21 -21.31 -41.40
N ARG I 222 26.89 -21.36 -42.68
CA ARG I 222 26.93 -20.21 -43.59
C ARG I 222 25.88 -20.38 -44.69
N GLU I 223 25.60 -19.30 -45.43
CA GLU I 223 24.68 -19.35 -46.56
C GLU I 223 25.30 -20.19 -47.70
N ARG I 224 24.51 -21.13 -48.27
CA ARG I 224 24.90 -22.01 -49.39
C ARG I 224 24.95 -21.20 -50.68
N GLN J 20 13.39 -46.83 -6.40
CA GLN J 20 12.11 -46.52 -7.06
C GLN J 20 10.96 -46.86 -6.13
N ALA J 21 11.03 -47.99 -5.43
CA ALA J 21 9.98 -48.52 -4.53
C ALA J 21 9.62 -47.53 -3.42
N ASN J 22 10.64 -46.94 -2.78
CA ASN J 22 10.48 -45.94 -1.72
C ASN J 22 9.87 -44.66 -2.23
N LEU J 23 10.28 -44.23 -3.44
CA LEU J 23 9.74 -43.01 -4.05
C LEU J 23 8.30 -43.23 -4.50
N MET J 24 7.99 -44.42 -5.07
CA MET J 24 6.63 -44.80 -5.47
C MET J 24 5.69 -44.75 -4.25
N ARG J 25 6.19 -45.25 -3.11
CA ARG J 25 5.50 -45.29 -1.83
C ARG J 25 5.25 -43.86 -1.28
N LEU J 26 6.28 -43.02 -1.32
CA LEU J 26 6.21 -41.62 -0.89
C LEU J 26 5.15 -40.84 -1.68
N LYS J 27 5.24 -40.87 -3.01
CA LYS J 27 4.31 -40.21 -3.93
C LYS J 27 2.87 -40.70 -3.69
N SER J 28 2.69 -42.00 -3.51
CA SER J 28 1.39 -42.60 -3.22
C SER J 28 0.84 -42.06 -1.90
N ASP J 29 1.68 -41.99 -0.86
CA ASP J 29 1.26 -41.46 0.45
C ASP J 29 0.96 -39.97 0.40
N LEU J 30 1.71 -39.19 -0.38
CA LEU J 30 1.50 -37.77 -0.48
C LEU J 30 0.35 -37.39 -1.39
N PHE J 31 0.15 -38.10 -2.53
CA PHE J 31 -0.83 -37.71 -3.53
C PHE J 31 -2.09 -38.57 -3.64
N ASN J 32 -2.06 -39.84 -3.25
CA ASN J 32 -3.26 -40.69 -3.41
C ASN J 32 -4.04 -40.90 -2.11
N ARG J 33 -3.53 -40.46 -0.95
CA ARG J 33 -4.20 -40.64 0.34
C ARG J 33 -5.16 -39.49 0.69
N SER J 34 -4.71 -38.24 0.55
CA SER J 34 -5.55 -37.08 0.91
C SER J 34 -5.94 -36.27 -0.34
N PRO J 35 -7.09 -35.49 -0.32
CA PRO J 35 -7.40 -34.64 -1.48
C PRO J 35 -6.31 -33.56 -1.63
N MET J 36 -6.17 -33.02 -2.85
CA MET J 36 -5.15 -32.00 -3.11
C MET J 36 -5.42 -30.75 -2.27
N TYR J 37 -4.32 -30.05 -1.90
CA TYR J 37 -4.31 -28.79 -1.18
C TYR J 37 -5.30 -27.84 -1.90
N PRO J 38 -6.32 -27.30 -1.19
CA PRO J 38 -7.34 -26.50 -1.90
C PRO J 38 -6.92 -25.05 -2.15
N GLY J 39 -5.66 -24.72 -1.87
CA GLY J 39 -5.15 -23.35 -1.97
C GLY J 39 -5.24 -22.65 -0.62
N PRO J 40 -4.60 -21.48 -0.48
CA PRO J 40 -4.64 -20.78 0.81
C PRO J 40 -5.96 -20.03 1.11
N THR J 41 -6.13 -19.61 2.38
CA THR J 41 -7.27 -18.83 2.88
C THR J 41 -6.73 -17.72 3.78
N LYS J 42 -7.58 -16.81 4.25
CA LYS J 42 -7.20 -15.71 5.15
C LYS J 42 -6.65 -16.30 6.45
N ASP J 43 -7.23 -17.42 6.91
CA ASP J 43 -6.84 -18.11 8.15
C ASP J 43 -5.56 -18.93 7.98
N ASP J 44 -5.29 -19.43 6.76
CA ASP J 44 -4.09 -20.21 6.49
C ASP J 44 -3.37 -19.61 5.26
N PRO J 45 -2.79 -18.40 5.41
CA PRO J 45 -2.13 -17.77 4.24
C PRO J 45 -0.87 -18.52 3.79
N LEU J 46 -0.46 -18.26 2.57
CA LEU J 46 0.71 -18.88 1.98
C LEU J 46 1.66 -17.83 1.46
N THR J 47 2.95 -18.01 1.71
CA THR J 47 3.98 -17.13 1.19
C THR J 47 4.54 -17.75 -0.06
N VAL J 48 4.55 -16.97 -1.17
CA VAL J 48 5.14 -17.41 -2.44
C VAL J 48 6.31 -16.48 -2.72
N THR J 49 7.50 -17.06 -2.89
CA THR J 49 8.71 -16.31 -3.20
C THR J 49 8.93 -16.40 -4.70
N LEU J 50 9.12 -15.23 -5.34
CA LEU J 50 9.34 -15.04 -6.77
C LEU J 50 10.70 -14.50 -7.04
N GLY J 51 11.29 -14.99 -8.10
CA GLY J 51 12.57 -14.53 -8.61
C GLY J 51 12.58 -14.68 -10.11
N PHE J 52 13.15 -13.69 -10.81
CA PHE J 52 13.25 -13.71 -12.27
C PHE J 52 14.68 -13.80 -12.70
N THR J 53 14.91 -14.63 -13.71
CA THR J 53 16.19 -14.80 -14.41
C THR J 53 15.88 -14.41 -15.86
N LEU J 54 16.29 -13.19 -16.26
CA LEU J 54 16.07 -12.70 -17.62
C LEU J 54 17.15 -13.23 -18.57
N GLN J 55 16.69 -13.99 -19.56
CA GLN J 55 17.55 -14.61 -20.59
C GLN J 55 17.71 -13.73 -21.82
N ASP J 56 16.61 -13.13 -22.30
CA ASP J 56 16.64 -12.32 -23.53
C ASP J 56 15.41 -11.43 -23.72
N ILE J 57 15.61 -10.29 -24.40
CA ILE J 57 14.57 -9.41 -24.94
C ILE J 57 14.59 -9.85 -26.40
N VAL J 58 13.62 -10.70 -26.78
CA VAL J 58 13.63 -11.30 -28.10
C VAL J 58 13.01 -10.38 -29.17
N LYS J 59 12.06 -9.52 -28.80
CA LYS J 59 11.39 -8.67 -29.75
C LYS J 59 10.89 -7.39 -29.10
N VAL J 60 10.90 -6.34 -29.90
CA VAL J 60 10.40 -5.03 -29.56
C VAL J 60 9.52 -4.64 -30.75
N ASP J 61 8.26 -4.26 -30.52
CA ASP J 61 7.36 -3.84 -31.60
C ASP J 61 6.87 -2.42 -31.28
N SER J 62 7.43 -1.44 -31.97
CA SER J 62 7.12 -0.02 -31.80
C SER J 62 5.79 0.37 -32.46
N SER J 63 5.20 -0.48 -33.31
CA SER J 63 3.93 -0.17 -33.96
C SER J 63 2.74 -0.59 -33.08
N THR J 64 2.95 -1.57 -32.18
CA THR J 64 1.89 -2.07 -31.28
C THR J 64 2.20 -1.84 -29.81
N ASN J 65 3.46 -1.44 -29.50
CA ASN J 65 3.97 -1.22 -28.15
C ASN J 65 3.92 -2.52 -27.34
N GLU J 66 4.57 -3.55 -27.89
CA GLU J 66 4.72 -4.86 -27.28
C GLU J 66 6.17 -5.22 -27.23
N VAL J 67 6.60 -5.78 -26.11
CA VAL J 67 7.97 -6.24 -25.98
C VAL J 67 7.90 -7.71 -25.54
N ASP J 68 8.78 -8.55 -26.10
CA ASP J 68 8.84 -9.98 -25.82
C ASP J 68 10.08 -10.31 -25.00
N LEU J 69 9.88 -10.91 -23.83
CA LEU J 69 10.96 -11.35 -22.93
C LEU J 69 10.97 -12.83 -22.81
N VAL J 70 12.15 -13.40 -22.63
CA VAL J 70 12.32 -14.83 -22.33
C VAL J 70 13.01 -14.85 -20.95
N TYR J 71 12.39 -15.50 -20.00
CA TYR J 71 12.91 -15.54 -18.64
C TYR J 71 12.53 -16.84 -17.97
N TYR J 72 13.16 -17.11 -16.81
CA TYR J 72 12.81 -18.20 -15.90
C TYR J 72 12.17 -17.54 -14.74
N GLU J 73 11.05 -18.06 -14.30
CA GLU J 73 10.36 -17.50 -13.16
C GLU J 73 10.46 -18.52 -12.02
N GLN J 74 11.30 -18.25 -11.04
CA GLN J 74 11.43 -19.16 -9.91
C GLN J 74 10.32 -18.89 -8.92
N GLN J 75 9.55 -19.94 -8.57
CA GLN J 75 8.49 -19.89 -7.58
C GLN J 75 8.76 -20.86 -6.46
N ARG J 76 8.72 -20.36 -5.20
CA ARG J 76 8.90 -21.20 -4.02
C ARG J 76 7.77 -20.96 -3.03
N TRP J 77 7.27 -22.06 -2.45
CA TRP J 77 6.28 -22.06 -1.39
C TRP J 77 6.48 -23.34 -0.58
N LYS J 78 5.81 -23.44 0.56
CA LYS J 78 5.96 -24.56 1.48
C LYS J 78 4.60 -25.01 1.98
N LEU J 79 4.34 -26.32 1.94
CA LEU J 79 3.08 -26.89 2.43
C LEU J 79 3.34 -27.95 3.45
N ASN J 80 2.61 -27.91 4.58
CA ASN J 80 2.68 -28.94 5.61
C ASN J 80 2.24 -30.31 5.05
N SER J 81 1.28 -30.32 4.13
CA SER J 81 0.74 -31.53 3.51
C SER J 81 1.77 -32.23 2.58
N LEU J 82 2.87 -31.53 2.24
CA LEU J 82 3.95 -32.07 1.39
C LEU J 82 5.19 -32.50 2.21
N MET J 83 5.10 -32.45 3.55
CA MET J 83 6.18 -32.86 4.44
C MET J 83 6.23 -34.36 4.63
N TRP J 84 7.45 -34.87 4.89
CA TRP J 84 7.69 -36.28 5.20
C TRP J 84 9.01 -36.43 5.93
N ASP J 85 9.14 -37.51 6.68
CA ASP J 85 10.34 -37.91 7.38
C ASP J 85 11.17 -38.77 6.40
N PRO J 86 12.35 -38.29 5.96
CA PRO J 86 13.17 -39.10 5.04
C PRO J 86 13.49 -40.51 5.56
N ASN J 87 13.60 -40.69 6.89
CA ASN J 87 13.88 -41.99 7.54
C ASN J 87 12.82 -43.06 7.24
N GLU J 88 11.57 -42.63 7.02
CA GLU J 88 10.43 -43.50 6.70
C GLU J 88 10.39 -43.85 5.22
N TYR J 89 11.21 -43.16 4.38
CA TYR J 89 11.18 -43.35 2.94
C TYR J 89 12.57 -43.50 2.31
N GLY J 90 13.36 -44.43 2.81
CA GLY J 90 14.68 -44.76 2.31
C GLY J 90 15.65 -43.61 2.16
N ASN J 91 15.55 -42.62 3.07
CA ASN J 91 16.36 -41.40 3.17
C ASN J 91 16.18 -40.46 1.94
N ILE J 92 15.00 -40.47 1.30
CA ILE J 92 14.65 -39.53 0.21
C ILE J 92 14.40 -38.16 0.85
N THR J 93 15.15 -37.14 0.42
CA THR J 93 15.05 -35.78 0.96
C THR J 93 14.31 -34.83 0.01
N ASP J 94 14.18 -35.23 -1.24
CA ASP J 94 13.48 -34.48 -2.27
C ASP J 94 13.20 -35.37 -3.48
N PHE J 95 12.23 -34.95 -4.30
CA PHE J 95 11.85 -35.63 -5.53
C PHE J 95 11.29 -34.64 -6.54
N ARG J 96 11.27 -35.06 -7.81
CA ARG J 96 10.71 -34.32 -8.93
C ARG J 96 9.38 -34.92 -9.31
N THR J 97 8.39 -34.05 -9.57
CA THR J 97 7.07 -34.51 -9.95
C THR J 97 6.44 -33.48 -10.89
N SER J 98 5.54 -33.95 -11.74
CA SER J 98 4.74 -33.14 -12.65
C SER J 98 4.02 -32.09 -11.84
N ALA J 99 4.05 -30.82 -12.29
CA ALA J 99 3.37 -29.72 -11.62
C ALA J 99 1.84 -29.95 -11.54
N ALA J 100 1.29 -30.85 -12.37
CA ALA J 100 -0.12 -31.24 -12.38
C ALA J 100 -0.52 -32.06 -11.14
N ASP J 101 0.45 -32.72 -10.47
CA ASP J 101 0.25 -33.55 -9.27
C ASP J 101 0.10 -32.71 -8.01
N ILE J 102 0.49 -31.43 -8.10
CA ILE J 102 0.49 -30.54 -6.97
C ILE J 102 -0.25 -29.25 -7.26
N TRP J 103 -0.61 -28.53 -6.19
CA TRP J 103 -1.17 -27.21 -6.28
C TRP J 103 -0.02 -26.26 -6.66
N THR J 104 -0.28 -25.29 -7.54
CA THR J 104 0.69 -24.28 -7.95
C THR J 104 0.03 -22.91 -7.83
N PRO J 105 0.77 -21.84 -7.43
CA PRO J 105 0.15 -20.51 -7.38
C PRO J 105 -0.20 -19.95 -8.76
N ASP J 106 -1.27 -19.15 -8.82
CA ASP J 106 -1.77 -18.53 -10.06
C ASP J 106 -1.06 -17.20 -10.36
N ILE J 107 0.27 -17.19 -10.27
CA ILE J 107 1.08 -15.99 -10.57
C ILE J 107 0.97 -15.68 -12.06
N THR J 108 0.59 -14.46 -12.38
CA THR J 108 0.36 -13.98 -13.75
C THR J 108 0.96 -12.65 -13.96
N ALA J 109 1.33 -12.35 -15.21
CA ALA J 109 1.73 -11.02 -15.64
C ALA J 109 0.44 -10.21 -15.77
N TYR J 110 0.43 -8.98 -15.26
CA TYR J 110 -0.80 -8.19 -15.25
C TYR J 110 -1.02 -7.38 -16.53
N SER J 111 -0.02 -7.30 -17.41
CA SER J 111 -0.12 -6.48 -18.61
C SER J 111 0.39 -7.20 -19.85
N SER J 112 0.16 -8.49 -19.91
CA SER J 112 0.49 -9.33 -21.07
C SER J 112 -0.48 -8.99 -22.21
N THR J 113 -0.04 -9.24 -23.45
CA THR J 113 -0.86 -8.95 -24.63
C THR J 113 -1.14 -10.22 -25.39
N ARG J 114 -0.46 -11.30 -25.02
CA ARG J 114 -0.62 -12.61 -25.63
C ARG J 114 -0.57 -13.66 -24.54
N PRO J 115 -1.19 -14.86 -24.69
CA PRO J 115 -1.00 -15.90 -23.66
C PRO J 115 0.50 -16.20 -23.53
N VAL J 116 0.97 -16.40 -22.29
CA VAL J 116 2.37 -16.71 -22.04
C VAL J 116 2.69 -18.10 -22.65
N GLN J 117 3.88 -18.22 -23.26
CA GLN J 117 4.33 -19.47 -23.86
C GLN J 117 5.33 -20.12 -22.95
N VAL J 118 5.05 -21.35 -22.54
CA VAL J 118 5.87 -22.15 -21.64
C VAL J 118 6.95 -22.81 -22.49
N LEU J 119 8.21 -22.62 -22.07
CA LEU J 119 9.36 -23.15 -22.83
C LEU J 119 10.02 -24.28 -22.11
N SER J 120 9.50 -24.67 -20.94
CA SER J 120 10.13 -25.73 -20.17
C SER J 120 9.14 -26.78 -19.69
N PRO J 121 9.61 -28.01 -19.38
CA PRO J 121 8.72 -29.02 -18.80
C PRO J 121 8.05 -28.51 -17.52
N GLN J 122 6.80 -28.89 -17.28
CA GLN J 122 6.04 -28.46 -16.11
C GLN J 122 6.27 -29.46 -14.98
N ILE J 123 7.45 -29.37 -14.35
CA ILE J 123 7.89 -30.29 -13.30
C ILE J 123 8.39 -29.46 -12.12
N ALA J 124 8.06 -29.88 -10.90
CA ALA J 124 8.47 -29.19 -9.68
C ALA J 124 9.37 -30.10 -8.82
N VAL J 125 10.13 -29.51 -7.89
CA VAL J 125 10.98 -30.23 -6.95
C VAL J 125 10.34 -30.04 -5.58
N VAL J 126 10.00 -31.16 -4.93
CA VAL J 126 9.40 -31.19 -3.58
C VAL J 126 10.47 -31.69 -2.61
N THR J 127 10.72 -30.93 -1.51
CA THR J 127 11.70 -31.25 -0.47
C THR J 127 10.91 -31.71 0.77
N HIS J 128 11.51 -32.58 1.59
CA HIS J 128 10.89 -33.24 2.76
C HIS J 128 10.30 -32.27 3.80
N ASP J 129 10.74 -31.01 3.80
CA ASP J 129 10.24 -29.97 4.70
C ASP J 129 8.94 -29.35 4.13
N GLY J 130 8.48 -29.87 2.98
CA GLY J 130 7.26 -29.42 2.33
C GLY J 130 7.48 -28.30 1.34
N SER J 131 8.77 -27.93 1.10
CA SER J 131 9.15 -26.88 0.17
C SER J 131 8.97 -27.33 -1.25
N VAL J 132 8.45 -26.44 -2.09
CA VAL J 132 8.26 -26.68 -3.51
C VAL J 132 9.00 -25.61 -4.27
N MET J 133 9.75 -26.02 -5.28
CA MET J 133 10.41 -25.13 -6.19
C MET J 133 9.97 -25.46 -7.60
N PHE J 134 9.37 -24.49 -8.24
CA PHE J 134 8.85 -24.62 -9.59
C PHE J 134 9.43 -23.48 -10.43
N ILE J 135 10.15 -23.82 -11.51
CA ILE J 135 10.84 -22.82 -12.31
C ILE J 135 10.40 -22.89 -13.78
N PRO J 136 9.22 -22.34 -14.14
CA PRO J 136 8.82 -22.35 -15.55
C PRO J 136 9.58 -21.28 -16.38
N ALA J 137 10.10 -21.70 -17.55
CA ALA J 137 10.75 -20.80 -18.50
C ALA J 137 9.62 -20.30 -19.38
N GLN J 138 9.58 -18.99 -19.62
CA GLN J 138 8.44 -18.45 -20.35
C GLN J 138 8.84 -17.40 -21.36
N ARG J 139 8.02 -17.28 -22.42
CA ARG J 139 8.07 -16.20 -23.38
C ARG J 139 6.84 -15.36 -23.14
N LEU J 140 7.06 -14.08 -22.81
CA LEU J 140 6.00 -13.13 -22.50
C LEU J 140 6.01 -11.91 -23.42
N SER J 141 4.83 -11.59 -23.99
CA SER J 141 4.53 -10.35 -24.72
C SER J 141 3.77 -9.44 -23.76
N PHE J 142 4.30 -8.25 -23.51
CA PHE J 142 3.62 -7.36 -22.58
C PHE J 142 3.64 -5.93 -23.12
N MET J 143 2.78 -5.07 -22.56
CA MET J 143 2.65 -3.65 -22.91
C MET J 143 3.88 -2.87 -22.54
N CYS J 144 4.52 -2.31 -23.55
CA CYS J 144 5.76 -1.58 -23.42
C CYS J 144 5.97 -0.66 -24.62
N ASP J 145 6.07 0.65 -24.39
CA ASP J 145 6.41 1.65 -25.40
C ASP J 145 7.93 1.68 -25.51
N PRO J 146 8.51 1.16 -26.63
CA PRO J 146 9.98 1.11 -26.71
C PRO J 146 10.64 2.37 -27.28
N THR J 147 9.93 3.51 -27.35
CA THR J 147 10.48 4.75 -27.87
C THR J 147 11.70 5.14 -27.03
N GLY J 148 12.83 5.31 -27.71
CA GLY J 148 14.11 5.64 -27.10
C GLY J 148 15.02 4.45 -26.87
N VAL J 149 14.64 3.24 -27.36
CA VAL J 149 15.45 2.02 -27.21
C VAL J 149 16.75 2.16 -28.02
N ASP J 150 16.70 2.88 -29.15
CA ASP J 150 17.82 3.12 -30.06
C ASP J 150 18.74 4.28 -29.58
N SER J 151 18.54 4.77 -28.34
CA SER J 151 19.34 5.84 -27.74
C SER J 151 20.28 5.27 -26.66
N GLU J 152 21.20 6.11 -26.16
CA GLU J 152 22.16 5.75 -25.13
C GLU J 152 21.47 5.59 -23.76
N GLU J 153 20.43 6.41 -23.53
CA GLU J 153 19.63 6.42 -22.31
C GLU J 153 18.75 5.17 -22.22
N GLY J 154 18.36 4.65 -23.37
CA GLY J 154 17.53 3.48 -23.49
C GLY J 154 16.09 3.73 -23.13
N VAL J 155 15.37 2.66 -22.79
CA VAL J 155 13.97 2.74 -22.44
C VAL J 155 13.70 1.85 -21.23
N THR J 156 12.73 2.26 -20.40
CA THR J 156 12.32 1.51 -19.23
C THR J 156 10.96 0.92 -19.49
N CYS J 157 10.82 -0.34 -19.17
CA CYS J 157 9.54 -1.00 -19.26
C CYS J 157 9.31 -1.85 -18.02
N ALA J 158 8.06 -1.92 -17.62
CA ALA J 158 7.68 -2.60 -16.40
C ALA J 158 6.45 -3.46 -16.60
N VAL J 159 6.42 -4.60 -15.89
CA VAL J 159 5.34 -5.55 -15.90
C VAL J 159 5.22 -6.10 -14.48
N LYS J 160 3.99 -6.04 -13.93
CA LYS J 160 3.66 -6.54 -12.60
C LYS J 160 3.22 -7.99 -12.68
N PHE J 161 3.63 -8.76 -11.69
CA PHE J 161 3.31 -10.18 -11.53
C PHE J 161 2.71 -10.37 -10.18
N GLY J 162 1.67 -11.14 -10.13
CA GLY J 162 1.03 -11.47 -8.87
C GLY J 162 -0.06 -12.49 -9.09
N SER J 163 -0.73 -12.83 -7.99
CA SER J 163 -1.85 -13.75 -8.04
C SER J 163 -2.98 -13.06 -8.77
N TRP J 164 -3.67 -13.81 -9.60
CA TRP J 164 -4.82 -13.30 -10.31
C TRP J 164 -6.05 -13.22 -9.39
N VAL J 165 -6.27 -14.24 -8.54
CA VAL J 165 -7.51 -14.33 -7.71
C VAL J 165 -7.27 -14.23 -6.21
N TYR J 166 -6.01 -14.34 -5.73
CA TYR J 166 -5.78 -14.27 -4.28
C TYR J 166 -5.23 -12.91 -3.90
N SER J 167 -5.79 -12.33 -2.83
CA SER J 167 -5.29 -11.07 -2.29
C SER J 167 -4.08 -11.33 -1.36
N GLY J 168 -3.50 -10.26 -0.78
CA GLY J 168 -2.40 -10.38 0.15
C GLY J 168 -2.77 -11.10 1.44
N PHE J 169 -4.08 -11.29 1.68
CA PHE J 169 -4.60 -12.01 2.86
C PHE J 169 -4.44 -13.54 2.69
N GLU J 170 -4.42 -14.03 1.43
CA GLU J 170 -4.30 -15.45 1.11
C GLU J 170 -2.90 -15.78 0.60
N ILE J 171 -2.37 -14.98 -0.34
CA ILE J 171 -1.02 -15.18 -0.88
C ILE J 171 -0.19 -13.97 -0.61
N ASP J 172 0.87 -14.17 0.17
CA ASP J 172 1.89 -13.18 0.44
C ASP J 172 3.01 -13.38 -0.55
N LEU J 173 3.20 -12.43 -1.46
CA LEU J 173 4.29 -12.50 -2.44
C LEU J 173 5.55 -11.92 -1.85
N LYS J 174 6.69 -12.55 -2.10
CA LYS J 174 7.98 -12.07 -1.63
C LYS J 174 9.04 -12.29 -2.70
N THR J 175 10.20 -11.63 -2.53
CA THR J 175 11.40 -11.73 -3.34
C THR J 175 12.56 -11.98 -2.38
N ASP J 176 13.62 -12.64 -2.85
CA ASP J 176 14.81 -12.87 -2.02
C ASP J 176 15.77 -11.71 -2.19
N THR J 177 15.65 -11.03 -3.33
CA THR J 177 16.46 -9.89 -3.78
C THR J 177 15.62 -9.06 -4.74
N ASP J 178 15.92 -7.78 -4.83
CA ASP J 178 15.27 -6.82 -5.71
C ASP J 178 16.01 -6.78 -7.05
N GLN J 179 17.11 -7.52 -7.15
CA GLN J 179 17.92 -7.59 -8.35
C GLN J 179 17.53 -8.82 -9.16
N VAL J 180 17.16 -8.60 -10.42
CA VAL J 180 16.84 -9.67 -11.37
C VAL J 180 18.15 -10.38 -11.72
N ASP J 181 18.11 -11.72 -11.80
CA ASP J 181 19.30 -12.49 -12.17
C ASP J 181 19.59 -12.29 -13.67
N LEU J 182 20.72 -11.64 -13.97
CA LEU J 182 21.15 -11.33 -15.34
C LEU J 182 22.38 -12.15 -15.74
N SER J 183 22.75 -13.14 -14.91
CA SER J 183 23.94 -13.98 -15.12
C SER J 183 23.78 -14.96 -16.30
N SER J 184 22.53 -15.22 -16.74
CA SER J 184 22.18 -16.09 -17.88
C SER J 184 21.67 -15.26 -19.07
N TYR J 185 21.84 -13.93 -19.03
CA TYR J 185 21.36 -13.07 -20.10
C TYR J 185 22.22 -13.29 -21.35
N TYR J 186 21.57 -13.54 -22.49
CA TYR J 186 22.19 -13.78 -23.78
C TYR J 186 23.16 -12.62 -24.14
N ALA J 187 24.44 -12.95 -24.22
CA ALA J 187 25.53 -12.03 -24.48
C ALA J 187 25.50 -11.38 -25.87
N SER J 188 24.88 -12.04 -26.87
CA SER J 188 24.79 -11.51 -28.24
C SER J 188 23.35 -11.07 -28.55
N SER J 189 22.59 -10.71 -27.51
CA SER J 189 21.23 -10.19 -27.64
C SER J 189 21.21 -8.87 -28.42
N LYS J 190 20.07 -8.56 -29.08
CA LYS J 190 19.89 -7.30 -29.81
C LYS J 190 19.85 -6.13 -28.83
N TYR J 191 19.49 -6.43 -27.57
CA TYR J 191 19.31 -5.48 -26.50
C TYR J 191 20.23 -5.73 -25.34
N GLU J 192 20.77 -4.65 -24.81
CA GLU J 192 21.66 -4.56 -23.66
C GLU J 192 20.84 -4.14 -22.44
N ILE J 193 21.02 -4.81 -21.29
CA ILE J 193 20.29 -4.48 -20.05
C ILE J 193 21.09 -3.45 -19.26
N LEU J 194 20.46 -2.31 -19.01
CA LEU J 194 21.05 -1.22 -18.22
C LEU J 194 20.75 -1.50 -16.75
N SER J 195 19.55 -1.99 -16.45
CA SER J 195 19.14 -2.40 -15.10
C SER J 195 17.90 -3.28 -15.16
N ALA J 196 17.77 -4.19 -14.20
CA ALA J 196 16.62 -5.06 -14.08
C ALA J 196 16.35 -5.32 -12.61
N THR J 197 15.20 -4.82 -12.13
CA THR J 197 14.81 -4.96 -10.73
C THR J 197 13.44 -5.67 -10.61
N GLN J 198 13.22 -6.37 -9.49
CA GLN J 198 12.00 -7.08 -9.16
C GLN J 198 11.58 -6.62 -7.77
N THR J 199 10.62 -5.71 -7.69
CA THR J 199 10.20 -5.08 -6.43
C THR J 199 8.81 -5.48 -5.99
N ARG J 200 8.72 -5.97 -4.75
CA ARG J 200 7.48 -6.31 -4.08
C ARG J 200 6.76 -5.02 -3.73
N GLN J 201 5.49 -4.92 -4.12
CA GLN J 201 4.64 -3.74 -3.85
C GLN J 201 3.34 -4.19 -3.19
N VAL J 202 2.94 -3.52 -2.13
CA VAL J 202 1.68 -3.77 -1.42
C VAL J 202 0.80 -2.58 -1.74
N GLN J 203 -0.32 -2.85 -2.40
CA GLN J 203 -1.25 -1.83 -2.85
C GLN J 203 -2.63 -2.04 -2.23
N HIS J 204 -3.33 -0.95 -2.05
CA HIS J 204 -4.70 -0.91 -1.59
C HIS J 204 -5.49 -0.15 -2.60
N TYR J 205 -6.68 -0.64 -2.89
CA TYR J 205 -7.62 -0.01 -3.81
C TYR J 205 -8.84 0.41 -3.01
N SER J 206 -9.52 1.47 -3.47
CA SER J 206 -10.71 2.07 -2.83
C SER J 206 -11.86 1.06 -2.64
N CYS J 207 -12.06 0.16 -3.64
CA CYS J 207 -13.07 -0.89 -3.71
C CYS J 207 -13.09 -1.80 -2.49
N CYS J 208 -11.89 -2.31 -2.18
CA CYS J 208 -11.56 -3.44 -1.39
C CYS J 208 -10.73 -3.15 -0.12
N PRO J 209 -11.13 -3.75 1.04
CA PRO J 209 -10.32 -3.59 2.28
C PRO J 209 -9.03 -4.46 2.36
N GLU J 210 -8.92 -5.50 1.51
CA GLU J 210 -7.77 -6.42 1.50
C GLU J 210 -6.58 -5.84 0.70
N PRO J 211 -5.32 -6.09 1.13
CA PRO J 211 -4.18 -5.59 0.36
C PRO J 211 -3.87 -6.46 -0.85
N TYR J 212 -3.24 -5.88 -1.86
CA TYR J 212 -2.84 -6.59 -3.08
C TYR J 212 -1.34 -6.47 -3.22
N ILE J 213 -0.72 -7.62 -3.47
CA ILE J 213 0.71 -7.75 -3.61
C ILE J 213 1.06 -8.13 -5.04
N ASP J 214 2.07 -7.47 -5.55
CA ASP J 214 2.63 -7.75 -6.86
C ASP J 214 4.15 -7.56 -6.77
N VAL J 215 4.85 -8.12 -7.75
CA VAL J 215 6.27 -8.00 -7.94
C VAL J 215 6.41 -7.28 -9.28
N ASN J 216 6.92 -6.06 -9.23
CA ASN J 216 7.08 -5.20 -10.40
C ASN J 216 8.44 -5.44 -11.02
N LEU J 217 8.45 -6.05 -12.21
CA LEU J 217 9.65 -6.32 -12.98
C LEU J 217 9.93 -5.09 -13.86
N VAL J 218 10.95 -4.31 -13.50
CA VAL J 218 11.32 -3.08 -14.20
C VAL J 218 12.64 -3.34 -14.92
N VAL J 219 12.63 -3.25 -16.26
CA VAL J 219 13.81 -3.48 -17.09
C VAL J 219 14.13 -2.22 -17.91
N LYS J 220 15.35 -1.70 -17.71
CA LYS J 220 15.88 -0.58 -18.47
C LYS J 220 16.83 -1.19 -19.49
N PHE J 221 16.57 -0.94 -20.77
CA PHE J 221 17.36 -1.56 -21.82
C PHE J 221 17.53 -0.64 -23.02
N ARG J 222 18.49 -0.95 -23.88
CA ARG J 222 18.76 -0.23 -25.11
C ARG J 222 19.31 -1.19 -26.17
N GLU J 223 19.36 -0.74 -27.43
CA GLU J 223 19.92 -1.56 -28.51
C GLU J 223 21.44 -1.69 -28.31
N ARG J 224 21.98 -2.93 -28.43
CA ARG J 224 23.42 -3.24 -28.30
C ARG J 224 24.18 -2.75 -29.52
CAW VU3 K . -21.59 26.43 13.84
CAO VU3 K . -22.53 25.31 13.49
NAQ VU3 K . -23.21 24.53 14.37
CAX VU3 K . -23.94 23.61 13.71
CAN VU3 K . -24.82 22.60 14.10
CAJ VU3 K . -25.41 21.81 13.12
CAF VU3 K . -25.17 22.06 11.76
CAI VU3 K . -24.33 23.08 11.37
CAM VU3 K . -23.71 23.85 12.37
CAP VU3 K . -22.27 27.39 14.83
CAV VU3 K . -18.92 24.17 17.57
CAD VU3 K . -18.28 22.94 17.71
CAC VU3 K . -17.57 22.46 16.61
CAR VU3 K . -17.51 23.17 15.41
CAE VU3 K . -18.14 24.40 15.30
CAU VU3 K . -18.81 24.91 16.40
CAS VU3 K . -19.53 26.18 16.25
CAT VU3 K . -18.88 27.28 15.42
CAK VU3 K . -20.11 26.77 17.50
CAG VU3 K . -21.34 27.56 17.08
CAL VU3 K . -19.94 28.33 15.09
C17 VU3 K . -22.80 24.93 12.18
N1 VU3 K . -21.28 28.08 15.69
CAW VU3 L . 4.98 4.72 8.56
CAO VU3 L . 5.82 4.10 9.64
NAQ VU3 L . 5.39 3.78 10.89
CAX VU3 L . 6.36 3.17 11.60
CAN VU3 L . 6.46 2.67 12.89
CAJ VU3 L . 7.64 2.04 13.30
CAF VU3 L . 8.74 1.97 12.44
CAI VU3 L . 8.64 2.50 11.14
CAM VU3 L . 7.44 3.08 10.73
CAP VU3 L . 5.07 6.24 8.53
CAV VU3 L . 4.24 6.54 13.35
CAD VU3 L . 4.97 6.52 14.54
CAC VU3 L . 6.21 7.12 14.58
CAR VU3 L . 6.78 7.71 13.45
CAE VU3 L . 6.05 7.72 12.28
CAU VU3 L . 4.77 7.19 12.24
CAS VU3 L . 4.07 7.22 10.95
CAT VU3 L . 3.92 8.58 10.28
CAK VU3 L . 2.83 6.37 10.78
CAG VU3 L . 2.68 6.16 9.27
CAL VU3 L . 3.85 8.33 8.77
C17 VU3 L . 7.13 3.67 9.47
N1 VU3 L . 3.73 6.87 8.47
CAW VU3 M . 30.80 14.86 28.52
CAO VU3 M . 31.38 14.48 29.85
NAQ VU3 M . 30.66 14.00 30.89
CAX VU3 M . 31.44 13.73 31.95
CAN VU3 M . 31.21 13.25 33.24
CAJ VU3 M . 32.27 13.07 34.11
CAF VU3 M . 33.56 13.40 33.70
CAI VU3 M . 33.81 13.87 32.40
CAM VU3 M . 32.72 14.04 31.54
CAP VU3 M . 30.40 13.58 27.78
CAV VU3 M . 26.31 16.17 30.41
CAD VU3 M . 26.08 17.04 31.46
CAC VU3 M . 27.01 18.05 31.73
CAR VU3 M . 28.16 18.19 30.96
CAE VU3 M . 28.38 17.32 29.90
CAU VU3 M . 27.44 16.35 29.61
CAS VU3 M . 27.74 15.42 28.52
CAT VU3 M . 27.91 15.95 27.12
CAK VU3 M . 27.02 14.10 28.51
CAG VU3 M . 28.00 13.08 27.92
CAL VU3 M . 28.82 14.95 26.38
C17 VU3 M . 32.74 14.53 30.19
N1 VU3 M . 29.09 13.68 27.10
CAW VU3 N . 20.02 41.39 46.75
CAO VU3 N . 19.40 42.03 47.97
NAQ VU3 N . 19.22 41.45 49.19
CAX VU3 N . 18.69 42.34 50.05
CAN VU3 N . 18.31 42.28 51.39
CAJ VU3 N . 17.75 43.42 51.98
CAF VU3 N . 17.62 44.62 51.28
CAI VU3 N . 18.04 44.67 49.95
CAM VU3 N . 18.55 43.52 49.34
CAP VU3 N . 20.36 39.92 46.91
CAV VU3 N . 15.86 39.82 45.39
CAD VU3 N . 14.67 40.47 45.66
CAC VU3 N . 14.61 41.86 45.67
CAR VU3 N . 15.76 42.62 45.42
CAE VU3 N . 16.94 41.97 45.14
CAU VU3 N . 16.98 40.58 45.08
CAS VU3 N . 18.28 39.92 44.86
CAT VU3 N . 19.25 40.44 43.82
CAK VU3 N . 18.31 38.41 44.94
CAG VU3 N . 19.71 38.05 45.44
CAL VU3 N . 20.63 40.13 44.40
C17 VU3 N . 18.98 43.36 48.00
N1 VU3 N . 20.58 39.24 45.61
CAW VU3 O . -12.67 49.20 39.38
CAO VU3 O . -14.00 48.57 39.00
NAQ VU3 O . -14.26 47.24 39.02
CAX VU3 O . -15.52 46.98 38.61
CAN VU3 O . -16.27 45.82 38.46
CAJ VU3 O . -17.59 45.91 38.00
CAF VU3 O . -18.13 47.17 37.68
CAI VU3 O . -17.36 48.33 37.84
CAM VU3 O . -16.05 48.23 38.31
CAP VU3 O . -11.64 48.67 38.41
CAV VU3 O . -11.60 44.31 36.60
CAD VU3 O . -12.53 43.71 35.76
CAC VU3 O . -13.25 44.47 34.83
CAR VU3 O . -13.04 45.84 34.72
CAE VU3 O . -12.12 46.45 35.55
CAU VU3 O . -11.36 45.68 36.43
CAS VU3 O . -10.48 46.41 37.34
CAT VU3 O . -9.37 47.33 36.88
CAK VU3 O . -10.08 45.73 38.62
CAG VU3 O . -10.44 46.83 39.63
CAL VU3 O . -9.28 48.36 38.03
C17 VU3 O . -15.10 49.27 38.52
N1 VU3 O . -10.38 48.20 39.04
CAW VU3 P . -30.46 -13.31 -32.50
CAO VU3 P . -31.44 -14.44 -32.71
NAQ VU3 P . -31.17 -15.76 -32.53
CAX VU3 P . -32.25 -16.52 -32.79
CAN VU3 P . -32.52 -17.89 -32.77
CAJ VU3 P . -33.81 -18.34 -33.10
CAF VU3 P . -34.80 -17.42 -33.45
CAI VU3 P . -34.52 -16.05 -33.48
CAM VU3 P . -33.24 -15.61 -33.14
CAP VU3 P . -29.97 -13.33 -31.07
CAV VU3 P . -27.34 -17.56 -31.27
CAD VU3 P . -26.93 -18.85 -31.56
CAC VU3 P . -26.18 -19.04 -32.72
CAR VU3 P . -25.86 -18.00 -33.57
CAE VU3 P . -26.27 -16.70 -33.27
CAU VU3 P . -26.98 -16.49 -32.10
CAS VU3 P . -27.47 -15.14 -31.74
CAT VU3 P . -27.08 -13.99 -32.65
CAK VU3 P . -27.03 -14.78 -30.34
CAG VU3 P . -27.86 -13.60 -29.83
CAL VU3 P . -27.78 -12.72 -32.18
C17 VU3 P . -32.76 -14.27 -33.10
N1 VU3 P . -28.56 -12.87 -30.91
CAW VU3 Q . -16.34 -38.70 -51.52
CAO VU3 Q . -15.88 -39.92 -52.28
NAQ VU3 Q . -15.73 -41.16 -51.72
CAX VU3 Q . -15.32 -42.06 -52.63
CAN VU3 Q . -15.03 -43.43 -52.58
CAJ VU3 Q . -14.59 -44.08 -53.74
CAF VU3 Q . -14.46 -43.36 -54.93
CAI VU3 Q . -14.75 -42.00 -54.96
CAM VU3 Q . -15.18 -41.35 -53.80
CAP VU3 Q . -16.34 -37.41 -52.36
CAV VU3 Q . -13.89 -37.75 -48.09
CAD VU3 Q . -12.90 -38.57 -47.57
CAC VU3 Q . -11.77 -38.82 -48.34
CAR VU3 Q . -11.63 -38.28 -49.61
CAE VU3 Q . -12.63 -37.46 -50.12
CAU VU3 Q . -13.73 -37.15 -49.34
CAS VU3 Q . -14.82 -36.37 -49.93
CAT VU3 Q . -14.65 -35.03 -50.63
CAK VU3 Q . -16.12 -36.40 -49.17
CAG VU3 Q . -17.22 -36.43 -50.24
CAL VU3 Q . -15.71 -35.06 -51.74
C17 VU3 Q . -15.53 -39.98 -53.63
N1 VU3 Q . -16.70 -36.18 -51.61
CAW VU3 R . 14.97 -44.94 -40.12
CAO VU3 R . 16.22 -45.71 -39.85
NAQ VU3 R . 16.46 -46.32 -38.67
CAX VU3 R . 17.66 -46.93 -38.71
CAN VU3 R . 18.36 -47.72 -37.80
CAJ VU3 R . 19.63 -48.17 -38.15
CAF VU3 R . 20.15 -47.88 -39.41
CAI VU3 R . 19.44 -47.12 -40.32
CAM VU3 R . 18.18 -46.64 -39.96
CAP VU3 R . 14.48 -45.12 -41.55
CAV VU3 R . 12.76 -42.94 -37.22
CAD VU3 R . 12.85 -42.65 -35.86
CAC VU3 R . 13.85 -41.77 -35.49
CAR VU3 R . 14.75 -41.20 -36.40
CAE VU3 R . 14.63 -41.51 -37.75
CAU VU3 R . 13.61 -42.35 -38.15
CAS VU3 R . 13.46 -42.75 -39.55
CAT VU3 R . 13.98 -41.86 -40.66
CAK VU3 R . 12.10 -43.32 -39.87
CAG VU3 R . 12.25 -44.26 -41.06
CAL VU3 R . 14.05 -42.69 -41.96
C17 VU3 R . 17.29 -45.85 -40.73
N1 VU3 R . 13.49 -44.07 -41.84
CAW VU3 S . 21.29 -25.17 -12.41
CAO VU3 S . 20.29 -24.74 -11.39
NAQ VU3 S . 20.06 -25.39 -10.22
CAX VU3 S . 19.15 -24.74 -9.49
CAN VU3 S . 18.55 -24.99 -8.26
CAJ VU3 S . 17.64 -24.06 -7.76
CAF VU3 S . 17.28 -22.94 -8.52
CAI VU3 S . 17.84 -22.74 -9.78
CAM VU3 S . 18.80 -23.63 -10.24
CAP VU3 S . 20.71 -26.12 -13.43
CAV VU3 S . 16.86 -25.69 -13.60
CAD VU3 S . 15.57 -25.56 -13.14
CAC VU3 S . 14.86 -24.42 -13.50
CAR VU3 S . 15.44 -23.41 -14.25
CAE VU3 S . 16.74 -23.54 -14.73
CAU VU3 S . 17.42 -24.71 -14.41
CAS VU3 S . 18.78 -24.94 -14.85
CAT VU3 S . 19.66 -23.76 -15.18
CAK VU3 S . 18.93 -26.08 -15.82
CAG VU3 S . 20.38 -26.54 -15.76
CAL VU3 S . 21.10 -24.28 -15.08
C17 VU3 S . 19.52 -23.59 -11.46
N1 VU3 S . 21.16 -25.75 -14.79
CAW VU3 T . -6.58 -5.17 -8.09
CAO VU3 T . -8.00 -5.65 -8.03
NAQ VU3 T . -8.38 -6.96 -7.94
CAX VU3 T . -9.71 -7.08 -7.94
CAN VU3 T . -10.59 -8.17 -7.87
CAJ VU3 T . -11.97 -7.93 -7.90
CAF VU3 T . -12.46 -6.62 -8.04
CAI VU3 T . -11.57 -5.55 -8.08
CAM VU3 T . -10.20 -5.79 -8.05
CAP VU3 T . -5.66 -6.22 -7.50
CAV VU3 T . -7.86 -9.01 -11.60
CAD VU3 T . -9.04 -9.08 -12.33
CAC VU3 T . -9.84 -7.95 -12.52
CAR VU3 T . -9.49 -6.72 -11.98
CAE VU3 T . -8.30 -6.64 -11.25
CAU VU3 T . -7.50 -7.78 -11.08
CAS VU3 T . -6.27 -7.61 -10.28
CAT VU3 T . -5.25 -6.68 -10.87
CAK VU3 T . -5.62 -8.85 -9.68
CAG VU3 T . -4.80 -8.33 -8.49
CAL VU3 T . -4.42 -6.13 -9.71
C17 VU3 T . -9.13 -4.84 -8.09
N1 VU3 T . -4.69 -6.84 -8.43
#